data_7LRI
#
_entry.id   7LRI
#
_cell.length_a   89.423
_cell.length_b   131.073
_cell.length_c   129.847
_cell.angle_alpha   90.000
_cell.angle_beta   101.549
_cell.angle_gamma   90.000
#
_symmetry.space_group_name_H-M   'P 1 21 1'
#
loop_
_entity.id
_entity.type
_entity.pdbx_description
1 polymer 'Reverse transcriptase p66'
2 polymer 'Reverse transcriptase p51'
3 polymer 'DNA/RNA (38-MER)'
4 non-polymer "THYMIDINE-5'-TRIPHOSPHATE"
5 non-polymer 'CALCIUM ION'
6 non-polymer GLYCEROL
7 non-polymer 'SULFATE ION'
8 water water
#
loop_
_entity_poly.entity_id
_entity_poly.type
_entity_poly.pdbx_seq_one_letter_code
_entity_poly.pdbx_strand_id
1 'polypeptide(L)'
;PISPIETVPVKLKPGMDGPKVKQWPLTEEKIKALVEICTEMEKEGKISKIGPENPYNTPVFAIKKKDSTKWRKLVDFREL
NKRTQDFWEVQLGIPHPAGLKKKKSVTVLDVGDAYFSVPLDEDFRKYTAFTIPSINNETPGIRYQYNVLPQGWKGSPAIF
QSSMTKILEPFKKQNPDIVIYQYMDDLYVGSDLEIGQHRTKIEELRQHLLRWGLTTPDKKHQKEPPFLWMGYELHPDKWT
VQPIVLPEKDSWTVNDIQKLVGKLNWASQIYPGIKVRQLSKLLRGTKALTEVIPLTEEAELELAENREILKEPVHGVYYD
PSKDLIAEIQKQGQGQWTYQIYQEPFKNLKTGKYARMRGAHTNDVKQLTEAVQKITTESIVIWGKTPKFKLPIQKETWET
WWTEYWQATWIPEWEFVNTPPLVKLWYQLEKEPIVGAETFYVDGAANRETKLGKAGYVTNKGRQKVVPLTNTTNQKTELQ
AIYLALQDSGLEVNIVTNSQYALGIIQAQPDKSESELVNQIIEQLIKKEKVYLAWVPAHKGIGGNEQVDKLVSAG
;
A,C
2 'polypeptide(L)'
;GPISPIETVPVKLKPGMDGPKVKQWPLTEEKIKALVEICTEMEKEGKISKIGPENPYNTPVFAIKKKDSTKWRKLVDFRE
LNKRTQDFWEVQLGIPHPAGLKKKKSVTVLDVGDAYFSVPLDEDFRKYTAFTIPSINNETPGIRYQYNVLPQGWKGSPAI
FQSSMTKILEPFKKQNPDIVIYQYMDDLYVGSDLEIGQHRTKIEELRQHLLRWGLTTPDKKHQKEPPFLWMGYELHPDKW
TVQPIVLPEKDSWTVNDIQKLVGKLNWASQIYPGIKVRQLSKLLRGTKALTEVIPLTEEAELELAENREILKEPVHGVYY
DPSKDLIAEIQKQGQGQWTYQIYQEPFKNLKTGKYARMRGAHTNDVKQLTEAVQKITTESIVIWGKTPKFKLPIQKETWE
TWWTEYWQATWIPEWEFVNTPPLVKLWYQ
;
B,D
3 'polydeoxyribonucleotide'
;(DT)(DA)(DC)(OMC)(DC)(OMC)(DC)(DC)(DC)(DT)(DT)(DC)(DG)(DG)(DT)(DG)(DC)(DT)(DT)
(DT)(DG)(DC)(DA)(DC)(DC)(DG)(DA)(DA)(DG)(DG)(DG)(DG)(DG)(DG)(DG)
;
E,F
#
loop_
_chem_comp.id
_chem_comp.type
_chem_comp.name
_chem_comp.formula
CA non-polymer 'CALCIUM ION' 'Ca 2'
DA DNA linking 2'-DEOXYADENOSINE-5'-MONOPHOSPHATE 'C10 H14 N5 O6 P'
DC DNA linking 2'-DEOXYCYTIDINE-5'-MONOPHOSPHATE 'C9 H14 N3 O7 P'
DG DNA linking 2'-DEOXYGUANOSINE-5'-MONOPHOSPHATE 'C10 H14 N5 O7 P'
DT DNA linking THYMIDINE-5'-MONOPHOSPHATE 'C10 H15 N2 O8 P'
GOL non-polymer GLYCEROL 'C3 H8 O3'
OMC RNA linking O2'-METHYLYCYTIDINE-5'-MONOPHOSPHATE 'C10 H16 N3 O8 P'
SO4 non-polymer 'SULFATE ION' 'O4 S -2'
TTP non-polymer THYMIDINE-5'-TRIPHOSPHATE 'C10 H17 N2 O14 P3'
#
# COMPACT_ATOMS: atom_id res chain seq x y z
N PRO A 1 3.19 -57.72 -5.93
CA PRO A 1 4.30 -57.65 -4.98
C PRO A 1 3.83 -57.74 -3.53
N ILE A 2 4.74 -57.47 -2.60
CA ILE A 2 4.45 -57.48 -1.17
C ILE A 2 4.87 -56.13 -0.62
N SER A 3 4.24 -55.73 0.48
CA SER A 3 4.37 -54.38 1.01
C SER A 3 4.90 -54.44 2.45
N PRO A 4 6.22 -54.34 2.64
CA PRO A 4 6.78 -54.43 3.99
C PRO A 4 6.33 -53.27 4.86
N ILE A 5 6.65 -52.06 4.44
CA ILE A 5 6.43 -50.85 5.23
C ILE A 5 5.88 -49.76 4.32
N GLU A 6 5.39 -48.70 4.95
CA GLU A 6 4.79 -47.58 4.23
C GLU A 6 5.79 -46.93 3.28
N THR A 7 5.37 -46.76 2.02
CA THR A 7 6.26 -46.23 0.99
C THR A 7 6.33 -44.71 1.07
N VAL A 8 7.24 -44.15 0.26
CA VAL A 8 7.48 -42.71 0.23
C VAL A 8 7.30 -42.24 -1.22
N PRO A 9 6.39 -41.30 -1.48
CA PRO A 9 6.20 -40.83 -2.87
C PRO A 9 7.37 -40.01 -3.37
N VAL A 10 7.72 -40.24 -4.64
CA VAL A 10 8.83 -39.55 -5.29
C VAL A 10 8.35 -39.07 -6.66
N LYS A 11 8.98 -38.00 -7.15
CA LYS A 11 8.68 -37.45 -8.46
C LYS A 11 9.98 -37.08 -9.16
N LEU A 12 9.86 -36.68 -10.42
CA LEU A 12 10.97 -36.09 -11.15
C LEU A 12 10.81 -34.58 -11.20
N LYS A 13 11.85 -33.91 -11.67
CA LYS A 13 11.73 -32.48 -11.90
C LYS A 13 10.75 -32.24 -13.04
N PRO A 14 9.75 -31.38 -12.86
CA PRO A 14 8.62 -31.35 -13.80
C PRO A 14 9.06 -31.10 -15.24
N GLY A 15 8.45 -31.86 -16.15
CA GLY A 15 8.77 -31.80 -17.56
C GLY A 15 10.14 -32.38 -17.88
N MET A 16 10.41 -33.59 -17.41
CA MET A 16 11.67 -34.25 -17.67
C MET A 16 11.49 -35.74 -17.47
N ASP A 17 12.26 -36.54 -18.21
CA ASP A 17 12.08 -37.99 -18.23
C ASP A 17 13.36 -38.68 -17.76
N GLY A 18 13.33 -40.01 -17.80
CA GLY A 18 14.25 -40.84 -17.07
C GLY A 18 15.65 -40.97 -17.67
N PRO A 19 16.43 -41.90 -17.11
CA PRO A 19 17.84 -42.03 -17.51
C PRO A 19 18.07 -42.97 -18.67
N LYS A 20 18.46 -42.44 -19.82
CA LYS A 20 18.81 -43.23 -20.99
C LYS A 20 20.29 -42.99 -21.29
N VAL A 21 21.16 -43.80 -20.68
CA VAL A 21 22.60 -43.74 -20.90
C VAL A 21 23.15 -45.16 -20.90
N LYS A 22 24.17 -45.39 -21.70
CA LYS A 22 24.66 -46.74 -21.95
C LYS A 22 25.59 -47.20 -20.83
N GLN A 23 25.66 -48.52 -20.66
CA GLN A 23 26.39 -49.13 -19.56
C GLN A 23 27.90 -48.98 -19.75
N TRP A 24 28.63 -49.20 -18.64
CA TRP A 24 30.09 -49.20 -18.64
C TRP A 24 30.62 -50.53 -19.15
N PRO A 25 31.76 -50.53 -19.84
CA PRO A 25 32.42 -51.80 -20.19
C PRO A 25 33.03 -52.46 -18.97
N LEU A 26 32.22 -53.19 -18.22
CA LEU A 26 32.66 -53.76 -16.95
C LEU A 26 33.49 -55.02 -17.18
N THR A 27 34.53 -55.18 -16.37
CA THR A 27 35.38 -56.35 -16.45
C THR A 27 34.64 -57.58 -15.93
N GLU A 28 34.92 -58.74 -16.54
CA GLU A 28 34.22 -59.97 -16.18
C GLU A 28 34.52 -60.43 -14.75
N GLU A 29 35.61 -59.95 -14.15
CA GLU A 29 35.92 -60.35 -12.79
C GLU A 29 34.88 -59.81 -11.82
N LYS A 30 34.43 -58.58 -12.02
CA LYS A 30 33.36 -58.01 -11.20
C LYS A 30 32.00 -58.59 -11.56
N ILE A 31 31.81 -58.95 -12.83
CA ILE A 31 30.53 -59.52 -13.27
C ILE A 31 30.25 -60.84 -12.58
N LYS A 32 31.30 -61.61 -12.26
CA LYS A 32 31.12 -62.87 -11.54
C LYS A 32 30.45 -62.63 -10.18
N ALA A 33 31.04 -61.77 -9.36
CA ALA A 33 30.44 -61.41 -8.09
C ALA A 33 29.17 -60.59 -8.26
N LEU A 34 28.95 -60.02 -9.44
CA LEU A 34 27.79 -59.16 -9.66
C LEU A 34 26.51 -59.98 -9.85
N VAL A 35 26.44 -60.77 -10.92
CA VAL A 35 25.25 -61.54 -11.23
C VAL A 35 24.95 -62.58 -10.15
N GLU A 36 25.93 -62.90 -9.32
CA GLU A 36 25.74 -63.82 -8.20
C GLU A 36 24.64 -63.31 -7.27
N ILE A 37 24.91 -62.21 -6.56
CA ILE A 37 23.92 -61.64 -5.65
C ILE A 37 22.78 -61.01 -6.44
N CYS A 38 23.02 -60.58 -7.68
CA CYS A 38 21.96 -59.95 -8.48
C CYS A 38 20.81 -60.91 -8.73
N THR A 39 21.12 -62.17 -9.06
CA THR A 39 20.06 -63.15 -9.29
C THR A 39 19.36 -63.52 -7.98
N GLU A 40 20.07 -63.43 -6.85
CA GLU A 40 19.45 -63.73 -5.57
C GLU A 40 18.45 -62.66 -5.15
N MET A 41 18.57 -61.44 -5.67
CA MET A 41 17.62 -60.39 -5.33
C MET A 41 16.22 -60.72 -5.85
N GLU A 42 16.13 -61.23 -7.08
CA GLU A 42 14.84 -61.52 -7.68
C GLU A 42 14.03 -62.51 -6.86
N LYS A 43 14.70 -63.44 -6.17
CA LYS A 43 13.98 -64.39 -5.34
C LYS A 43 13.25 -63.71 -4.19
N GLU A 44 13.88 -62.71 -3.58
CA GLU A 44 13.31 -61.99 -2.46
C GLU A 44 12.41 -60.83 -2.87
N GLY A 45 12.22 -60.61 -4.17
CA GLY A 45 11.41 -59.51 -4.64
C GLY A 45 12.08 -58.15 -4.61
N LYS A 46 13.40 -58.10 -4.39
CA LYS A 46 14.10 -56.83 -4.38
C LYS A 46 14.31 -56.28 -5.77
N ILE A 47 14.43 -57.16 -6.77
CA ILE A 47 14.64 -56.78 -8.16
C ILE A 47 13.66 -57.57 -9.00
N SER A 48 13.40 -57.07 -10.22
CA SER A 48 12.39 -57.68 -11.08
C SER A 48 12.83 -57.59 -12.53
N LYS A 49 12.50 -58.63 -13.30
CA LYS A 49 12.74 -58.61 -14.74
C LYS A 49 11.70 -57.73 -15.41
N ILE A 50 12.15 -56.97 -16.42
CA ILE A 50 11.27 -56.04 -17.11
C ILE A 50 11.36 -56.27 -18.61
N GLY A 51 10.24 -56.06 -19.28
CA GLY A 51 10.20 -56.15 -20.73
C GLY A 51 10.74 -54.91 -21.37
N PRO A 52 10.91 -54.97 -22.71
CA PRO A 52 11.41 -53.80 -23.45
C PRO A 52 10.47 -52.61 -23.41
N GLU A 53 9.30 -52.76 -22.77
CA GLU A 53 8.42 -51.63 -22.53
C GLU A 53 9.10 -50.54 -21.71
N ASN A 54 10.17 -50.89 -20.99
CA ASN A 54 10.90 -49.95 -20.15
C ASN A 54 12.09 -49.44 -20.94
N PRO A 55 12.09 -48.18 -21.39
CA PRO A 55 13.16 -47.71 -22.27
C PRO A 55 14.24 -46.89 -21.58
N TYR A 56 14.62 -47.26 -20.37
CA TYR A 56 15.65 -46.55 -19.63
C TYR A 56 16.86 -47.45 -19.40
N ASN A 57 18.01 -46.82 -19.15
CA ASN A 57 19.25 -47.54 -18.96
C ASN A 57 20.21 -46.67 -18.15
N THR A 58 20.85 -47.28 -17.15
CA THR A 58 21.80 -46.57 -16.29
C THR A 58 22.97 -47.49 -15.99
N PRO A 59 24.19 -46.95 -15.94
CA PRO A 59 25.38 -47.79 -15.74
C PRO A 59 25.41 -48.39 -14.34
N VAL A 60 26.28 -49.38 -14.19
CA VAL A 60 26.38 -50.16 -12.95
C VAL A 60 27.83 -50.60 -12.78
N PHE A 61 28.31 -50.58 -11.54
CA PHE A 61 29.62 -51.10 -11.19
C PHE A 61 29.55 -51.65 -9.77
N ALA A 62 30.69 -52.09 -9.26
CA ALA A 62 30.74 -52.65 -7.92
C ALA A 62 32.13 -52.48 -7.34
N ILE A 63 32.19 -52.26 -6.03
CA ILE A 63 33.43 -52.16 -5.29
C ILE A 63 33.37 -53.14 -4.12
N LYS A 64 34.54 -53.56 -3.66
CA LYS A 64 34.58 -54.45 -2.51
C LYS A 64 34.22 -53.67 -1.24
N LYS A 65 33.46 -54.34 -0.37
CA LYS A 65 33.12 -53.73 0.93
C LYS A 65 34.42 -53.60 1.71
N LYS A 66 34.77 -52.40 2.20
CA LYS A 66 36.02 -52.17 2.91
C LYS A 66 36.09 -53.07 4.13
N ASP A 67 37.27 -53.68 4.33
CA ASP A 67 37.50 -54.62 5.43
C ASP A 67 36.60 -55.85 5.31
N SER A 68 36.40 -56.32 4.08
CA SER A 68 35.58 -57.49 3.85
C SER A 68 35.91 -58.07 2.48
N THR A 69 35.67 -59.38 2.34
CA THR A 69 35.77 -60.06 1.05
C THR A 69 34.48 -59.95 0.24
N LYS A 70 33.39 -59.49 0.85
CA LYS A 70 32.12 -59.36 0.17
C LYS A 70 32.13 -58.13 -0.74
N TRP A 71 31.28 -58.16 -1.76
CA TRP A 71 31.17 -57.09 -2.73
C TRP A 71 29.85 -56.35 -2.53
N ARG A 72 29.92 -55.02 -2.69
CA ARG A 72 28.70 -54.18 -2.61
C ARG A 72 28.40 -53.65 -4.00
N LYS A 73 27.14 -53.37 -4.27
CA LYS A 73 26.70 -52.94 -5.58
C LYS A 73 26.37 -51.45 -5.58
N LEU A 74 26.85 -50.75 -6.60
CA LEU A 74 26.67 -49.31 -6.73
C LEU A 74 26.14 -49.02 -8.12
N VAL A 75 25.28 -48.01 -8.21
CA VAL A 75 24.66 -47.64 -9.48
C VAL A 75 24.99 -46.18 -9.75
N ASP A 76 25.58 -45.89 -10.91
CA ASP A 76 25.89 -44.52 -11.30
C ASP A 76 24.59 -43.88 -11.78
N PHE A 77 23.93 -43.16 -10.87
CA PHE A 77 22.69 -42.46 -11.18
C PHE A 77 22.91 -40.96 -11.39
N ARG A 78 24.14 -40.56 -11.73
CA ARG A 78 24.46 -39.13 -11.84
C ARG A 78 23.50 -38.42 -12.78
N GLU A 79 23.17 -39.02 -13.91
CA GLU A 79 22.24 -38.38 -14.84
C GLU A 79 20.81 -38.45 -14.32
N LEU A 80 20.43 -39.56 -13.68
CA LEU A 80 19.12 -39.63 -13.06
C LEU A 80 19.01 -38.64 -11.91
N ASN A 81 20.09 -38.48 -11.13
CA ASN A 81 20.09 -37.54 -10.02
C ASN A 81 19.88 -36.11 -10.52
N LYS A 82 20.45 -35.77 -11.68
CA LYS A 82 20.30 -34.43 -12.23
C LYS A 82 18.84 -34.09 -12.49
N ARG A 83 18.05 -35.08 -12.91
CA ARG A 83 16.65 -34.87 -13.29
C ARG A 83 15.67 -35.33 -12.22
N THR A 84 16.16 -35.79 -11.07
CA THR A 84 15.31 -36.20 -9.96
C THR A 84 15.00 -35.01 -9.07
N GLN A 85 13.81 -35.03 -8.47
CA GLN A 85 13.36 -33.93 -7.63
C GLN A 85 14.31 -33.70 -6.45
N ASP A 86 14.28 -32.47 -5.94
CA ASP A 86 15.11 -32.11 -4.80
C ASP A 86 14.47 -32.61 -3.50
N PHE A 87 15.31 -33.01 -2.56
CA PHE A 87 14.87 -33.48 -1.26
C PHE A 87 15.25 -32.45 -0.18
N TRP A 88 15.03 -32.84 1.07
CA TRP A 88 15.59 -32.10 2.21
C TRP A 88 16.12 -33.13 3.19
N GLU A 89 17.45 -33.23 3.26
CA GLU A 89 18.08 -34.24 4.10
C GLU A 89 17.71 -34.04 5.57
N VAL A 90 17.37 -35.15 6.23
CA VAL A 90 17.04 -35.11 7.65
C VAL A 90 18.25 -35.38 8.53
N GLN A 91 19.41 -35.67 7.94
CA GLN A 91 20.64 -35.87 8.70
C GLN A 91 21.31 -34.51 8.87
N LEU A 92 21.14 -33.92 10.06
CA LEU A 92 21.63 -32.57 10.31
C LEU A 92 23.05 -32.53 10.85
N GLY A 93 23.65 -33.67 11.15
CA GLY A 93 25.01 -33.69 11.67
C GLY A 93 25.39 -35.09 12.09
N ILE A 94 26.49 -35.16 12.84
CA ILE A 94 27.06 -36.44 13.25
C ILE A 94 27.12 -36.50 14.77
N PRO A 95 26.74 -37.62 15.38
CA PRO A 95 26.88 -37.75 16.84
C PRO A 95 28.34 -37.77 17.26
N HIS A 96 28.62 -37.12 18.38
CA HIS A 96 29.96 -37.23 18.94
C HIS A 96 29.92 -38.00 20.24
N PRO A 97 30.89 -38.88 20.48
CA PRO A 97 30.92 -39.64 21.74
C PRO A 97 30.97 -38.75 22.97
N ALA A 98 31.52 -37.54 22.86
CA ALA A 98 31.56 -36.62 23.99
C ALA A 98 30.17 -36.13 24.40
N GLY A 99 29.13 -36.41 23.60
CA GLY A 99 27.77 -36.11 23.99
C GLY A 99 27.03 -37.23 24.69
N LEU A 100 27.59 -38.44 24.66
CA LEU A 100 26.94 -39.59 25.28
C LEU A 100 26.99 -39.49 26.80
N LYS A 101 25.83 -39.62 27.43
CA LYS A 101 25.78 -39.85 28.87
C LYS A 101 26.15 -41.30 29.15
N LYS A 102 26.70 -41.54 30.35
CA LYS A 102 27.09 -42.89 30.71
C LYS A 102 25.87 -43.77 30.93
N LYS A 103 25.87 -44.95 30.31
CA LYS A 103 24.79 -45.92 30.45
C LYS A 103 25.34 -47.23 31.00
N LYS A 104 24.51 -47.92 31.77
CA LYS A 104 24.96 -49.15 32.43
C LYS A 104 25.24 -50.25 31.41
N SER A 105 24.35 -50.44 30.44
CA SER A 105 24.53 -51.46 29.41
C SER A 105 24.24 -50.85 28.04
N VAL A 106 24.97 -51.35 27.04
CA VAL A 106 24.99 -50.75 25.71
C VAL A 106 25.04 -51.86 24.66
N THR A 107 24.30 -51.67 23.57
CA THR A 107 24.29 -52.60 22.45
C THR A 107 24.37 -51.83 21.15
N VAL A 108 25.14 -52.36 20.21
CA VAL A 108 25.31 -51.75 18.89
C VAL A 108 25.02 -52.82 17.84
N LEU A 109 24.12 -52.51 16.91
CA LEU A 109 23.72 -53.46 15.89
C LEU A 109 23.50 -52.74 14.56
N ASP A 110 23.97 -53.35 13.46
CA ASP A 110 23.82 -52.77 12.11
C ASP A 110 22.73 -53.57 11.42
N VAL A 111 21.97 -52.93 10.55
CA VAL A 111 20.89 -53.64 9.81
C VAL A 111 21.51 -54.14 8.53
N GLY A 112 21.18 -55.37 8.15
CA GLY A 112 21.78 -55.96 6.94
C GLY A 112 21.01 -55.55 5.71
N ASP A 113 21.70 -55.45 4.57
CA ASP A 113 21.07 -55.04 3.29
C ASP A 113 19.96 -54.06 3.63
N ALA A 114 20.33 -52.91 4.17
CA ALA A 114 19.31 -51.95 4.67
C ALA A 114 18.59 -51.25 3.53
N TYR A 115 19.33 -50.71 2.57
CA TYR A 115 18.59 -49.96 1.55
C TYR A 115 17.69 -50.95 0.80
N PHE A 116 18.04 -52.24 0.88
CA PHE A 116 17.26 -53.26 0.21
C PHE A 116 16.10 -53.79 1.04
N SER A 117 15.97 -53.35 2.29
CA SER A 117 14.85 -53.73 3.13
C SER A 117 13.74 -52.69 3.11
N VAL A 118 13.88 -51.63 2.32
CA VAL A 118 12.93 -50.52 2.28
C VAL A 118 12.30 -50.49 0.89
N PRO A 119 10.98 -50.64 0.79
CA PRO A 119 10.36 -50.63 -0.54
C PRO A 119 10.41 -49.26 -1.19
N LEU A 120 10.74 -49.24 -2.48
CA LEU A 120 10.68 -48.02 -3.27
C LEU A 120 9.22 -47.66 -3.53
N ASP A 121 9.00 -46.55 -4.23
CA ASP A 121 7.66 -46.14 -4.59
C ASP A 121 7.21 -46.88 -5.84
N GLU A 122 5.94 -47.28 -5.86
CA GLU A 122 5.39 -48.09 -6.95
C GLU A 122 5.66 -47.45 -8.32
N ASP A 123 5.08 -46.26 -8.54
CA ASP A 123 5.12 -45.64 -9.86
C ASP A 123 6.52 -45.23 -10.29
N PHE A 124 7.45 -45.04 -9.36
CA PHE A 124 8.79 -44.58 -9.68
C PHE A 124 9.75 -45.71 -10.03
N ARG A 125 9.39 -46.97 -9.74
CA ARG A 125 10.30 -48.09 -9.93
C ARG A 125 10.84 -48.18 -11.36
N LYS A 126 10.05 -47.75 -12.35
CA LYS A 126 10.44 -47.94 -13.74
C LYS A 126 11.74 -47.22 -14.09
N TYR A 127 12.04 -46.11 -13.41
CA TYR A 127 13.19 -45.30 -13.77
C TYR A 127 14.52 -45.88 -13.33
N THR A 128 14.53 -46.97 -12.57
CA THR A 128 15.75 -47.61 -12.14
C THR A 128 16.32 -48.58 -13.17
N ALA A 129 15.79 -48.53 -14.40
CA ALA A 129 16.10 -49.55 -15.39
C ALA A 129 17.59 -49.61 -15.71
N PHE A 130 18.16 -50.80 -15.58
CA PHE A 130 19.56 -51.06 -15.90
C PHE A 130 19.67 -52.47 -16.43
N THR A 131 20.77 -52.74 -17.14
CA THR A 131 21.00 -54.06 -17.73
C THR A 131 22.27 -54.66 -17.15
N ILE A 132 22.25 -55.98 -17.00
CA ILE A 132 23.35 -56.73 -16.37
C ILE A 132 24.19 -57.36 -17.48
N PRO A 133 25.52 -57.20 -17.46
CA PRO A 133 26.34 -57.76 -18.55
C PRO A 133 26.50 -59.26 -18.42
N SER A 134 27.37 -59.86 -19.22
CA SER A 134 27.63 -61.29 -19.15
C SER A 134 29.12 -61.53 -19.32
N ILE A 135 29.49 -62.80 -19.43
CA ILE A 135 30.89 -63.16 -19.70
C ILE A 135 31.30 -62.66 -21.08
N ASN A 136 30.47 -62.95 -22.08
CA ASN A 136 30.69 -62.53 -23.46
C ASN A 136 29.74 -61.37 -23.77
N ASN A 137 29.75 -60.95 -25.02
CA ASN A 137 28.87 -59.88 -25.50
C ASN A 137 27.76 -60.44 -26.37
N GLU A 138 27.66 -61.78 -26.44
CA GLU A 138 26.59 -62.42 -27.18
C GLU A 138 25.30 -62.37 -26.37
N THR A 139 25.31 -62.93 -25.16
CA THR A 139 24.11 -62.91 -24.34
C THR A 139 23.82 -61.48 -23.89
N PRO A 140 22.55 -61.06 -23.91
CA PRO A 140 22.22 -59.66 -23.59
C PRO A 140 22.25 -59.35 -22.11
N GLY A 141 21.66 -60.22 -21.30
CA GLY A 141 21.54 -59.98 -19.88
C GLY A 141 20.18 -59.38 -19.57
N ILE A 142 19.60 -59.75 -18.43
CA ILE A 142 18.26 -59.29 -18.09
C ILE A 142 18.31 -57.83 -17.66
N ARG A 143 17.30 -57.07 -18.06
CA ARG A 143 17.13 -55.71 -17.59
C ARG A 143 16.23 -55.72 -16.35
N TYR A 144 16.59 -54.91 -15.36
CA TYR A 144 15.92 -54.95 -14.07
C TYR A 144 15.46 -53.56 -13.66
N GLN A 145 14.42 -53.52 -12.85
CA GLN A 145 14.00 -52.31 -12.16
C GLN A 145 14.03 -52.56 -10.65
N TYR A 146 14.49 -51.57 -9.90
CA TYR A 146 14.60 -51.72 -8.46
C TYR A 146 13.21 -51.71 -7.81
N ASN A 147 12.97 -52.66 -6.93
CA ASN A 147 11.80 -52.64 -6.06
C ASN A 147 12.11 -52.07 -4.68
N VAL A 148 13.36 -51.71 -4.43
CA VAL A 148 13.80 -51.17 -3.15
C VAL A 148 14.75 -50.00 -3.41
N LEU A 149 15.33 -49.46 -2.35
CA LEU A 149 16.21 -48.30 -2.48
C LEU A 149 17.56 -48.72 -3.04
N PRO A 150 18.01 -48.17 -4.17
CA PRO A 150 19.31 -48.53 -4.72
C PRO A 150 20.43 -47.71 -4.11
N GLN A 151 21.59 -48.36 -3.96
CA GLN A 151 22.77 -47.65 -3.45
C GLN A 151 23.38 -46.90 -4.62
N GLY A 152 23.36 -45.59 -4.55
CA GLY A 152 23.89 -44.75 -5.62
C GLY A 152 22.93 -43.67 -6.04
N TRP A 153 21.67 -43.80 -5.61
CA TRP A 153 20.67 -42.78 -5.88
C TRP A 153 20.82 -41.64 -4.87
N LYS A 154 20.32 -40.46 -5.25
CA LYS A 154 20.43 -39.31 -4.37
C LYS A 154 19.29 -39.20 -3.37
N GLY A 155 18.29 -40.07 -3.47
CA GLY A 155 17.19 -40.05 -2.53
C GLY A 155 17.21 -41.22 -1.57
N SER A 156 18.11 -42.17 -1.80
CA SER A 156 18.18 -43.37 -0.96
C SER A 156 18.45 -43.05 0.51
N PRO A 157 19.45 -42.25 0.88
CA PRO A 157 19.70 -42.04 2.32
C PRO A 157 18.54 -41.35 3.03
N ALA A 158 17.98 -40.29 2.43
CA ALA A 158 16.92 -39.55 3.09
C ALA A 158 15.69 -40.41 3.34
N ILE A 159 15.33 -41.26 2.38
CA ILE A 159 14.13 -42.08 2.53
C ILE A 159 14.35 -43.15 3.58
N PHE A 160 15.55 -43.73 3.62
CA PHE A 160 15.84 -44.75 4.64
C PHE A 160 15.80 -44.14 6.03
N GLN A 161 16.46 -43.00 6.22
CA GLN A 161 16.54 -42.38 7.54
C GLN A 161 15.16 -41.99 8.06
N SER A 162 14.31 -41.43 7.18
CA SER A 162 12.97 -41.05 7.63
C SER A 162 12.10 -42.27 7.89
N SER A 163 12.21 -43.29 7.03
CA SER A 163 11.47 -44.53 7.27
C SER A 163 11.92 -45.20 8.55
N MET A 164 13.23 -45.19 8.82
CA MET A 164 13.75 -45.76 10.05
C MET A 164 13.14 -45.10 11.28
N THR A 165 12.97 -43.78 11.24
CA THR A 165 12.43 -43.06 12.39
C THR A 165 10.99 -43.45 12.68
N LYS A 166 10.17 -43.57 11.62
CA LYS A 166 8.78 -43.97 11.82
C LYS A 166 8.68 -45.39 12.37
N ILE A 167 9.66 -46.25 12.08
CA ILE A 167 9.64 -47.61 12.61
C ILE A 167 9.99 -47.60 14.09
N LEU A 168 11.02 -46.84 14.48
CA LEU A 168 11.43 -46.80 15.88
C LEU A 168 10.50 -45.97 16.75
N GLU A 169 9.65 -45.14 16.15
CA GLU A 169 8.78 -44.26 16.95
C GLU A 169 7.89 -45.03 17.91
N PRO A 170 7.16 -46.09 17.51
CA PRO A 170 6.36 -46.82 18.51
C PRO A 170 7.20 -47.39 19.64
N PHE A 171 8.35 -47.98 19.34
CA PHE A 171 9.19 -48.55 20.39
C PHE A 171 9.71 -47.47 21.32
N LYS A 172 10.20 -46.36 20.75
CA LYS A 172 10.71 -45.26 21.57
C LYS A 172 9.66 -44.73 22.54
N LYS A 173 8.40 -44.68 22.10
CA LYS A 173 7.34 -44.20 22.98
C LYS A 173 6.98 -45.24 24.04
N GLN A 174 7.08 -46.53 23.69
CA GLN A 174 6.83 -47.60 24.64
C GLN A 174 7.97 -47.77 25.64
N ASN A 175 9.18 -47.34 25.30
CA ASN A 175 10.35 -47.44 26.16
C ASN A 175 11.03 -46.07 26.24
N PRO A 176 10.46 -45.14 27.01
CA PRO A 176 11.02 -43.78 27.04
C PRO A 176 12.41 -43.71 27.64
N ASP A 177 12.77 -44.65 28.52
CA ASP A 177 14.06 -44.64 29.19
C ASP A 177 15.15 -45.35 28.40
N ILE A 178 14.89 -45.72 27.16
CA ILE A 178 15.89 -46.34 26.30
C ILE A 178 16.45 -45.28 25.35
N VAL A 179 17.78 -45.18 25.31
CA VAL A 179 18.47 -44.23 24.46
C VAL A 179 18.88 -44.94 23.19
N ILE A 180 18.30 -44.53 22.06
CA ILE A 180 18.61 -45.09 20.76
C ILE A 180 19.24 -44.00 19.91
N TYR A 181 20.54 -44.12 19.65
CA TYR A 181 21.23 -43.21 18.74
C TYR A 181 21.11 -43.77 17.33
N GLN A 182 20.27 -43.13 16.52
CA GLN A 182 19.94 -43.62 15.19
C GLN A 182 20.76 -42.85 14.14
N TYR A 183 21.73 -43.53 13.54
CA TYR A 183 22.52 -42.97 12.44
C TYR A 183 22.49 -43.98 11.29
N MET A 184 21.66 -43.74 10.29
CA MET A 184 21.48 -44.71 9.18
C MET A 184 21.05 -46.05 9.77
N ASP A 185 21.82 -47.10 9.54
CA ASP A 185 21.41 -48.45 10.00
C ASP A 185 22.18 -48.78 11.27
N ASP A 186 23.02 -47.86 11.72
CA ASP A 186 23.84 -48.11 12.89
C ASP A 186 23.08 -47.62 14.11
N LEU A 187 22.78 -48.52 15.03
CA LEU A 187 21.95 -48.21 16.19
C LEU A 187 22.77 -48.38 17.46
N TYR A 188 22.86 -47.32 18.25
CA TYR A 188 23.45 -47.36 19.59
C TYR A 188 22.28 -47.38 20.57
N VAL A 189 22.15 -48.49 21.29
CA VAL A 189 21.07 -48.66 22.26
C VAL A 189 21.69 -48.80 23.63
N GLY A 190 21.33 -47.92 24.55
CA GLY A 190 21.86 -47.96 25.89
C GLY A 190 20.77 -47.67 26.90
N SER A 191 20.96 -48.19 28.11
CA SER A 191 19.96 -48.04 29.15
C SER A 191 20.62 -48.21 30.51
N ASP A 192 19.91 -47.76 31.54
CA ASP A 192 20.28 -48.01 32.92
C ASP A 192 19.58 -49.25 33.49
N LEU A 193 18.87 -49.99 32.66
CA LEU A 193 18.31 -51.27 33.08
C LEU A 193 19.42 -52.26 33.39
N GLU A 194 19.10 -53.24 34.23
CA GLU A 194 20.08 -54.28 34.51
C GLU A 194 20.36 -55.09 33.25
N ILE A 195 21.60 -55.57 33.13
CA ILE A 195 22.07 -56.15 31.87
C ILE A 195 21.23 -57.34 31.45
N GLY A 196 20.66 -58.08 32.40
CA GLY A 196 19.74 -59.15 32.05
C GLY A 196 18.49 -58.61 31.39
N GLN A 197 17.87 -57.59 32.00
CA GLN A 197 16.69 -56.97 31.41
C GLN A 197 17.03 -56.22 30.13
N HIS A 198 18.25 -55.69 30.03
CA HIS A 198 18.64 -54.93 28.84
C HIS A 198 18.58 -55.80 27.59
N ARG A 199 19.18 -56.99 27.64
CA ARG A 199 19.15 -57.87 26.49
C ARG A 199 17.73 -58.34 26.19
N THR A 200 16.87 -58.40 27.20
CA THR A 200 15.46 -58.72 26.97
C THR A 200 14.80 -57.65 26.12
N LYS A 201 15.01 -56.38 26.48
CA LYS A 201 14.46 -55.29 25.67
C LYS A 201 15.12 -55.20 24.30
N ILE A 202 16.41 -55.56 24.21
CA ILE A 202 17.07 -55.58 22.90
C ILE A 202 16.38 -56.55 21.97
N GLU A 203 16.04 -57.74 22.46
CA GLU A 203 15.36 -58.72 21.62
C GLU A 203 13.98 -58.24 21.21
N GLU A 204 13.27 -57.56 22.12
CA GLU A 204 11.99 -56.97 21.75
C GLU A 204 12.14 -56.00 20.59
N LEU A 205 13.21 -55.21 20.59
CA LEU A 205 13.43 -54.26 19.52
C LEU A 205 13.89 -54.95 18.24
N ARG A 206 14.76 -55.95 18.36
CA ARG A 206 15.13 -56.74 17.20
C ARG A 206 13.92 -57.41 16.58
N GLN A 207 12.98 -57.86 17.41
CA GLN A 207 11.73 -58.43 16.90
C GLN A 207 10.88 -57.35 16.25
N HIS A 208 10.76 -56.18 16.89
CA HIS A 208 9.98 -55.10 16.28
C HIS A 208 10.62 -54.60 15.00
N LEU A 209 11.95 -54.58 14.93
CA LEU A 209 12.60 -54.30 13.66
C LEU A 209 12.34 -55.41 12.66
N LEU A 210 12.26 -56.65 13.14
CA LEU A 210 12.01 -57.79 12.26
C LEU A 210 10.56 -57.78 11.78
N ARG A 211 9.63 -57.40 12.67
CA ARG A 211 8.23 -57.26 12.31
C ARG A 211 8.05 -56.37 11.08
N TRP A 212 8.90 -55.36 10.94
CA TRP A 212 8.90 -54.47 9.78
C TRP A 212 9.93 -54.86 8.73
N GLY A 213 10.49 -56.06 8.84
CA GLY A 213 11.43 -56.56 7.85
C GLY A 213 12.80 -55.93 7.86
N LEU A 214 13.37 -55.70 9.05
CA LEU A 214 14.71 -55.17 9.19
C LEU A 214 15.57 -56.21 9.91
N THR A 215 16.59 -56.72 9.22
CA THR A 215 17.44 -57.76 9.79
C THR A 215 18.42 -57.17 10.79
N THR A 216 18.69 -57.93 11.85
CA THR A 216 19.70 -57.59 12.85
C THR A 216 20.67 -58.76 12.94
N PRO A 217 21.64 -58.86 12.02
CA PRO A 217 22.57 -59.99 12.03
C PRO A 217 23.44 -60.00 13.28
N ASP A 218 23.73 -61.21 13.76
CA ASP A 218 24.57 -61.36 14.94
C ASP A 218 26.01 -60.92 14.69
N LYS A 219 26.51 -61.12 13.47
CA LYS A 219 27.88 -60.72 13.17
C LYS A 219 28.05 -59.21 13.31
N LYS A 220 26.99 -58.45 12.99
CA LYS A 220 27.05 -56.98 13.09
C LYS A 220 26.61 -56.59 14.50
N HIS A 221 25.95 -57.51 15.19
CA HIS A 221 25.56 -57.27 16.57
C HIS A 221 26.78 -57.32 17.48
N GLN A 222 26.89 -56.34 18.37
CA GLN A 222 27.99 -56.25 19.32
C GLN A 222 27.42 -56.17 20.72
N LYS A 223 27.84 -57.08 21.60
CA LYS A 223 27.39 -57.08 22.97
C LYS A 223 28.44 -56.61 23.97
N GLU A 224 29.71 -56.55 23.57
CA GLU A 224 30.78 -56.39 24.54
C GLU A 224 31.66 -55.19 24.23
N PRO A 225 32.10 -54.46 25.26
CA PRO A 225 33.05 -53.38 25.04
C PRO A 225 34.41 -53.94 24.67
N PRO A 226 35.23 -53.20 23.90
CA PRO A 226 34.91 -51.84 23.46
C PRO A 226 34.14 -51.80 22.14
N PHE A 227 33.00 -51.11 22.15
CA PHE A 227 32.17 -51.03 20.96
C PHE A 227 32.83 -50.17 19.89
N LEU A 228 32.80 -50.65 18.66
CA LEU A 228 33.26 -49.89 17.51
C LEU A 228 32.06 -49.12 16.95
N TRP A 229 32.06 -47.80 17.14
CA TRP A 229 30.89 -46.98 16.81
C TRP A 229 31.37 -45.63 16.30
N MET A 230 31.01 -45.33 15.04
CA MET A 230 31.34 -44.06 14.40
C MET A 230 32.85 -43.81 14.36
N GLY A 231 33.61 -44.89 14.18
CA GLY A 231 35.06 -44.76 14.14
C GLY A 231 35.71 -44.52 15.47
N TYR A 232 34.99 -44.80 16.56
CA TYR A 232 35.53 -44.68 17.91
C TYR A 232 35.53 -46.05 18.58
N GLU A 233 36.23 -46.13 19.71
CA GLU A 233 36.21 -47.32 20.57
C GLU A 233 35.62 -46.89 21.91
N LEU A 234 34.37 -47.29 22.14
CA LEU A 234 33.64 -46.88 23.34
C LEU A 234 33.86 -47.87 24.47
N HIS A 235 34.45 -47.41 25.55
CA HIS A 235 34.63 -48.17 26.78
C HIS A 235 33.62 -47.70 27.82
N PRO A 236 33.42 -48.46 28.91
CA PRO A 236 32.41 -48.07 29.90
C PRO A 236 32.55 -46.66 30.44
N ASP A 237 33.77 -46.16 30.63
CA ASP A 237 33.97 -44.82 31.19
C ASP A 237 34.91 -43.96 30.36
N LYS A 238 35.37 -44.43 29.20
CA LYS A 238 36.24 -43.64 28.36
C LYS A 238 35.98 -44.02 26.90
N TRP A 239 36.48 -43.17 26.00
CA TRP A 239 36.37 -43.42 24.58
C TRP A 239 37.62 -42.88 23.90
N THR A 240 37.85 -43.34 22.67
CA THR A 240 38.99 -42.88 21.89
C THR A 240 38.71 -43.14 20.43
N VAL A 241 39.47 -42.47 19.58
CA VAL A 241 39.36 -42.70 18.14
C VAL A 241 40.06 -44.00 17.79
N GLN A 242 39.55 -44.68 16.78
CA GLN A 242 40.24 -45.86 16.28
C GLN A 242 41.60 -45.45 15.74
N PRO A 243 42.62 -46.31 15.85
CA PRO A 243 44.00 -45.86 15.64
C PRO A 243 44.19 -45.16 14.31
N ILE A 244 45.08 -44.18 14.31
CA ILE A 244 45.30 -43.29 13.17
C ILE A 244 46.68 -43.55 12.62
N VAL A 245 46.74 -43.91 11.34
CA VAL A 245 47.98 -44.25 10.66
C VAL A 245 48.47 -43.03 9.88
N LEU A 246 49.66 -42.56 10.22
CA LEU A 246 50.25 -41.47 9.46
C LEU A 246 51.17 -42.02 8.37
N PRO A 247 51.01 -41.57 7.13
CA PRO A 247 51.86 -42.10 6.04
C PRO A 247 53.34 -41.87 6.29
N GLU A 248 54.15 -42.84 5.90
CA GLU A 248 55.59 -42.82 6.12
C GLU A 248 56.36 -42.48 4.86
N LYS A 249 55.72 -41.86 3.87
CA LYS A 249 56.35 -41.61 2.58
C LYS A 249 57.61 -40.76 2.74
N ASP A 250 58.65 -41.13 1.99
CA ASP A 250 59.91 -40.38 2.03
C ASP A 250 59.83 -39.11 1.18
N SER A 251 59.15 -39.18 0.03
CA SER A 251 58.96 -38.04 -0.85
C SER A 251 57.46 -37.76 -0.95
N TRP A 252 57.05 -36.54 -0.63
CA TRP A 252 55.65 -36.19 -0.51
C TRP A 252 55.15 -35.50 -1.77
N THR A 253 53.95 -35.86 -2.19
CA THR A 253 53.24 -35.17 -3.25
C THR A 253 52.22 -34.22 -2.63
N VAL A 254 51.35 -33.65 -3.47
CA VAL A 254 50.29 -32.80 -2.95
C VAL A 254 49.20 -33.64 -2.31
N ASN A 255 48.84 -34.76 -2.93
CA ASN A 255 47.83 -35.65 -2.36
C ASN A 255 48.31 -36.29 -1.06
N ASP A 256 49.63 -36.39 -0.85
CA ASP A 256 50.13 -36.91 0.41
C ASP A 256 49.91 -35.92 1.54
N ILE A 257 50.27 -34.66 1.33
CA ILE A 257 50.04 -33.63 2.35
C ILE A 257 48.55 -33.48 2.64
N GLN A 258 47.72 -33.52 1.59
CA GLN A 258 46.28 -33.44 1.79
C GLN A 258 45.78 -34.58 2.69
N LYS A 259 46.21 -35.81 2.39
CA LYS A 259 45.85 -36.93 3.24
C LYS A 259 46.36 -36.74 4.66
N LEU A 260 47.57 -36.19 4.81
CA LEU A 260 48.15 -35.98 6.14
C LEU A 260 47.36 -34.94 6.91
N VAL A 261 47.04 -33.82 6.27
CA VAL A 261 46.31 -32.74 6.94
C VAL A 261 44.97 -33.23 7.46
N GLY A 262 44.23 -33.96 6.62
CA GLY A 262 42.93 -34.46 7.05
C GLY A 262 43.00 -35.41 8.22
N LYS A 263 43.97 -36.31 8.21
CA LYS A 263 44.16 -37.21 9.35
C LYS A 263 44.42 -36.44 10.64
N LEU A 264 45.18 -35.34 10.54
CA LEU A 264 45.47 -34.54 11.73
C LEU A 264 44.24 -33.77 12.20
N ASN A 265 43.48 -33.21 11.26
CA ASN A 265 42.22 -32.56 11.62
C ASN A 265 41.28 -33.53 12.32
N TRP A 266 41.25 -34.78 11.86
CA TRP A 266 40.44 -35.80 12.53
C TRP A 266 40.98 -36.09 13.92
N ALA A 267 42.31 -36.14 14.07
CA ALA A 267 42.91 -36.42 15.36
C ALA A 267 42.73 -35.25 16.33
N SER A 268 42.58 -34.04 15.82
CA SER A 268 42.50 -32.85 16.67
C SER A 268 41.27 -32.85 17.59
N GLN A 269 40.33 -33.78 17.39
CA GLN A 269 39.15 -33.83 18.23
C GLN A 269 39.41 -34.47 19.59
N ILE A 270 40.56 -35.13 19.79
CA ILE A 270 40.85 -35.75 21.07
C ILE A 270 42.32 -35.57 21.42
N TYR A 271 43.21 -35.70 20.45
CA TYR A 271 44.63 -35.42 20.67
C TYR A 271 44.85 -33.92 20.78
N PRO A 272 45.27 -33.41 21.94
CA PRO A 272 45.36 -31.96 22.12
C PRO A 272 46.59 -31.37 21.43
N GLY A 273 46.41 -30.17 20.88
CA GLY A 273 47.52 -29.39 20.39
C GLY A 273 48.02 -29.71 19.00
N ILE A 274 47.20 -30.38 18.18
CA ILE A 274 47.60 -30.63 16.79
C ILE A 274 47.64 -29.32 16.03
N LYS A 275 48.69 -29.13 15.24
CA LYS A 275 48.89 -27.92 14.46
C LYS A 275 49.08 -28.28 13.00
N VAL A 276 48.38 -27.55 12.12
CA VAL A 276 48.38 -27.82 10.68
C VAL A 276 48.85 -26.63 9.86
N ARG A 277 49.21 -25.51 10.50
CA ARG A 277 49.52 -24.28 9.77
C ARG A 277 50.64 -24.50 8.75
N GLN A 278 51.80 -24.98 9.22
CA GLN A 278 52.96 -25.04 8.36
C GLN A 278 52.87 -26.19 7.35
N LEU A 279 52.09 -27.23 7.63
CA LEU A 279 51.86 -28.26 6.63
C LEU A 279 50.92 -27.80 5.54
N SER A 280 49.93 -26.96 5.88
CA SER A 280 49.00 -26.43 4.90
C SER A 280 49.62 -25.32 4.05
N LYS A 281 50.69 -24.68 4.54
CA LYS A 281 51.39 -23.67 3.75
C LYS A 281 52.02 -24.26 2.50
N LEU A 282 52.11 -25.58 2.39
CA LEU A 282 52.70 -26.21 1.22
C LEU A 282 51.71 -26.37 0.08
N LEU A 283 50.42 -26.40 0.38
CA LEU A 283 49.39 -26.71 -0.61
C LEU A 283 48.82 -25.47 -1.29
N ARG A 284 49.37 -24.29 -1.02
CA ARG A 284 48.79 -23.06 -1.54
C ARG A 284 49.24 -22.82 -2.98
N GLY A 285 48.26 -22.66 -3.87
CA GLY A 285 48.54 -22.29 -5.25
C GLY A 285 49.24 -23.34 -6.09
N THR A 286 49.17 -24.62 -5.70
CA THR A 286 49.84 -25.67 -6.45
C THR A 286 48.90 -26.22 -7.52
N LYS A 287 49.47 -26.51 -8.70
CA LYS A 287 48.66 -26.94 -9.83
C LYS A 287 48.31 -28.42 -9.74
N ALA A 288 49.32 -29.29 -9.75
CA ALA A 288 49.10 -30.72 -9.87
C ALA A 288 48.93 -31.36 -8.50
N LEU A 289 47.88 -32.18 -8.37
CA LEU A 289 47.69 -32.98 -7.17
C LEU A 289 48.77 -34.05 -7.03
N THR A 290 49.38 -34.46 -8.15
CA THR A 290 50.45 -35.44 -8.14
C THR A 290 51.84 -34.82 -8.03
N GLU A 291 51.94 -33.49 -8.12
CA GLU A 291 53.24 -32.83 -8.10
C GLU A 291 53.97 -33.09 -6.79
N VAL A 292 55.27 -33.33 -6.89
CA VAL A 292 56.12 -33.55 -5.72
C VAL A 292 56.60 -32.20 -5.20
N ILE A 293 56.58 -32.03 -3.89
CA ILE A 293 56.94 -30.77 -3.26
C ILE A 293 57.73 -31.06 -1.99
N PRO A 294 58.83 -30.35 -1.74
CA PRO A 294 59.64 -30.65 -0.55
C PRO A 294 59.05 -30.07 0.72
N LEU A 295 59.47 -30.67 1.84
CA LEU A 295 59.02 -30.27 3.16
C LEU A 295 59.92 -29.17 3.71
N THR A 296 59.32 -28.05 4.10
CA THR A 296 60.09 -26.96 4.69
C THR A 296 60.61 -27.38 6.07
N GLU A 297 61.62 -26.64 6.54
CA GLU A 297 62.10 -26.85 7.91
C GLU A 297 61.04 -26.49 8.92
N GLU A 298 60.04 -25.68 8.53
CA GLU A 298 58.91 -25.40 9.39
C GLU A 298 57.96 -26.59 9.45
N ALA A 299 57.54 -27.09 8.29
CA ALA A 299 56.61 -28.21 8.25
C ALA A 299 57.26 -29.50 8.72
N GLU A 300 58.58 -29.63 8.57
CA GLU A 300 59.27 -30.80 9.11
C GLU A 300 59.23 -30.82 10.62
N LEU A 301 59.44 -29.65 11.25
CA LEU A 301 59.34 -29.58 12.71
C LEU A 301 57.91 -29.80 13.17
N GLU A 302 56.93 -29.30 12.43
CA GLU A 302 55.53 -29.41 12.84
C GLU A 302 55.06 -30.87 12.77
N LEU A 303 55.42 -31.58 11.70
CA LEU A 303 55.03 -32.97 11.58
C LEU A 303 55.72 -33.84 12.62
N ALA A 304 56.93 -33.45 13.05
CA ALA A 304 57.66 -34.22 14.05
C ALA A 304 56.96 -34.17 15.41
N GLU A 305 56.64 -32.95 15.87
CA GLU A 305 55.96 -32.81 17.15
C GLU A 305 54.51 -33.27 17.09
N ASN A 306 53.90 -33.28 15.90
CA ASN A 306 52.56 -33.84 15.78
C ASN A 306 52.58 -35.35 15.94
N ARG A 307 53.64 -36.02 15.46
CA ARG A 307 53.76 -37.46 15.65
C ARG A 307 54.02 -37.81 17.11
N GLU A 308 54.63 -36.91 17.88
CA GLU A 308 54.91 -37.21 19.27
C GLU A 308 53.64 -37.20 20.12
N ILE A 309 52.66 -36.36 19.76
CA ILE A 309 51.38 -36.38 20.46
C ILE A 309 50.64 -37.66 20.15
N LEU A 310 50.62 -38.08 18.89
CA LEU A 310 49.96 -39.32 18.50
C LEU A 310 50.68 -40.55 19.04
N LYS A 311 51.94 -40.41 19.46
CA LYS A 311 52.69 -41.54 20.00
C LYS A 311 52.01 -42.10 21.24
N GLU A 312 51.79 -41.26 22.25
CA GLU A 312 51.19 -41.71 23.50
C GLU A 312 49.67 -41.72 23.37
N PRO A 313 49.00 -42.79 23.77
CA PRO A 313 47.54 -42.86 23.59
C PRO A 313 46.81 -41.95 24.56
N VAL A 314 45.71 -41.35 24.06
CA VAL A 314 44.87 -40.46 24.83
C VAL A 314 43.43 -40.99 24.74
N HIS A 315 42.57 -40.43 25.60
CA HIS A 315 41.18 -40.86 25.66
C HIS A 315 40.31 -39.72 26.14
N GLY A 316 39.03 -39.78 25.78
CA GLY A 316 38.04 -38.83 26.23
C GLY A 316 37.07 -39.47 27.21
N VAL A 317 36.24 -38.62 27.82
CA VAL A 317 35.27 -39.07 28.80
C VAL A 317 33.86 -38.81 28.29
N TYR A 318 32.86 -39.09 29.11
CA TYR A 318 31.46 -38.93 28.73
C TYR A 318 30.84 -37.76 29.50
N TYR A 319 29.61 -37.42 29.10
CA TYR A 319 28.95 -36.21 29.56
C TYR A 319 28.16 -36.46 30.84
N ASP A 320 28.32 -35.57 31.81
CA ASP A 320 27.58 -35.62 33.08
C ASP A 320 26.72 -34.37 33.15
N PRO A 321 25.43 -34.47 32.79
CA PRO A 321 24.58 -33.27 32.74
C PRO A 321 24.46 -32.51 34.05
N SER A 322 24.86 -33.10 35.17
CA SER A 322 24.77 -32.39 36.45
C SER A 322 25.88 -31.35 36.58
N LYS A 323 27.09 -31.69 36.17
CA LYS A 323 28.25 -30.82 36.33
C LYS A 323 28.39 -29.87 35.16
N ASP A 324 29.04 -28.73 35.42
CA ASP A 324 29.19 -27.68 34.43
C ASP A 324 30.09 -28.12 33.27
N LEU A 325 30.02 -27.36 32.18
CA LEU A 325 30.91 -27.53 31.03
C LEU A 325 31.98 -26.45 31.06
N ILE A 326 33.24 -26.86 30.89
CA ILE A 326 34.39 -25.96 30.93
C ILE A 326 35.16 -26.10 29.62
N ALA A 327 35.51 -24.96 29.03
CA ALA A 327 36.31 -24.92 27.81
C ALA A 327 37.47 -23.96 28.01
N GLU A 328 38.69 -24.46 27.91
CA GLU A 328 39.90 -23.66 28.09
C GLU A 328 40.68 -23.62 26.79
N ILE A 329 41.17 -22.43 26.43
CA ILE A 329 41.84 -22.19 25.16
C ILE A 329 43.28 -21.75 25.43
N GLN A 330 44.20 -22.18 24.57
CA GLN A 330 45.57 -21.72 24.59
C GLN A 330 45.94 -21.16 23.23
N LYS A 331 46.85 -20.19 23.23
CA LYS A 331 47.37 -19.61 21.99
C LYS A 331 48.60 -20.37 21.54
N GLN A 332 48.59 -20.81 20.29
CA GLN A 332 49.69 -21.56 19.71
C GLN A 332 50.56 -20.75 18.75
N GLY A 333 50.19 -19.51 18.47
CA GLY A 333 51.00 -18.70 17.59
C GLY A 333 50.64 -18.89 16.13
N GLN A 334 50.94 -17.85 15.34
CA GLN A 334 50.63 -17.82 13.91
C GLN A 334 49.15 -18.05 13.65
N GLY A 335 48.31 -17.37 14.44
CA GLY A 335 46.87 -17.51 14.28
C GLY A 335 46.36 -18.91 14.50
N GLN A 336 46.96 -19.65 15.43
CA GLN A 336 46.54 -21.01 15.75
C GLN A 336 46.10 -21.08 17.21
N TRP A 337 45.01 -21.79 17.45
CA TRP A 337 44.46 -21.90 18.79
C TRP A 337 43.98 -23.33 19.00
N THR A 338 44.18 -23.84 20.22
CA THR A 338 43.65 -25.14 20.62
C THR A 338 42.83 -24.97 21.89
N TYR A 339 41.95 -25.93 22.14
CA TYR A 339 41.07 -25.87 23.29
C TYR A 339 40.78 -27.27 23.79
N GLN A 340 40.36 -27.34 25.05
CA GLN A 340 39.89 -28.57 25.67
C GLN A 340 38.56 -28.31 26.32
N ILE A 341 37.59 -29.20 26.09
CA ILE A 341 36.29 -29.15 26.72
C ILE A 341 36.22 -30.30 27.72
N TYR A 342 36.05 -29.97 28.99
CA TYR A 342 36.04 -30.98 30.05
C TYR A 342 35.01 -30.61 31.10
N GLN A 343 34.80 -31.53 32.03
CA GLN A 343 33.97 -31.29 33.21
C GLN A 343 34.74 -31.49 34.51
N GLU A 344 35.41 -32.62 34.67
CA GLU A 344 36.40 -32.80 35.72
C GLU A 344 37.77 -32.42 35.18
N PRO A 345 38.58 -31.71 35.97
CA PRO A 345 39.88 -31.25 35.49
C PRO A 345 40.76 -32.41 35.03
N PHE A 346 41.48 -32.18 33.92
CA PHE A 346 42.41 -33.12 33.31
C PHE A 346 41.75 -34.35 32.73
N LYS A 347 40.42 -34.40 32.71
CA LYS A 347 39.66 -35.47 32.05
C LYS A 347 38.83 -34.84 30.94
N ASN A 348 39.35 -34.91 29.71
CA ASN A 348 38.77 -34.17 28.61
C ASN A 348 37.55 -34.89 28.04
N LEU A 349 36.52 -34.11 27.67
CA LEU A 349 35.45 -34.63 26.85
C LEU A 349 35.89 -34.72 25.39
N LYS A 350 36.45 -33.63 24.87
CA LYS A 350 37.01 -33.60 23.52
C LYS A 350 37.90 -32.37 23.42
N THR A 351 38.73 -32.35 22.39
CA THR A 351 39.59 -31.22 22.08
C THR A 351 39.27 -30.71 20.67
N GLY A 352 39.99 -29.69 20.25
CA GLY A 352 39.79 -29.12 18.94
C GLY A 352 40.76 -27.98 18.71
N LYS A 353 40.60 -27.33 17.57
CA LYS A 353 41.49 -26.23 17.20
C LYS A 353 40.76 -25.29 16.25
N TYR A 354 41.04 -24.00 16.42
CA TYR A 354 40.58 -22.95 15.50
C TYR A 354 41.81 -22.26 14.94
N ALA A 355 41.99 -22.35 13.63
CA ALA A 355 43.14 -21.74 12.96
C ALA A 355 42.74 -20.85 11.79
N ARG A 356 41.45 -20.60 11.62
CA ARG A 356 40.98 -19.82 10.46
C ARG A 356 41.52 -18.40 10.52
N MET A 357 42.11 -17.95 9.42
CA MET A 357 42.58 -16.57 9.26
C MET A 357 41.49 -15.78 8.55
N ARG A 358 40.76 -14.96 9.30
CA ARG A 358 39.64 -14.21 8.79
C ARG A 358 40.05 -12.75 8.58
N GLY A 359 40.08 -12.32 7.31
CA GLY A 359 40.38 -10.95 6.98
C GLY A 359 41.85 -10.70 6.69
N ALA A 360 42.10 -9.52 6.11
CA ALA A 360 43.48 -9.13 5.78
C ALA A 360 44.24 -8.66 7.01
N HIS A 361 43.57 -7.93 7.90
CA HIS A 361 44.19 -7.42 9.11
C HIS A 361 43.36 -7.85 10.31
N THR A 362 44.02 -8.39 11.32
CA THR A 362 43.34 -8.91 12.50
C THR A 362 44.27 -8.76 13.70
N ASN A 363 43.79 -9.20 14.86
CA ASN A 363 44.59 -9.24 16.07
C ASN A 363 44.21 -10.48 16.86
N ASP A 364 44.94 -10.73 17.95
CA ASP A 364 44.69 -11.92 18.74
C ASP A 364 43.35 -11.85 19.46
N VAL A 365 42.88 -10.65 19.76
CA VAL A 365 41.60 -10.51 20.45
C VAL A 365 40.46 -10.89 19.51
N LYS A 366 40.51 -10.40 18.26
CA LYS A 366 39.52 -10.79 17.26
C LYS A 366 39.52 -12.31 17.07
N GLN A 367 40.70 -12.89 16.90
CA GLN A 367 40.80 -14.32 16.64
C GLN A 367 40.37 -15.15 17.84
N LEU A 368 40.56 -14.63 19.05
CA LEU A 368 40.12 -15.34 20.24
C LEU A 368 38.60 -15.36 20.34
N THR A 369 37.94 -14.24 20.03
CA THR A 369 36.48 -14.22 20.02
C THR A 369 35.93 -15.18 18.97
N GLU A 370 36.57 -15.24 17.80
CA GLU A 370 36.12 -16.16 16.76
C GLU A 370 36.28 -17.61 17.18
N ALA A 371 37.31 -17.92 17.97
CA ALA A 371 37.48 -19.28 18.45
C ALA A 371 36.47 -19.61 19.54
N VAL A 372 36.13 -18.61 20.38
CA VAL A 372 35.08 -18.80 21.37
C VAL A 372 33.75 -19.08 20.68
N GLN A 373 33.49 -18.38 19.58
CA GLN A 373 32.23 -18.58 18.85
C GLN A 373 32.18 -19.94 18.19
N LYS A 374 33.31 -20.42 17.67
CA LYS A 374 33.34 -21.76 17.08
C LYS A 374 33.06 -22.82 18.14
N ILE A 375 33.63 -22.64 19.34
CA ILE A 375 33.42 -23.61 20.41
C ILE A 375 31.97 -23.57 20.89
N THR A 376 31.39 -22.39 21.02
CA THR A 376 30.01 -22.28 21.50
C THR A 376 29.05 -23.03 20.59
N THR A 377 29.13 -22.78 19.28
CA THR A 377 28.28 -23.50 18.34
C THR A 377 28.53 -25.00 18.43
N GLU A 378 29.79 -25.41 18.51
CA GLU A 378 30.12 -26.83 18.63
C GLU A 378 29.52 -27.41 19.90
N SER A 379 29.57 -26.65 21.01
CA SER A 379 29.05 -27.16 22.27
C SER A 379 27.53 -27.18 22.26
N ILE A 380 26.89 -26.19 21.63
CA ILE A 380 25.44 -26.20 21.51
C ILE A 380 24.97 -27.38 20.67
N VAL A 381 25.79 -27.80 19.69
CA VAL A 381 25.44 -28.97 18.88
C VAL A 381 25.47 -30.23 19.74
N ILE A 382 26.56 -30.42 20.50
CA ILE A 382 26.79 -31.70 21.16
C ILE A 382 25.98 -31.80 22.46
N TRP A 383 26.05 -30.77 23.30
CA TRP A 383 25.42 -30.81 24.61
C TRP A 383 24.25 -29.86 24.76
N GLY A 384 23.99 -29.01 23.76
CA GLY A 384 22.86 -28.10 23.86
C GLY A 384 23.02 -26.98 24.85
N LYS A 385 24.24 -26.70 25.30
CA LYS A 385 24.49 -25.60 26.23
C LYS A 385 25.83 -24.97 25.92
N THR A 386 26.02 -23.76 26.42
CA THR A 386 27.26 -23.01 26.24
C THR A 386 28.20 -23.28 27.40
N PRO A 387 29.46 -23.61 27.15
CA PRO A 387 30.39 -23.91 28.23
C PRO A 387 30.91 -22.65 28.90
N LYS A 388 31.42 -22.84 30.11
CA LYS A 388 32.16 -21.79 30.80
C LYS A 388 33.58 -21.74 30.27
N PHE A 389 34.07 -20.54 30.00
CA PHE A 389 35.34 -20.36 29.32
C PHE A 389 36.44 -19.95 30.29
N LYS A 390 37.61 -20.55 30.13
CA LYS A 390 38.83 -20.10 30.79
C LYS A 390 39.75 -19.54 29.70
N LEU A 391 39.93 -18.22 29.68
CA LEU A 391 40.59 -17.57 28.56
C LEU A 391 41.92 -16.96 28.99
N PRO A 392 42.97 -17.09 28.17
CA PRO A 392 44.28 -16.51 28.47
C PRO A 392 44.37 -15.02 28.11
N ILE A 393 43.41 -14.25 28.59
CA ILE A 393 43.37 -12.81 28.37
C ILE A 393 42.92 -12.13 29.66
N GLN A 394 43.63 -11.09 30.06
CA GLN A 394 43.28 -10.40 31.30
C GLN A 394 41.89 -9.79 31.18
N LYS A 395 41.18 -9.75 32.31
CA LYS A 395 39.84 -9.18 32.32
C LYS A 395 39.87 -7.71 31.88
N GLU A 396 40.89 -6.97 32.30
CA GLU A 396 41.01 -5.57 31.88
C GLU A 396 41.35 -5.47 30.40
N THR A 397 42.16 -6.38 29.89
CA THR A 397 42.48 -6.39 28.46
C THR A 397 41.21 -6.48 27.63
N TRP A 398 40.36 -7.46 27.95
CA TRP A 398 39.09 -7.60 27.24
C TRP A 398 38.20 -6.38 27.44
N GLU A 399 38.08 -5.92 28.69
CA GLU A 399 37.23 -4.77 28.98
C GLU A 399 37.62 -3.56 28.15
N THR A 400 38.92 -3.35 27.93
CA THR A 400 39.35 -2.24 27.09
C THR A 400 38.97 -2.47 25.63
N TRP A 401 39.05 -3.73 25.17
CA TRP A 401 38.82 -4.00 23.76
C TRP A 401 37.35 -3.80 23.38
N TRP A 402 36.45 -4.49 24.06
CA TRP A 402 35.06 -4.51 23.60
C TRP A 402 34.36 -3.18 23.85
N THR A 403 34.75 -2.45 24.90
CA THR A 403 34.13 -1.16 25.16
C THR A 403 34.49 -0.13 24.09
N GLU A 404 35.74 -0.14 23.62
CA GLU A 404 36.22 0.86 22.67
C GLU A 404 35.90 0.52 21.23
N TYR A 405 35.86 -0.77 20.88
CA TYR A 405 35.61 -1.18 19.50
C TYR A 405 34.26 -0.64 19.02
N TRP A 406 34.22 -0.21 17.75
CA TRP A 406 33.01 0.37 17.20
C TRP A 406 31.95 -0.66 16.85
N GLN A 407 32.30 -1.93 16.77
CA GLN A 407 31.36 -2.99 16.50
C GLN A 407 30.98 -3.71 17.79
N ALA A 408 29.75 -4.21 17.82
CA ALA A 408 29.30 -4.98 18.97
C ALA A 408 30.04 -6.30 19.03
N THR A 409 30.52 -6.66 20.22
CA THR A 409 31.24 -7.92 20.40
C THR A 409 31.07 -8.34 21.86
N TRP A 410 31.19 -9.63 22.10
CA TRP A 410 30.86 -10.16 23.41
C TRP A 410 31.47 -11.56 23.57
N ILE A 411 31.67 -11.95 24.82
CA ILE A 411 32.13 -13.29 25.18
C ILE A 411 31.24 -13.78 26.31
N PRO A 412 30.78 -15.04 26.27
CA PRO A 412 29.95 -15.56 27.38
C PRO A 412 30.72 -15.64 28.68
N GLU A 413 30.12 -16.24 29.70
CA GLU A 413 30.74 -16.31 31.02
C GLU A 413 32.15 -16.88 30.92
N TRP A 414 33.13 -16.13 31.40
CA TRP A 414 34.52 -16.53 31.27
C TRP A 414 35.32 -15.94 32.41
N GLU A 415 36.45 -16.59 32.70
CA GLU A 415 37.38 -16.14 33.73
C GLU A 415 38.80 -16.20 33.18
N PHE A 416 39.68 -15.41 33.79
CA PHE A 416 41.06 -15.31 33.32
C PHE A 416 41.88 -16.49 33.81
N VAL A 417 42.62 -17.12 32.90
CA VAL A 417 43.59 -18.14 33.25
C VAL A 417 44.97 -17.62 32.88
N ASN A 418 45.92 -17.76 33.80
CA ASN A 418 47.21 -17.11 33.69
C ASN A 418 48.19 -17.88 32.80
N THR A 419 47.73 -18.88 32.06
CA THR A 419 48.59 -19.67 31.20
C THR A 419 49.15 -18.85 30.04
N PRO A 420 50.46 -18.59 30.01
CA PRO A 420 51.03 -17.80 28.90
C PRO A 420 51.22 -18.66 27.67
N PRO A 421 51.36 -18.05 26.47
CA PRO A 421 51.34 -16.62 26.17
C PRO A 421 49.96 -15.98 26.27
N LEU A 422 49.88 -14.83 26.94
CA LEU A 422 48.62 -14.14 27.13
C LEU A 422 48.27 -13.30 25.90
N VAL A 423 46.97 -13.10 25.71
CA VAL A 423 46.45 -12.25 24.64
C VAL A 423 46.42 -10.81 25.15
N LYS A 424 46.90 -9.89 24.32
CA LYS A 424 46.96 -8.49 24.72
C LYS A 424 46.78 -7.59 23.51
N LEU A 425 46.48 -6.32 23.80
CA LEU A 425 46.46 -5.28 22.79
C LEU A 425 47.82 -4.60 22.77
N TRP A 426 48.46 -4.59 21.60
CA TRP A 426 49.86 -4.19 21.52
C TRP A 426 50.06 -2.67 21.44
N TYR A 427 49.00 -1.89 21.26
CA TYR A 427 49.10 -0.45 21.30
C TYR A 427 47.71 0.14 21.47
N GLN A 428 47.67 1.45 21.74
CA GLN A 428 46.42 2.13 22.03
C GLN A 428 46.50 3.55 21.51
N LEU A 429 45.59 3.91 20.61
CA LEU A 429 45.51 5.27 20.10
C LEU A 429 44.91 6.19 21.16
N GLU A 430 45.50 7.36 21.34
CA GLU A 430 44.96 8.33 22.28
C GLU A 430 43.58 8.80 21.81
N LYS A 431 42.69 9.03 22.78
CA LYS A 431 41.38 9.57 22.47
C LYS A 431 41.42 11.07 22.22
N GLU A 432 42.42 11.76 22.75
CA GLU A 432 42.57 13.20 22.64
C GLU A 432 43.99 13.53 22.20
N PRO A 433 44.18 14.66 21.51
CA PRO A 433 45.52 15.01 21.02
C PRO A 433 46.51 15.18 22.17
N ILE A 434 47.78 14.95 21.85
CA ILE A 434 48.85 14.91 22.82
C ILE A 434 49.53 16.28 22.89
N VAL A 435 49.50 16.89 24.08
CA VAL A 435 50.17 18.17 24.27
C VAL A 435 51.68 17.96 24.26
N GLY A 436 52.39 18.78 23.50
CA GLY A 436 53.82 18.68 23.40
C GLY A 436 54.33 17.71 22.37
N ALA A 437 53.45 16.99 21.69
CA ALA A 437 53.84 16.07 20.63
C ALA A 437 53.77 16.77 19.28
N GLU A 438 54.74 16.45 18.41
CA GLU A 438 54.77 17.03 17.08
C GLU A 438 53.56 16.55 16.27
N THR A 439 53.01 17.46 15.47
CA THR A 439 51.78 17.20 14.71
C THR A 439 52.13 17.02 13.25
N PHE A 440 51.89 15.83 12.72
CA PHE A 440 52.26 15.45 11.36
C PHE A 440 51.01 15.43 10.50
N TYR A 441 50.93 16.36 9.54
CA TYR A 441 49.88 16.35 8.53
C TYR A 441 50.38 15.52 7.35
N VAL A 442 49.81 14.33 7.17
CA VAL A 442 50.28 13.40 6.16
C VAL A 442 49.29 13.34 5.00
N ASP A 443 49.80 12.93 3.84
CA ASP A 443 48.97 12.73 2.66
C ASP A 443 49.75 11.91 1.64
N GLY A 444 49.00 11.28 0.75
CA GLY A 444 49.59 10.48 -0.31
C GLY A 444 48.67 10.46 -1.51
N ALA A 445 49.27 10.21 -2.68
CA ALA A 445 48.52 10.18 -3.92
C ALA A 445 49.32 9.40 -4.95
N ALA A 446 48.60 8.71 -5.84
CA ALA A 446 49.22 7.90 -6.87
C ALA A 446 48.51 8.15 -8.20
N ASN A 447 49.25 7.99 -9.29
CA ASN A 447 48.70 8.15 -10.64
C ASN A 447 48.17 6.81 -11.11
N ARG A 448 46.92 6.80 -11.58
CA ARG A 448 46.27 5.56 -11.99
C ARG A 448 47.02 4.90 -13.14
N GLU A 449 47.51 5.69 -14.11
CA GLU A 449 48.21 5.11 -15.24
C GLU A 449 49.67 4.84 -14.92
N THR A 450 50.38 5.85 -14.43
CA THR A 450 51.81 5.73 -14.20
C THR A 450 52.14 4.73 -13.10
N LYS A 451 51.18 4.42 -12.22
CA LYS A 451 51.40 3.67 -10.99
C LYS A 451 52.46 4.31 -10.10
N LEU A 452 52.83 5.56 -10.38
CA LEU A 452 53.80 6.30 -9.60
C LEU A 452 53.06 7.26 -8.69
N GLY A 453 53.58 7.44 -7.48
CA GLY A 453 52.93 8.30 -6.51
C GLY A 453 53.91 8.87 -5.51
N LYS A 454 53.40 9.77 -4.69
CA LYS A 454 54.18 10.41 -3.64
C LYS A 454 53.44 10.26 -2.32
N ALA A 455 54.22 10.22 -1.24
CA ALA A 455 53.71 10.15 0.12
C ALA A 455 54.60 10.99 1.02
N GLY A 456 54.01 11.92 1.75
CA GLY A 456 54.81 12.81 2.57
C GLY A 456 54.03 13.41 3.71
N TYR A 457 54.64 14.39 4.36
CA TYR A 457 54.03 15.03 5.51
C TYR A 457 54.60 16.43 5.69
N VAL A 458 53.88 17.23 6.47
CA VAL A 458 54.35 18.52 6.98
C VAL A 458 54.02 18.56 8.46
N THR A 459 54.85 19.25 9.23
CA THR A 459 54.65 19.35 10.67
C THR A 459 54.55 20.82 11.09
N ASN A 460 54.08 21.01 12.31
CA ASN A 460 53.99 22.35 12.88
C ASN A 460 55.37 22.94 13.11
N LYS A 461 56.37 22.09 13.40
CA LYS A 461 57.73 22.52 13.66
C LYS A 461 58.55 22.71 12.39
N GLY A 462 57.92 22.65 11.21
CA GLY A 462 58.61 22.86 9.95
C GLY A 462 59.13 21.61 9.27
N ARG A 463 59.14 20.47 9.96
CA ARG A 463 59.64 19.23 9.37
C ARG A 463 58.83 18.86 8.13
N GLN A 464 59.46 18.09 7.23
CA GLN A 464 58.87 17.75 5.95
C GLN A 464 59.61 16.56 5.35
N LYS A 465 58.91 15.86 4.46
CA LYS A 465 59.46 14.77 3.66
C LYS A 465 58.47 14.45 2.56
N VAL A 466 58.98 14.11 1.38
CA VAL A 466 58.18 13.55 0.30
C VAL A 466 59.00 12.45 -0.36
N VAL A 467 58.36 11.31 -0.62
CA VAL A 467 59.06 10.14 -1.15
C VAL A 467 58.40 9.73 -2.45
N PRO A 468 59.14 9.56 -3.54
CA PRO A 468 58.54 8.99 -4.76
C PRO A 468 58.32 7.50 -4.59
N LEU A 469 57.20 7.02 -5.12
CA LEU A 469 56.78 5.63 -4.97
C LEU A 469 56.54 5.00 -6.34
N THR A 470 57.01 3.78 -6.51
CA THR A 470 56.99 3.08 -7.78
C THR A 470 56.01 1.91 -7.71
N ASN A 471 55.18 1.77 -8.75
CA ASN A 471 54.22 0.68 -8.89
C ASN A 471 53.36 0.55 -7.63
N THR A 472 52.64 1.64 -7.33
CA THR A 472 51.87 1.75 -6.11
C THR A 472 50.43 2.15 -6.44
N THR A 473 49.60 2.21 -5.41
CA THR A 473 48.20 2.57 -5.55
C THR A 473 47.89 3.73 -4.62
N ASN A 474 46.74 4.36 -4.87
CA ASN A 474 46.32 5.49 -4.04
C ASN A 474 46.24 5.10 -2.57
N GLN A 475 45.72 3.90 -2.28
CA GLN A 475 45.62 3.45 -0.90
C GLN A 475 47.00 3.25 -0.27
N LYS A 476 47.91 2.60 -1.00
CA LYS A 476 49.23 2.31 -0.46
C LYS A 476 49.98 3.59 -0.12
N THR A 477 49.82 4.63 -0.94
CA THR A 477 50.48 5.89 -0.63
C THR A 477 49.90 6.52 0.63
N GLU A 478 48.59 6.37 0.86
CA GLU A 478 47.98 6.90 2.06
C GLU A 478 48.50 6.17 3.31
N LEU A 479 48.71 4.87 3.21
CA LEU A 479 49.36 4.15 4.30
C LEU A 479 50.83 4.54 4.41
N GLN A 480 51.50 4.70 3.27
CA GLN A 480 52.92 5.04 3.28
C GLN A 480 53.17 6.38 3.96
N ALA A 481 52.29 7.36 3.72
CA ALA A 481 52.44 8.66 4.35
C ALA A 481 52.38 8.55 5.88
N ILE A 482 51.58 7.64 6.41
CA ILE A 482 51.51 7.45 7.84
C ILE A 482 52.75 6.73 8.36
N TYR A 483 53.26 5.76 7.58
CA TYR A 483 54.50 5.08 7.94
C TYR A 483 55.64 6.09 8.08
N LEU A 484 55.72 7.05 7.16
CA LEU A 484 56.79 8.05 7.22
C LEU A 484 56.67 8.88 8.49
N ALA A 485 55.46 9.37 8.80
CA ALA A 485 55.27 10.15 10.00
C ALA A 485 55.58 9.34 11.26
N LEU A 486 55.32 8.03 11.22
CA LEU A 486 55.66 7.18 12.36
C LEU A 486 57.16 6.97 12.48
N GLN A 487 57.85 6.84 11.34
CA GLN A 487 59.30 6.65 11.39
C GLN A 487 60.01 7.90 11.88
N ASP A 488 59.60 9.06 11.41
CA ASP A 488 60.32 10.31 11.62
C ASP A 488 59.81 11.10 12.81
N SER A 489 59.14 10.46 13.77
CA SER A 489 58.58 11.15 14.91
C SER A 489 59.16 10.57 16.20
N GLY A 490 58.95 11.31 17.29
CA GLY A 490 59.37 10.87 18.60
C GLY A 490 58.44 9.82 19.18
N LEU A 491 58.56 9.61 20.50
CA LEU A 491 57.72 8.63 21.17
C LEU A 491 56.26 9.05 21.23
N GLU A 492 55.96 10.33 21.13
CA GLU A 492 54.60 10.84 21.14
C GLU A 492 54.39 11.69 19.90
N VAL A 493 53.32 11.42 19.17
CA VAL A 493 53.12 12.05 17.86
C VAL A 493 51.62 12.17 17.59
N ASN A 494 51.22 13.31 17.03
CA ASN A 494 49.89 13.52 16.48
C ASN A 494 49.96 13.43 14.97
N ILE A 495 49.08 12.61 14.39
CA ILE A 495 49.06 12.38 12.94
C ILE A 495 47.68 12.73 12.41
N VAL A 496 47.64 13.60 11.41
CA VAL A 496 46.41 14.06 10.80
C VAL A 496 46.39 13.55 9.35
N THR A 497 45.44 12.68 9.05
CA THR A 497 45.29 12.11 7.71
C THR A 497 43.92 12.44 7.15
N ASN A 498 43.78 12.23 5.84
CA ASN A 498 42.49 12.32 5.16
C ASN A 498 42.08 10.97 4.58
N SER A 499 42.82 9.91 4.88
CA SER A 499 42.55 8.59 4.35
C SER A 499 41.55 7.87 5.25
N GLN A 500 40.31 7.70 4.76
CA GLN A 500 39.36 6.86 5.48
C GLN A 500 39.85 5.41 5.52
N TYR A 501 40.42 4.94 4.40
CA TYR A 501 40.87 3.55 4.31
C TYR A 501 41.91 3.23 5.38
N ALA A 502 42.93 4.08 5.52
CA ALA A 502 44.01 3.80 6.45
C ALA A 502 43.53 3.89 7.89
N LEU A 503 42.75 4.93 8.22
CA LEU A 503 42.31 5.13 9.59
C LEU A 503 41.44 3.98 10.07
N GLY A 504 40.58 3.45 9.19
CA GLY A 504 39.76 2.31 9.56
C GLY A 504 40.59 1.09 9.90
N ILE A 505 41.64 0.83 9.11
CA ILE A 505 42.50 -0.32 9.36
C ILE A 505 43.21 -0.18 10.70
N ILE A 506 43.79 0.99 10.96
CA ILE A 506 44.65 1.18 12.13
C ILE A 506 43.82 1.25 13.41
N GLN A 507 42.66 1.90 13.35
CA GLN A 507 41.83 2.05 14.56
C GLN A 507 41.36 0.71 15.12
N ALA A 508 41.34 -0.34 14.31
CA ALA A 508 40.98 -1.68 14.78
C ALA A 508 42.11 -2.38 15.51
N GLN A 509 43.23 -1.68 15.74
CA GLN A 509 44.36 -2.19 16.51
C GLN A 509 44.84 -3.58 16.07
N PRO A 510 45.21 -3.76 14.81
CA PRO A 510 45.72 -5.08 14.39
C PRO A 510 47.15 -5.31 14.86
N ASP A 511 47.47 -6.58 15.09
CA ASP A 511 48.83 -7.00 15.38
C ASP A 511 49.40 -7.92 14.31
N LYS A 512 48.61 -8.28 13.30
CA LYS A 512 49.04 -9.12 12.20
C LYS A 512 48.37 -8.63 10.93
N SER A 513 49.03 -8.83 9.79
CA SER A 513 48.46 -8.38 8.53
C SER A 513 49.06 -9.18 7.39
N GLU A 514 48.26 -9.36 6.33
CA GLU A 514 48.80 -9.89 5.08
C GLU A 514 49.70 -8.89 4.40
N SER A 515 49.37 -7.59 4.52
CA SER A 515 50.17 -6.53 3.92
C SER A 515 51.43 -6.30 4.73
N GLU A 516 52.59 -6.39 4.08
CA GLU A 516 53.84 -6.15 4.79
C GLU A 516 54.00 -4.69 5.16
N LEU A 517 53.41 -3.78 4.37
CA LEU A 517 53.46 -2.36 4.72
C LEU A 517 52.73 -2.09 6.03
N VAL A 518 51.62 -2.79 6.26
CA VAL A 518 50.86 -2.60 7.49
C VAL A 518 51.62 -3.18 8.67
N ASN A 519 52.27 -4.33 8.48
CA ASN A 519 53.10 -4.90 9.54
C ASN A 519 54.18 -3.92 9.99
N GLN A 520 54.75 -3.17 9.05
CA GLN A 520 55.74 -2.16 9.43
C GLN A 520 55.10 -0.99 10.16
N ILE A 521 53.86 -0.64 9.80
CA ILE A 521 53.13 0.37 10.56
C ILE A 521 52.81 -0.16 11.95
N ILE A 522 52.34 -1.41 12.03
CA ILE A 522 52.10 -2.04 13.33
C ILE A 522 53.38 -2.06 14.15
N GLU A 523 54.48 -2.51 13.54
CA GLU A 523 55.76 -2.56 14.23
C GLU A 523 56.15 -1.19 14.79
N GLN A 524 55.87 -0.13 14.03
CA GLN A 524 56.18 1.21 14.51
C GLN A 524 55.24 1.63 15.64
N LEU A 525 53.96 1.32 15.51
CA LEU A 525 52.98 1.73 16.52
C LEU A 525 53.27 1.09 17.87
N ILE A 526 53.77 -0.15 17.88
CA ILE A 526 54.12 -0.80 19.13
C ILE A 526 55.27 -0.07 19.81
N LYS A 527 56.20 0.47 19.01
CA LYS A 527 57.35 1.18 19.58
C LYS A 527 56.95 2.51 20.21
N LYS A 528 55.92 3.17 19.70
CA LYS A 528 55.54 4.48 20.18
C LYS A 528 54.97 4.41 21.59
N GLU A 529 54.96 5.56 22.26
CA GLU A 529 54.38 5.69 23.59
C GLU A 529 52.99 6.33 23.57
N LYS A 530 52.77 7.31 22.71
CA LYS A 530 51.47 7.94 22.56
C LYS A 530 51.26 8.29 21.09
N VAL A 531 50.23 7.72 20.47
CA VAL A 531 49.85 8.04 19.11
C VAL A 531 48.42 8.56 19.13
N TYR A 532 48.19 9.68 18.45
CA TYR A 532 46.85 10.23 18.28
C TYR A 532 46.58 10.37 16.79
N LEU A 533 45.60 9.62 16.30
CA LEU A 533 45.18 9.68 14.91
C LEU A 533 43.90 10.49 14.79
N ALA A 534 43.82 11.31 13.73
CA ALA A 534 42.67 12.16 13.49
C ALA A 534 42.37 12.13 11.99
N TRP A 535 41.21 12.65 11.62
CA TRP A 535 40.77 12.64 10.24
C TRP A 535 40.19 13.99 9.87
N VAL A 536 40.57 14.48 8.69
CA VAL A 536 40.03 15.72 8.14
C VAL A 536 39.66 15.47 6.68
N PRO A 537 38.66 16.15 6.14
CA PRO A 537 38.33 15.99 4.72
C PRO A 537 39.35 16.65 3.83
N ALA A 538 39.55 16.06 2.65
CA ALA A 538 40.51 16.59 1.69
C ALA A 538 39.91 17.76 0.92
N HIS A 539 40.79 18.59 0.36
CA HIS A 539 40.43 19.69 -0.53
C HIS A 539 39.53 20.72 0.14
N LYS A 540 39.56 20.80 1.48
CA LYS A 540 38.79 21.79 2.21
C LYS A 540 39.65 22.95 2.70
N GLY A 541 40.89 23.06 2.22
CA GLY A 541 41.77 24.10 2.71
C GLY A 541 42.09 23.96 4.19
N ILE A 542 42.22 22.72 4.66
CA ILE A 542 42.40 22.45 6.08
C ILE A 542 43.88 22.30 6.40
N GLY A 543 44.33 23.04 7.42
CA GLY A 543 45.60 22.79 8.07
C GLY A 543 46.76 22.63 7.12
N GLY A 544 47.67 21.74 7.47
CA GLY A 544 48.69 21.31 6.55
C GLY A 544 48.22 20.26 5.58
N ASN A 545 46.96 19.83 5.75
CA ASN A 545 46.37 18.87 4.81
C ASN A 545 46.25 19.46 3.42
N GLU A 546 46.12 20.78 3.32
CA GLU A 546 46.14 21.44 2.02
C GLU A 546 47.57 21.63 1.51
N GLN A 547 48.52 21.87 2.41
CA GLN A 547 49.90 22.10 2.00
C GLN A 547 50.57 20.80 1.56
N VAL A 548 50.31 19.71 2.27
CA VAL A 548 50.88 18.42 1.88
C VAL A 548 50.11 17.80 0.72
N ASP A 549 48.86 18.20 0.51
CA ASP A 549 48.14 17.79 -0.69
C ASP A 549 48.77 18.39 -1.93
N LYS A 550 49.41 19.56 -1.80
CA LYS A 550 50.13 20.17 -2.91
C LYS A 550 51.45 19.47 -3.16
N LEU A 551 52.17 19.11 -2.10
CA LEU A 551 53.51 18.53 -2.25
C LEU A 551 53.46 17.17 -2.92
N VAL A 552 52.52 16.31 -2.52
CA VAL A 552 52.48 14.93 -3.00
C VAL A 552 51.82 14.79 -4.37
N SER A 553 51.30 15.87 -4.93
CA SER A 553 50.73 15.84 -6.27
C SER A 553 51.68 16.35 -7.33
N ALA A 554 52.64 17.21 -6.96
CA ALA A 554 53.63 17.72 -7.90
C ALA A 554 54.49 16.60 -8.47
N PRO B 5 -13.64 -27.14 9.59
CA PRO B 5 -14.54 -27.11 8.45
C PRO B 5 -14.78 -25.70 7.91
N ILE B 6 -13.73 -25.09 7.37
CA ILE B 6 -13.79 -23.74 6.83
C ILE B 6 -13.11 -23.75 5.46
N GLU B 7 -13.61 -22.88 4.57
CA GLU B 7 -13.04 -22.78 3.24
C GLU B 7 -11.62 -22.24 3.30
N THR B 8 -10.71 -22.86 2.55
CA THR B 8 -9.30 -22.52 2.58
C THR B 8 -8.99 -21.56 1.44
N VAL B 9 -8.47 -20.39 1.79
CA VAL B 9 -8.11 -19.39 0.78
C VAL B 9 -6.89 -19.86 0.00
N PRO B 10 -6.93 -19.87 -1.33
CA PRO B 10 -5.75 -20.30 -2.10
C PRO B 10 -4.65 -19.27 -2.07
N VAL B 11 -3.42 -19.75 -1.95
CA VAL B 11 -2.23 -18.89 -1.89
C VAL B 11 -1.20 -19.43 -2.88
N LYS B 12 -0.62 -18.54 -3.67
CA LYS B 12 0.42 -18.88 -4.63
C LYS B 12 1.62 -17.96 -4.43
N LEU B 13 2.82 -18.52 -4.61
CA LEU B 13 4.04 -17.74 -4.48
C LEU B 13 4.13 -16.67 -5.56
N LYS B 14 5.12 -15.80 -5.41
CA LYS B 14 5.38 -14.79 -6.43
C LYS B 14 5.70 -15.46 -7.77
N PRO B 15 5.36 -14.82 -8.89
CA PRO B 15 5.54 -15.46 -10.20
C PRO B 15 7.00 -15.83 -10.45
N GLY B 16 7.21 -17.09 -10.83
CA GLY B 16 8.54 -17.57 -11.14
C GLY B 16 9.45 -17.58 -9.93
N MET B 17 9.03 -18.26 -8.86
CA MET B 17 9.78 -18.26 -7.62
C MET B 17 9.54 -19.57 -6.90
N ASP B 18 10.57 -20.06 -6.21
CA ASP B 18 10.54 -21.34 -5.54
C ASP B 18 10.48 -21.14 -4.03
N GLY B 19 9.98 -22.16 -3.33
CA GLY B 19 9.77 -22.10 -1.90
C GLY B 19 11.07 -21.96 -1.12
N PRO B 20 10.95 -21.77 0.20
CA PRO B 20 12.14 -21.53 1.03
C PRO B 20 12.88 -22.83 1.33
N LYS B 21 14.20 -22.80 1.12
CA LYS B 21 15.10 -23.90 1.48
C LYS B 21 16.19 -23.32 2.36
N VAL B 22 15.96 -23.31 3.67
CA VAL B 22 16.87 -22.72 4.64
C VAL B 22 17.19 -23.76 5.71
N LYS B 23 18.47 -23.98 5.95
CA LYS B 23 18.88 -25.01 6.90
C LYS B 23 18.50 -24.63 8.33
N GLN B 24 18.37 -25.64 9.17
CA GLN B 24 18.04 -25.46 10.58
C GLN B 24 19.34 -25.33 11.38
N TRP B 25 19.42 -24.28 12.17
CA TRP B 25 20.64 -24.03 12.94
C TRP B 25 20.56 -24.73 14.30
N PRO B 26 21.70 -24.98 14.93
CA PRO B 26 21.70 -25.68 16.22
C PRO B 26 20.87 -24.95 17.26
N LEU B 27 20.21 -25.73 18.10
CA LEU B 27 19.38 -25.21 19.18
C LEU B 27 19.86 -25.74 20.52
N THR B 28 19.70 -24.92 21.56
CA THR B 28 20.04 -25.33 22.91
C THR B 28 19.07 -26.39 23.40
N GLU B 29 19.44 -27.04 24.52
CA GLU B 29 18.60 -28.08 25.09
C GLU B 29 17.25 -27.53 25.52
N GLU B 30 17.25 -26.43 26.28
CA GLU B 30 16.00 -25.88 26.78
C GLU B 30 15.06 -25.47 25.65
N LYS B 31 15.59 -25.12 24.49
CA LYS B 31 14.74 -24.77 23.36
C LYS B 31 14.23 -26.00 22.62
N ILE B 32 15.01 -27.07 22.55
CA ILE B 32 14.55 -28.27 21.87
C ILE B 32 13.47 -28.97 22.68
N LYS B 33 13.65 -29.06 24.00
CA LYS B 33 12.61 -29.62 24.86
C LYS B 33 11.32 -28.82 24.72
N ALA B 34 11.43 -27.49 24.72
CA ALA B 34 10.25 -26.64 24.55
C ALA B 34 9.59 -26.88 23.19
N LEU B 35 10.40 -27.09 22.15
CA LEU B 35 9.84 -27.26 20.81
C LEU B 35 9.15 -28.61 20.68
N VAL B 36 9.79 -29.68 21.16
CA VAL B 36 9.19 -31.00 21.09
C VAL B 36 7.88 -31.03 21.86
N GLU B 37 7.84 -30.38 23.03
CA GLU B 37 6.62 -30.34 23.82
C GLU B 37 5.55 -29.49 23.13
N ILE B 38 5.94 -28.34 22.59
CA ILE B 38 4.98 -27.50 21.87
C ILE B 38 4.46 -28.22 20.64
N CYS B 39 5.35 -28.92 19.92
CA CYS B 39 4.94 -29.58 18.68
C CYS B 39 4.14 -30.86 18.92
N THR B 40 4.36 -31.53 20.06
CA THR B 40 3.57 -32.72 20.36
C THR B 40 2.11 -32.37 20.57
N GLU B 41 1.83 -31.40 21.45
CA GLU B 41 0.45 -30.99 21.67
C GLU B 41 -0.15 -30.34 20.43
N MET B 42 0.65 -29.62 19.65
CA MET B 42 0.16 -29.07 18.39
C MET B 42 -0.17 -30.15 17.37
N GLU B 43 0.40 -31.35 17.52
CA GLU B 43 0.09 -32.44 16.60
C GLU B 43 -1.19 -33.17 17.00
N LYS B 44 -1.33 -33.50 18.29
CA LYS B 44 -2.56 -34.14 18.75
C LYS B 44 -3.76 -33.23 18.63
N GLU B 45 -3.55 -31.93 18.45
CA GLU B 45 -4.62 -30.98 18.15
C GLU B 45 -4.74 -30.72 16.65
N GLY B 46 -4.03 -31.49 15.83
CA GLY B 46 -4.13 -31.41 14.40
C GLY B 46 -3.56 -30.16 13.76
N LYS B 47 -2.96 -29.25 14.53
CA LYS B 47 -2.41 -28.04 13.95
C LYS B 47 -1.25 -28.33 13.00
N ILE B 48 -0.44 -29.36 13.31
CA ILE B 48 0.65 -29.78 12.45
C ILE B 48 0.66 -31.30 12.34
N SER B 49 1.35 -31.80 11.32
CA SER B 49 1.47 -33.23 11.09
C SER B 49 2.81 -33.53 10.42
N LYS B 50 3.41 -34.66 10.80
CA LYS B 50 4.75 -35.00 10.34
C LYS B 50 4.79 -35.26 8.84
N ILE B 51 5.94 -34.94 8.23
CA ILE B 51 6.16 -35.16 6.81
C ILE B 51 7.51 -35.85 6.60
N GLY B 52 7.94 -35.94 5.35
CA GLY B 52 9.14 -36.66 5.00
C GLY B 52 10.06 -35.86 4.09
N PRO B 53 11.20 -36.45 3.72
CA PRO B 53 12.18 -35.71 2.90
C PRO B 53 11.74 -35.49 1.46
N GLU B 54 10.60 -36.03 1.03
CA GLU B 54 10.09 -35.71 -0.30
C GLU B 54 9.76 -34.22 -0.44
N ASN B 55 9.52 -33.54 0.68
CA ASN B 55 9.30 -32.10 0.69
C ASN B 55 10.63 -31.38 0.64
N PRO B 56 10.96 -30.72 -0.48
CA PRO B 56 12.28 -30.08 -0.59
C PRO B 56 12.43 -28.80 0.20
N TYR B 57 11.34 -28.26 0.76
CA TYR B 57 11.38 -26.96 1.43
C TYR B 57 11.60 -27.13 2.92
N ASN B 58 12.23 -26.12 3.52
CA ASN B 58 12.41 -26.09 4.96
C ASN B 58 12.60 -24.66 5.44
N THR B 59 12.20 -24.40 6.69
CA THR B 59 12.28 -23.10 7.32
C THR B 59 12.79 -23.29 8.75
N PRO B 60 13.73 -22.45 9.19
CA PRO B 60 14.27 -22.61 10.54
C PRO B 60 13.22 -22.34 11.61
N VAL B 61 13.42 -22.96 12.77
CA VAL B 61 12.49 -22.86 13.89
C VAL B 61 13.30 -22.83 15.19
N PHE B 62 12.81 -22.06 16.14
CA PHE B 62 13.39 -22.02 17.49
C PHE B 62 12.32 -21.48 18.44
N ALA B 63 12.69 -21.33 19.70
CA ALA B 63 11.76 -20.88 20.73
C ALA B 63 12.33 -19.65 21.44
N ILE B 64 11.42 -18.86 22.01
CA ILE B 64 11.78 -17.65 22.76
C ILE B 64 10.93 -17.59 24.02
N LYS B 65 11.26 -16.61 24.86
CA LYS B 65 10.39 -16.16 25.94
C LYS B 65 10.19 -14.66 25.78
N LYS B 66 8.93 -14.23 25.74
CA LYS B 66 8.64 -12.81 25.72
C LYS B 66 9.15 -12.17 27.02
N LYS B 67 9.14 -10.83 27.04
CA LYS B 67 9.61 -10.10 28.20
C LYS B 67 8.83 -10.53 29.44
N ASP B 68 9.51 -11.17 30.39
CA ASP B 68 8.93 -11.67 31.63
C ASP B 68 7.96 -12.83 31.42
N SER B 69 8.05 -13.51 30.27
CA SER B 69 7.03 -14.50 29.91
C SER B 69 7.08 -15.74 30.79
N THR B 70 8.28 -16.29 31.01
CA THR B 70 8.50 -17.52 31.80
C THR B 70 7.95 -18.75 31.08
N LYS B 71 7.13 -18.55 30.04
CA LYS B 71 6.60 -19.64 29.24
C LYS B 71 7.21 -19.58 27.85
N TRP B 72 7.63 -20.73 27.34
CA TRP B 72 8.24 -20.81 26.02
C TRP B 72 7.21 -20.54 24.93
N ARG B 73 7.69 -19.97 23.83
CA ARG B 73 6.86 -19.63 22.69
C ARG B 73 7.57 -20.05 21.42
N LYS B 74 6.88 -20.81 20.57
CA LYS B 74 7.47 -21.27 19.33
C LYS B 74 7.56 -20.14 18.32
N LEU B 75 8.65 -20.12 17.56
CA LEU B 75 8.88 -19.07 16.59
C LEU B 75 9.54 -19.68 15.35
N VAL B 76 8.94 -19.43 14.19
CA VAL B 76 9.46 -19.91 12.92
C VAL B 76 9.97 -18.71 12.15
N ASP B 77 11.10 -18.88 11.47
CA ASP B 77 11.75 -17.76 10.78
C ASP B 77 11.30 -17.77 9.33
N PHE B 78 10.09 -17.24 9.11
CA PHE B 78 9.45 -17.24 7.80
C PHE B 78 9.91 -16.09 6.91
N ARG B 79 11.03 -15.43 7.26
CA ARG B 79 11.51 -14.31 6.46
C ARG B 79 11.71 -14.69 5.00
N GLU B 80 12.22 -15.89 4.75
CA GLU B 80 12.44 -16.32 3.38
C GLU B 80 11.12 -16.65 2.68
N LEU B 81 10.20 -17.27 3.40
CA LEU B 81 8.88 -17.54 2.84
C LEU B 81 8.11 -16.25 2.60
N ASN B 82 8.23 -15.28 3.52
CA ASN B 82 7.51 -14.03 3.37
C ASN B 82 7.96 -13.25 2.15
N LYS B 83 9.26 -13.31 1.84
CA LYS B 83 9.77 -12.65 0.64
C LYS B 83 9.24 -13.28 -0.64
N ARG B 84 8.74 -14.52 -0.56
CA ARG B 84 8.26 -15.25 -1.71
C ARG B 84 6.74 -15.31 -1.79
N THR B 85 6.05 -14.76 -0.79
CA THR B 85 4.60 -14.56 -0.82
C THR B 85 4.23 -13.08 -0.88
N GLN B 86 5.20 -12.23 -1.22
CA GLN B 86 5.02 -10.78 -1.10
C GLN B 86 3.84 -10.27 -1.91
N ASP B 87 3.52 -10.93 -3.03
CA ASP B 87 2.35 -10.55 -3.80
C ASP B 87 1.07 -10.61 -2.97
N PHE B 88 1.01 -11.53 -2.01
CA PHE B 88 -0.23 -11.80 -1.30
C PHE B 88 -0.57 -10.68 -0.32
N TRP B 89 0.30 -10.43 0.66
CA TRP B 89 -0.04 -9.60 1.80
C TRP B 89 0.17 -8.10 1.54
N GLU B 90 0.62 -7.71 0.35
CA GLU B 90 0.75 -6.30 -0.01
C GLU B 90 -0.30 -5.89 -1.04
N VAL B 91 -0.31 -6.54 -2.20
CA VAL B 91 -1.20 -6.13 -3.28
C VAL B 91 -2.64 -6.54 -2.99
N GLN B 92 -2.84 -7.82 -2.64
CA GLN B 92 -4.19 -8.39 -2.61
C GLN B 92 -4.93 -8.12 -1.30
N LEU B 93 -4.56 -8.83 -0.23
CA LEU B 93 -5.30 -8.82 1.03
C LEU B 93 -4.64 -7.95 2.09
N GLY B 94 -3.92 -6.91 1.69
CA GLY B 94 -3.21 -6.08 2.65
C GLY B 94 -4.15 -5.36 3.60
N ILE B 95 -3.53 -4.72 4.59
CA ILE B 95 -4.24 -4.03 5.66
C ILE B 95 -3.87 -2.56 5.59
N PRO B 96 -4.83 -1.63 5.65
CA PRO B 96 -4.48 -0.21 5.71
C PRO B 96 -3.85 0.15 7.03
N HIS B 97 -2.98 1.16 7.01
CA HIS B 97 -2.27 1.56 8.21
C HIS B 97 -2.92 2.79 8.82
N PRO B 98 -3.20 2.77 10.13
CA PRO B 98 -3.78 3.95 10.77
C PRO B 98 -2.73 4.98 11.16
N ALA B 99 -2.60 6.04 10.38
CA ALA B 99 -1.62 7.08 10.68
C ALA B 99 -1.84 7.73 12.04
N GLY B 100 -3.03 7.56 12.62
CA GLY B 100 -3.30 8.10 13.94
C GLY B 100 -2.85 7.25 15.11
N LEU B 101 -2.37 6.02 14.84
CA LEU B 101 -1.90 5.17 15.92
C LEU B 101 -0.70 5.78 16.63
N LYS B 102 0.22 6.35 15.86
CA LYS B 102 1.43 6.96 16.43
C LYS B 102 1.14 8.23 17.23
N LYS B 103 -0.09 8.75 17.16
CA LYS B 103 -0.47 9.95 17.89
C LYS B 103 -1.16 9.67 19.21
N LYS B 104 -1.43 8.40 19.53
CA LYS B 104 -2.12 8.07 20.76
C LYS B 104 -1.15 8.10 21.95
N LYS B 105 -1.68 8.48 23.12
CA LYS B 105 -0.84 8.63 24.30
C LYS B 105 -0.36 7.29 24.83
N SER B 106 -1.06 6.20 24.52
CA SER B 106 -0.68 4.87 24.98
C SER B 106 -1.10 3.87 23.92
N VAL B 107 -0.25 2.87 23.69
CA VAL B 107 -0.51 1.81 22.72
C VAL B 107 -0.09 0.49 23.35
N THR B 108 -0.94 -0.52 23.22
CA THR B 108 -0.72 -1.82 23.84
C THR B 108 -0.65 -2.91 22.78
N VAL B 109 0.30 -3.83 22.96
CA VAL B 109 0.54 -4.93 22.04
C VAL B 109 0.04 -6.21 22.69
N LEU B 110 -0.76 -6.96 21.95
CA LEU B 110 -1.32 -8.22 22.43
C LEU B 110 -1.01 -9.33 21.43
N ASP B 111 -0.66 -10.51 21.95
CA ASP B 111 -0.29 -11.65 21.12
C ASP B 111 -1.56 -12.40 20.75
N VAL B 112 -2.07 -12.15 19.54
CA VAL B 112 -3.26 -12.83 19.03
C VAL B 112 -2.90 -14.02 18.15
N GLY B 113 -1.64 -14.45 18.15
CA GLY B 113 -1.20 -15.51 17.27
C GLY B 113 -1.92 -16.84 17.46
N ASP B 114 -2.51 -17.07 18.63
CA ASP B 114 -3.18 -18.34 18.88
C ASP B 114 -4.50 -18.46 18.11
N ALA B 115 -5.03 -17.36 17.59
CA ALA B 115 -6.29 -17.42 16.85
C ALA B 115 -6.11 -17.91 15.43
N TYR B 116 -4.91 -17.73 14.86
CA TYR B 116 -4.65 -18.19 13.50
C TYR B 116 -4.78 -19.69 13.37
N PHE B 117 -4.64 -20.44 14.47
CA PHE B 117 -4.79 -21.88 14.43
C PHE B 117 -6.23 -22.31 14.14
N SER B 118 -7.19 -21.40 14.27
CA SER B 118 -8.57 -21.73 13.96
C SER B 118 -8.76 -22.01 12.47
N VAL B 119 -8.38 -21.07 11.62
CA VAL B 119 -8.59 -21.20 10.18
C VAL B 119 -7.64 -22.24 9.61
N PRO B 120 -8.10 -23.17 8.77
CA PRO B 120 -7.18 -24.08 8.10
C PRO B 120 -6.38 -23.35 7.02
N LEU B 121 -5.43 -24.07 6.45
CA LEU B 121 -4.54 -23.53 5.43
C LEU B 121 -4.78 -24.26 4.11
N ASP B 122 -4.56 -23.54 3.01
CA ASP B 122 -4.65 -24.13 1.68
C ASP B 122 -3.74 -25.35 1.57
N GLU B 123 -4.29 -26.45 1.06
CA GLU B 123 -3.54 -27.70 1.00
C GLU B 123 -2.32 -27.57 0.09
N ASP B 124 -2.48 -26.91 -1.06
CA ASP B 124 -1.37 -26.75 -1.99
C ASP B 124 -0.25 -25.88 -1.43
N PHE B 125 -0.51 -25.10 -0.39
CA PHE B 125 0.51 -24.23 0.20
C PHE B 125 1.19 -24.83 1.42
N ARG B 126 0.65 -25.92 1.97
CA ARG B 126 1.23 -26.50 3.18
C ARG B 126 2.64 -27.02 2.95
N LYS B 127 3.00 -27.34 1.71
CA LYS B 127 4.33 -27.87 1.42
C LYS B 127 5.43 -26.85 1.66
N TYR B 128 5.11 -25.56 1.76
CA TYR B 128 6.12 -24.52 1.95
C TYR B 128 6.35 -24.17 3.41
N THR B 129 5.47 -24.59 4.32
CA THR B 129 5.63 -24.31 5.74
C THR B 129 6.46 -25.37 6.46
N ALA B 130 7.17 -26.20 5.72
CA ALA B 130 7.92 -27.30 6.32
C ALA B 130 9.06 -26.79 7.18
N PHE B 131 9.23 -27.40 8.34
CA PHE B 131 10.33 -27.09 9.25
C PHE B 131 10.82 -28.37 9.90
N THR B 132 12.08 -28.35 10.32
CA THR B 132 12.75 -29.52 10.88
C THR B 132 13.19 -29.22 12.30
N ILE B 133 12.92 -30.14 13.21
CA ILE B 133 13.36 -30.03 14.60
C ILE B 133 14.64 -30.83 14.76
N PRO B 134 15.73 -30.22 15.21
CA PRO B 134 16.98 -30.97 15.41
C PRO B 134 16.96 -31.72 16.73
N SER B 135 17.97 -32.58 16.89
CA SER B 135 18.15 -33.34 18.12
C SER B 135 19.55 -33.07 18.67
N ILE B 136 19.66 -33.09 20.00
CA ILE B 136 20.94 -32.85 20.64
C ILE B 136 21.92 -33.94 20.24
N ASN B 137 23.08 -33.52 19.73
CA ASN B 137 24.15 -34.41 19.31
C ASN B 137 23.72 -35.35 18.19
N ASN B 138 22.69 -34.97 17.44
CA ASN B 138 22.19 -35.75 16.31
C ASN B 138 21.90 -37.19 16.72
N GLU B 139 21.37 -37.35 17.93
CA GLU B 139 20.89 -38.65 18.37
C GLU B 139 19.86 -39.21 17.39
N THR B 140 18.93 -38.36 16.95
CA THR B 140 17.92 -38.69 15.98
C THR B 140 18.07 -37.78 14.76
N PRO B 141 17.84 -38.27 13.55
CA PRO B 141 17.74 -37.38 12.40
C PRO B 141 16.62 -36.36 12.59
N GLY B 142 16.57 -35.41 11.67
CA GLY B 142 15.62 -34.31 11.82
C GLY B 142 14.19 -34.80 11.69
N ILE B 143 13.35 -34.37 12.62
CA ILE B 143 11.92 -34.66 12.58
C ILE B 143 11.22 -33.51 11.88
N ARG B 144 10.61 -33.78 10.74
CA ARG B 144 10.00 -32.76 9.90
C ARG B 144 8.49 -32.69 10.14
N TYR B 145 7.94 -31.48 9.97
CA TYR B 145 6.52 -31.23 10.18
C TYR B 145 5.99 -30.36 9.05
N GLN B 146 4.68 -30.09 9.10
CA GLN B 146 3.99 -29.22 8.16
C GLN B 146 2.81 -28.58 8.87
N TYR B 147 2.46 -27.38 8.43
CA TYR B 147 1.36 -26.64 9.04
C TYR B 147 0.06 -26.96 8.30
N ASN B 148 -0.96 -27.33 9.06
CA ASN B 148 -2.30 -27.51 8.53
C ASN B 148 -3.18 -26.28 8.69
N VAL B 149 -2.81 -25.35 9.58
CA VAL B 149 -3.58 -24.14 9.82
C VAL B 149 -2.72 -22.94 9.48
N LEU B 150 -3.20 -21.75 9.81
CA LEU B 150 -2.43 -20.54 9.57
C LEU B 150 -1.24 -20.50 10.51
N PRO B 151 -0.01 -20.43 9.99
CA PRO B 151 1.16 -20.46 10.88
C PRO B 151 1.37 -19.14 11.61
N GLN B 152 1.90 -19.24 12.83
CA GLN B 152 2.26 -18.06 13.59
C GLN B 152 3.54 -17.47 13.02
N GLY B 153 3.46 -16.21 12.56
CA GLY B 153 4.60 -15.51 12.02
C GLY B 153 4.68 -15.48 10.50
N TRP B 154 3.68 -16.01 9.80
CA TRP B 154 3.62 -15.89 8.35
C TRP B 154 2.80 -14.67 7.97
N LYS B 155 3.27 -13.95 6.95
CA LYS B 155 2.66 -12.67 6.59
C LYS B 155 1.27 -12.86 5.99
N GLY B 156 1.01 -14.00 5.35
CA GLY B 156 -0.31 -14.27 4.83
C GLY B 156 -1.34 -14.59 5.90
N SER B 157 -0.90 -14.97 7.10
CA SER B 157 -1.84 -15.36 8.14
C SER B 157 -2.73 -14.21 8.60
N PRO B 158 -2.22 -13.03 8.96
CA PRO B 158 -3.13 -11.95 9.38
C PRO B 158 -3.99 -11.41 8.26
N ALA B 159 -3.57 -11.55 7.00
CA ALA B 159 -4.38 -11.05 5.89
C ALA B 159 -5.59 -11.94 5.66
N ILE B 160 -5.41 -13.26 5.70
CA ILE B 160 -6.53 -14.18 5.55
C ILE B 160 -7.51 -14.02 6.71
N PHE B 161 -6.98 -14.00 7.93
CA PHE B 161 -7.81 -13.88 9.13
C PHE B 161 -8.42 -12.49 9.29
N GLN B 162 -8.01 -11.52 8.45
CA GLN B 162 -8.49 -10.15 8.60
C GLN B 162 -10.01 -10.07 8.55
N SER B 163 -10.63 -10.80 7.63
CA SER B 163 -12.09 -10.82 7.55
C SER B 163 -12.70 -11.32 8.86
N SER B 164 -12.16 -12.41 9.40
CA SER B 164 -12.63 -12.91 10.68
C SER B 164 -12.30 -11.92 11.80
N MET B 165 -11.14 -11.26 11.72
CA MET B 165 -10.71 -10.37 12.79
C MET B 165 -11.59 -9.12 12.85
N THR B 166 -11.81 -8.47 11.71
CA THR B 166 -12.60 -7.23 11.69
C THR B 166 -14.04 -7.47 12.15
N LYS B 167 -14.54 -8.71 12.07
CA LYS B 167 -15.86 -9.02 12.59
C LYS B 167 -15.85 -9.12 14.11
N ILE B 168 -14.83 -9.78 14.67
CA ILE B 168 -14.71 -9.86 16.13
C ILE B 168 -14.55 -8.47 16.73
N LEU B 169 -13.83 -7.59 16.02
CA LEU B 169 -13.56 -6.26 16.55
C LEU B 169 -14.75 -5.32 16.40
N GLU B 170 -15.56 -5.51 15.37
CA GLU B 170 -16.64 -4.56 15.06
C GLU B 170 -17.52 -4.19 16.26
N PRO B 171 -17.97 -5.12 17.12
CA PRO B 171 -18.73 -4.68 18.29
C PRO B 171 -17.93 -3.76 19.21
N PHE B 172 -16.64 -4.02 19.40
CA PHE B 172 -15.83 -3.18 20.27
C PHE B 172 -15.41 -1.89 19.57
N LYS B 173 -15.19 -1.94 18.25
CA LYS B 173 -14.89 -0.72 17.51
C LYS B 173 -16.08 0.24 17.51
N LYS B 174 -17.30 -0.28 17.64
CA LYS B 174 -18.46 0.59 17.78
C LYS B 174 -18.66 1.04 19.21
N GLN B 175 -18.53 0.13 20.19
CA GLN B 175 -18.69 0.51 21.59
C GLN B 175 -17.65 1.53 22.02
N ASN B 176 -16.46 1.49 21.42
CA ASN B 176 -15.43 2.50 21.65
C ASN B 176 -15.00 3.04 20.29
N PRO B 177 -15.53 4.19 19.86
CA PRO B 177 -15.35 4.58 18.46
C PRO B 177 -13.95 5.11 18.16
N ASP B 178 -13.39 5.93 19.04
CA ASP B 178 -12.15 6.65 18.74
C ASP B 178 -10.89 5.91 19.14
N ILE B 179 -11.00 4.67 19.62
CA ILE B 179 -9.83 3.87 19.95
C ILE B 179 -9.30 3.21 18.68
N VAL B 180 -8.01 3.39 18.41
CA VAL B 180 -7.38 2.90 17.19
C VAL B 180 -6.87 1.49 17.43
N ILE B 181 -7.10 0.60 16.46
CA ILE B 181 -6.65 -0.77 16.51
C ILE B 181 -5.93 -1.09 15.21
N TYR B 182 -4.71 -1.60 15.31
CA TYR B 182 -3.94 -2.06 14.17
C TYR B 182 -3.42 -3.46 14.42
N GLN B 183 -3.30 -4.24 13.35
CA GLN B 183 -2.89 -5.63 13.42
C GLN B 183 -1.66 -5.83 12.53
N TYR B 184 -0.54 -6.23 13.13
CA TYR B 184 0.67 -6.56 12.40
C TYR B 184 1.15 -7.94 12.84
N MET B 185 1.10 -8.89 11.92
CA MET B 185 1.59 -10.26 12.15
C MET B 185 0.81 -10.84 13.33
N ASP B 186 1.47 -11.52 14.27
CA ASP B 186 0.84 -12.16 15.40
C ASP B 186 0.44 -11.18 16.50
N ASP B 187 0.66 -9.89 16.30
CA ASP B 187 0.42 -8.87 17.31
C ASP B 187 -0.75 -7.98 16.91
N LEU B 188 -1.46 -7.50 17.92
CA LEU B 188 -2.56 -6.56 17.76
C LEU B 188 -2.23 -5.31 18.55
N TYR B 189 -2.14 -4.18 17.86
CA TYR B 189 -1.76 -2.91 18.48
C TYR B 189 -3.03 -2.10 18.75
N VAL B 190 -3.22 -1.69 20.00
CA VAL B 190 -4.42 -0.99 20.42
C VAL B 190 -4.00 0.25 21.19
N GLY B 191 -4.53 1.40 20.78
CA GLY B 191 -4.13 2.66 21.38
C GLY B 191 -5.28 3.60 21.64
N SER B 192 -5.18 4.36 22.74
CA SER B 192 -6.22 5.30 23.11
C SER B 192 -5.58 6.52 23.75
N ASP B 193 -6.34 7.62 23.78
CA ASP B 193 -5.96 8.80 24.53
C ASP B 193 -6.50 8.78 25.96
N LEU B 194 -7.17 7.71 26.35
CA LEU B 194 -7.70 7.57 27.70
C LEU B 194 -6.57 7.55 28.72
N GLU B 195 -6.92 7.80 29.98
CA GLU B 195 -5.95 7.70 31.06
C GLU B 195 -5.49 6.25 31.20
N ILE B 196 -4.33 6.09 31.86
CA ILE B 196 -3.72 4.77 32.01
C ILE B 196 -4.72 3.78 32.61
N GLY B 197 -5.46 4.21 33.62
CA GLY B 197 -6.43 3.30 34.25
C GLY B 197 -7.54 2.90 33.30
N GLN B 198 -8.13 3.88 32.61
CA GLN B 198 -9.16 3.55 31.62
C GLN B 198 -8.59 2.70 30.50
N HIS B 199 -7.36 3.00 30.08
CA HIS B 199 -6.76 2.28 28.96
C HIS B 199 -6.63 0.79 29.27
N ARG B 200 -5.99 0.46 30.41
CA ARG B 200 -5.77 -0.94 30.75
C ARG B 200 -7.09 -1.68 30.97
N THR B 201 -8.14 -0.96 31.36
CA THR B 201 -9.44 -1.60 31.52
C THR B 201 -10.04 -1.96 30.17
N LYS B 202 -10.02 -1.04 29.21
CA LYS B 202 -10.54 -1.34 27.88
C LYS B 202 -9.74 -2.45 27.20
N ILE B 203 -8.50 -2.68 27.63
CA ILE B 203 -7.74 -3.81 27.11
C ILE B 203 -8.33 -5.12 27.61
N GLU B 204 -8.62 -5.19 28.91
CA GLU B 204 -9.23 -6.39 29.46
C GLU B 204 -10.60 -6.63 28.84
N GLU B 205 -11.35 -5.56 28.57
CA GLU B 205 -12.60 -5.69 27.83
C GLU B 205 -12.37 -6.32 26.47
N LEU B 206 -11.29 -5.90 25.80
CA LEU B 206 -10.96 -6.49 24.50
C LEU B 206 -10.46 -7.92 24.65
N ARG B 207 -9.87 -8.25 25.80
CA ARG B 207 -9.43 -9.62 26.05
C ARG B 207 -10.61 -10.57 26.18
N GLN B 208 -11.60 -10.20 27.01
CA GLN B 208 -12.79 -11.02 27.14
C GLN B 208 -13.61 -11.02 25.86
N HIS B 209 -13.68 -9.87 25.17
CA HIS B 209 -14.38 -9.81 23.90
C HIS B 209 -13.77 -10.76 22.89
N LEU B 210 -12.48 -11.06 23.02
CA LEU B 210 -11.82 -12.06 22.20
C LEU B 210 -11.95 -13.47 22.76
N LEU B 211 -12.17 -13.61 24.07
CA LEU B 211 -12.30 -14.94 24.66
C LEU B 211 -13.55 -15.65 24.17
N ARG B 212 -14.69 -14.94 24.13
CA ARG B 212 -15.92 -15.55 23.67
C ARG B 212 -15.93 -15.84 22.17
N TRP B 213 -14.93 -15.35 21.44
CA TRP B 213 -14.73 -15.71 20.04
C TRP B 213 -13.67 -16.79 19.87
N GLY B 214 -13.18 -17.36 20.97
CA GLY B 214 -12.24 -18.47 20.93
C GLY B 214 -10.79 -18.06 20.75
N LEU B 215 -10.25 -17.30 21.71
CA LEU B 215 -8.86 -16.89 21.64
C LEU B 215 -8.37 -16.53 23.04
N THR B 216 -7.15 -16.93 23.35
CA THR B 216 -6.46 -16.55 24.58
C THR B 216 -5.42 -15.47 24.27
N THR B 217 -4.85 -14.92 25.34
CA THR B 217 -3.81 -13.90 25.22
C THR B 217 -2.79 -14.10 26.34
N PRO B 218 -1.73 -14.88 26.08
CA PRO B 218 -0.68 -15.22 27.05
C PRO B 218 -0.03 -13.99 27.67
N GLY B 232 0.89 -7.47 28.88
CA GLY B 232 0.84 -6.64 27.69
C GLY B 232 1.94 -5.58 27.63
N TYR B 233 2.45 -5.34 26.42
CA TYR B 233 3.48 -4.34 26.22
C TYR B 233 2.83 -2.96 26.14
N GLU B 234 3.36 -2.00 26.88
CA GLU B 234 2.81 -0.65 26.94
C GLU B 234 3.78 0.32 26.28
N LEU B 235 3.35 0.96 25.20
CA LEU B 235 4.13 1.97 24.50
C LEU B 235 3.51 3.34 24.71
N HIS B 236 4.25 4.36 24.30
CA HIS B 236 3.79 5.76 24.39
C HIS B 236 4.39 6.53 23.22
N PRO B 237 3.78 6.43 22.04
CA PRO B 237 4.42 7.02 20.84
C PRO B 237 4.60 8.52 20.93
N ASP B 238 3.70 9.25 21.59
CA ASP B 238 3.88 10.68 21.74
C ASP B 238 5.14 11.02 22.54
N LYS B 239 5.55 10.13 23.45
CA LYS B 239 6.73 10.39 24.27
C LYS B 239 8.01 10.33 23.45
N TRP B 240 8.04 9.52 22.38
CA TRP B 240 9.27 9.28 21.64
C TRP B 240 9.87 10.59 21.14
N THR B 241 11.19 10.71 21.26
CA THR B 241 11.90 11.94 20.95
C THR B 241 12.95 11.67 19.87
N VAL B 242 13.03 12.59 18.91
CA VAL B 242 14.00 12.48 17.84
C VAL B 242 15.38 12.91 18.33
N GLN B 243 16.42 12.45 17.63
CA GLN B 243 17.79 12.81 17.93
C GLN B 243 18.32 13.73 16.84
N PRO B 244 18.67 14.96 17.15
CA PRO B 244 19.19 15.86 16.11
C PRO B 244 20.70 15.99 16.14
N ILE B 245 21.28 16.48 15.03
CA ILE B 245 22.71 16.76 15.01
C ILE B 245 22.97 18.02 15.83
N VAL B 246 23.91 17.93 16.76
CA VAL B 246 24.24 19.02 17.68
C VAL B 246 25.72 19.33 17.59
N LEU B 247 26.04 20.63 17.65
CA LEU B 247 27.40 21.15 17.64
C LEU B 247 27.84 21.49 19.06
N PRO B 248 29.10 21.21 19.40
CA PRO B 248 29.56 21.41 20.78
C PRO B 248 29.59 22.87 21.20
N GLU B 249 29.79 23.05 22.50
CA GLU B 249 29.93 24.38 23.09
C GLU B 249 31.23 24.41 23.88
N LYS B 250 32.22 25.15 23.37
CA LYS B 250 33.53 25.25 24.00
C LYS B 250 33.90 26.71 24.13
N ASP B 251 34.42 27.09 25.31
CA ASP B 251 34.91 28.46 25.47
C ASP B 251 36.20 28.70 24.70
N SER B 252 37.02 27.67 24.57
CA SER B 252 38.26 27.77 23.82
C SER B 252 38.34 26.56 22.90
N TRP B 253 38.79 26.79 21.67
CA TRP B 253 38.82 25.76 20.66
C TRP B 253 40.27 25.48 20.30
N THR B 254 40.59 24.20 20.15
CA THR B 254 41.91 23.81 19.70
C THR B 254 41.86 23.52 18.22
N VAL B 255 43.03 23.27 17.63
CA VAL B 255 43.06 22.91 16.22
C VAL B 255 42.33 21.60 16.00
N ASN B 256 42.54 20.62 16.88
CA ASN B 256 41.83 19.35 16.78
C ASN B 256 40.33 19.55 16.96
N ASP B 257 39.92 20.42 17.89
CA ASP B 257 38.50 20.71 18.07
C ASP B 257 37.89 21.24 16.78
N ILE B 258 38.52 22.25 16.19
CA ILE B 258 37.99 22.85 14.96
C ILE B 258 38.11 21.89 13.79
N GLN B 259 39.15 21.05 13.78
CA GLN B 259 39.26 20.03 12.73
C GLN B 259 38.13 19.02 12.82
N LYS B 260 37.89 18.49 14.02
CA LYS B 260 36.75 17.60 14.22
C LYS B 260 35.44 18.28 13.83
N LEU B 261 35.26 19.53 14.24
CA LEU B 261 34.02 20.25 13.93
C LEU B 261 33.83 20.41 12.44
N VAL B 262 34.91 20.74 11.71
CA VAL B 262 34.81 20.97 10.28
C VAL B 262 34.47 19.66 9.55
N GLY B 263 35.09 18.56 9.97
CA GLY B 263 34.77 17.28 9.38
C GLY B 263 33.33 16.87 9.64
N LYS B 264 32.81 17.21 10.83
CA LYS B 264 31.40 16.94 11.13
C LYS B 264 30.48 17.78 10.26
N LEU B 265 30.71 19.10 10.21
CA LEU B 265 29.89 19.97 9.39
C LEU B 265 29.97 19.60 7.92
N ASN B 266 31.16 19.20 7.45
CA ASN B 266 31.29 18.76 6.07
C ASN B 266 30.47 17.51 5.81
N TRP B 267 30.43 16.60 6.78
CA TRP B 267 29.65 15.38 6.62
C TRP B 267 28.16 15.67 6.72
N ALA B 268 27.76 16.56 7.64
CA ALA B 268 26.38 16.96 7.79
C ALA B 268 25.87 17.76 6.60
N SER B 269 26.75 18.22 5.71
CA SER B 269 26.34 19.00 4.55
C SER B 269 25.59 18.16 3.51
N GLN B 270 25.68 16.83 3.60
CA GLN B 270 24.90 15.97 2.71
C GLN B 270 23.43 15.90 3.09
N ILE B 271 23.06 16.45 4.24
CA ILE B 271 21.67 16.48 4.70
C ILE B 271 21.12 17.89 4.67
N TYR B 272 21.76 18.83 5.38
CA TYR B 272 21.41 20.24 5.35
C TYR B 272 22.38 20.96 4.40
N PRO B 273 21.97 21.27 3.17
CA PRO B 273 22.93 21.84 2.20
C PRO B 273 23.43 23.23 2.55
N GLY B 274 22.76 23.94 3.46
CA GLY B 274 23.17 25.29 3.82
C GLY B 274 24.41 25.40 4.65
N ILE B 275 25.03 24.28 5.05
CA ILE B 275 26.20 24.33 5.91
C ILE B 275 27.37 24.94 5.15
N LYS B 276 28.06 25.89 5.78
CA LYS B 276 29.23 26.53 5.21
C LYS B 276 30.43 26.30 6.10
N VAL B 277 31.60 26.19 5.47
CA VAL B 277 32.84 25.87 6.16
C VAL B 277 33.97 26.85 5.85
N ARG B 278 33.75 27.80 4.93
CA ARG B 278 34.84 28.64 4.45
C ARG B 278 35.49 29.42 5.60
N GLN B 279 34.69 30.02 6.49
CA GLN B 279 35.25 30.83 7.55
C GLN B 279 35.88 29.99 8.66
N LEU B 280 35.39 28.76 8.85
CA LEU B 280 36.03 27.87 9.81
C LEU B 280 37.28 27.22 9.24
N SER B 281 37.30 26.95 7.93
CA SER B 281 38.51 26.44 7.29
C SER B 281 39.61 27.49 7.27
N LYS B 282 39.24 28.78 7.16
CA LYS B 282 40.22 29.85 7.21
C LYS B 282 41.04 29.79 8.51
N LEU B 283 40.39 29.43 9.62
CA LEU B 283 41.08 29.33 10.90
C LEU B 283 42.14 28.23 10.90
N LEU B 284 42.05 27.27 10.00
CA LEU B 284 42.96 26.15 9.97
C LEU B 284 44.11 26.34 8.99
N ARG B 285 44.15 27.44 8.25
CA ARG B 285 45.00 27.54 7.06
C ARG B 285 46.45 27.16 7.34
N GLY B 286 46.97 27.53 8.50
CA GLY B 286 48.34 27.20 8.84
C GLY B 286 48.53 25.72 9.15
N THR B 287 49.79 25.37 9.43
CA THR B 287 50.15 24.02 9.86
C THR B 287 50.46 24.08 11.35
N LYS B 288 49.44 23.87 12.17
CA LYS B 288 49.52 24.13 13.60
C LYS B 288 49.45 22.83 14.39
N ALA B 289 49.89 22.91 15.65
CA ALA B 289 49.78 21.78 16.54
C ALA B 289 48.33 21.59 16.96
N LEU B 290 47.90 20.32 17.06
CA LEU B 290 46.48 20.03 17.31
C LEU B 290 46.00 20.64 18.61
N THR B 291 46.85 20.69 19.62
CA THR B 291 46.44 21.18 20.95
C THR B 291 46.51 22.69 21.07
N GLU B 292 46.95 23.39 20.03
CA GLU B 292 47.05 24.84 20.09
C GLU B 292 45.66 25.46 20.09
N VAL B 293 45.46 26.44 20.96
CA VAL B 293 44.16 27.11 21.09
C VAL B 293 44.03 28.13 19.97
N ILE B 294 42.86 28.16 19.34
CA ILE B 294 42.60 29.08 18.24
C ILE B 294 41.42 29.98 18.60
N PRO B 295 41.63 31.29 18.77
CA PRO B 295 40.49 32.19 18.97
C PRO B 295 39.69 32.32 17.68
N LEU B 296 38.37 32.36 17.82
CA LEU B 296 37.50 32.40 16.66
C LEU B 296 37.34 33.83 16.16
N THR B 297 37.34 33.97 14.84
CA THR B 297 37.10 35.27 14.23
C THR B 297 35.61 35.61 14.25
N GLU B 298 35.29 36.84 13.87
CA GLU B 298 33.90 37.27 13.83
C GLU B 298 33.11 36.47 12.81
N GLU B 299 33.65 36.34 11.59
CA GLU B 299 32.93 35.64 10.53
C GLU B 299 32.84 34.14 10.80
N ALA B 300 33.84 33.58 11.48
CA ALA B 300 33.78 32.16 11.86
C ALA B 300 32.71 31.93 12.93
N GLU B 301 32.69 32.76 13.98
CA GLU B 301 31.65 32.65 14.99
C GLU B 301 30.27 32.83 14.39
N LEU B 302 30.14 33.67 13.36
CA LEU B 302 28.84 33.89 12.74
C LEU B 302 28.46 32.72 11.83
N GLU B 303 29.43 32.21 11.07
CA GLU B 303 29.18 31.02 10.27
C GLU B 303 28.82 29.84 11.16
N LEU B 304 29.46 29.73 12.33
CA LEU B 304 29.09 28.70 13.29
C LEU B 304 27.70 28.93 13.85
N ALA B 305 27.35 30.19 14.11
CA ALA B 305 26.02 30.50 14.63
C ALA B 305 24.94 30.15 13.61
N GLU B 306 25.16 30.51 12.34
CA GLU B 306 24.18 30.19 11.31
C GLU B 306 24.08 28.68 11.09
N ASN B 307 25.18 27.96 11.24
CA ASN B 307 25.13 26.50 11.10
C ASN B 307 24.32 25.87 12.22
N ARG B 308 24.49 26.35 13.46
CA ARG B 308 23.71 25.81 14.56
C ARG B 308 22.21 26.00 14.35
N GLU B 309 21.81 27.06 13.64
CA GLU B 309 20.39 27.27 13.37
C GLU B 309 19.89 26.36 12.25
N ILE B 310 20.71 26.14 11.22
CA ILE B 310 20.31 25.26 10.13
C ILE B 310 20.10 23.84 10.65
N LEU B 311 20.89 23.42 11.63
CA LEU B 311 20.72 22.10 12.21
C LEU B 311 19.47 22.01 13.09
N LYS B 312 18.86 23.14 13.43
CA LYS B 312 17.57 23.13 14.11
C LYS B 312 16.43 22.87 13.14
N GLU B 313 16.63 23.20 11.87
CA GLU B 313 15.58 23.10 10.88
C GLU B 313 15.31 21.64 10.52
N PRO B 314 14.16 21.35 9.93
CA PRO B 314 13.94 20.02 9.35
C PRO B 314 14.64 19.87 8.01
N VAL B 315 14.92 18.62 7.67
CA VAL B 315 15.48 18.32 6.35
C VAL B 315 14.42 18.58 5.29
N HIS B 316 14.79 19.32 4.25
CA HIS B 316 13.83 19.67 3.22
C HIS B 316 13.51 18.47 2.35
N GLY B 317 12.22 18.18 2.20
CA GLY B 317 11.78 17.17 1.26
C GLY B 317 11.88 15.74 1.73
N VAL B 318 11.81 15.49 3.03
CA VAL B 318 11.81 14.15 3.58
C VAL B 318 10.37 13.73 3.83
N TYR B 319 9.94 12.66 3.17
CA TYR B 319 8.60 12.12 3.40
C TYR B 319 8.63 10.62 3.15
N TYR B 320 7.65 9.93 3.75
CA TYR B 320 7.57 8.48 3.65
C TYR B 320 6.93 8.04 2.33
N ASP B 321 7.57 7.07 1.68
CA ASP B 321 7.06 6.46 0.46
C ASP B 321 6.69 5.02 0.76
N PRO B 322 5.40 4.65 0.72
CA PRO B 322 5.04 3.27 1.07
C PRO B 322 5.59 2.23 0.12
N SER B 323 5.97 2.60 -1.10
CA SER B 323 6.48 1.64 -2.07
C SER B 323 7.94 1.25 -1.81
N LYS B 324 8.66 2.02 -1.00
CA LYS B 324 10.08 1.79 -0.78
C LYS B 324 10.31 1.08 0.56
N ASP B 325 11.42 0.36 0.64
CA ASP B 325 11.79 -0.32 1.87
C ASP B 325 12.38 0.67 2.87
N LEU B 326 12.18 0.38 4.15
CA LEU B 326 12.78 1.16 5.21
C LEU B 326 14.16 0.58 5.53
N ILE B 327 15.13 1.48 5.74
CA ILE B 327 16.48 1.10 6.10
C ILE B 327 16.78 1.67 7.47
N ALA B 328 17.50 0.90 8.29
CA ALA B 328 17.80 1.29 9.66
C ALA B 328 19.28 1.05 9.91
N GLU B 329 20.00 2.13 10.18
CA GLU B 329 21.41 2.07 10.55
C GLU B 329 21.53 2.31 12.05
N ILE B 330 22.42 1.56 12.70
CA ILE B 330 22.67 1.68 14.12
C ILE B 330 24.16 1.85 14.33
N GLN B 331 24.54 2.76 15.22
CA GLN B 331 25.94 3.00 15.57
C GLN B 331 26.13 2.81 17.07
N LYS B 332 27.15 2.05 17.43
CA LYS B 332 27.51 1.88 18.83
C LYS B 332 28.34 3.08 19.30
N GLN B 333 27.79 3.83 20.26
CA GLN B 333 28.46 5.02 20.78
C GLN B 333 29.23 4.77 22.07
N GLY B 334 29.12 3.58 22.64
CA GLY B 334 29.83 3.26 23.87
C GLY B 334 29.14 3.81 25.10
N GLN B 335 29.59 3.30 26.25
CA GLN B 335 29.02 3.66 27.55
C GLN B 335 27.50 3.49 27.58
N GLY B 336 27.03 2.43 26.91
CA GLY B 336 25.62 2.09 26.91
C GLY B 336 24.76 2.81 25.88
N GLN B 337 25.28 3.82 25.20
CA GLN B 337 24.48 4.58 24.26
C GLN B 337 24.51 3.95 22.87
N TRP B 338 23.37 4.06 22.17
CA TRP B 338 23.21 3.58 20.81
C TRP B 338 22.34 4.57 20.05
N THR B 339 22.75 4.88 18.82
CA THR B 339 22.01 5.80 17.96
C THR B 339 21.53 5.07 16.71
N TYR B 340 20.46 5.58 16.13
CA TYR B 340 19.87 4.94 14.96
C TYR B 340 19.17 5.97 14.10
N GLN B 341 19.13 5.70 12.79
CA GLN B 341 18.42 6.54 11.83
C GLN B 341 17.65 5.63 10.89
N ILE B 342 16.38 5.97 10.65
CA ILE B 342 15.52 5.21 9.75
C ILE B 342 15.30 6.07 8.51
N TYR B 343 15.64 5.52 7.35
CA TYR B 343 15.55 6.27 6.10
C TYR B 343 15.13 5.34 4.98
N GLN B 344 14.65 5.94 3.89
CA GLN B 344 14.37 5.23 2.64
C GLN B 344 15.39 5.59 1.58
N GLU B 345 15.58 6.87 1.31
CA GLU B 345 16.71 7.33 0.52
C GLU B 345 17.82 7.82 1.46
N PRO B 346 19.08 7.64 1.07
CA PRO B 346 20.19 8.08 1.93
C PRO B 346 20.09 9.57 2.25
N PHE B 347 20.39 9.91 3.50
CA PHE B 347 20.42 11.26 4.05
C PHE B 347 19.03 11.90 4.13
N LYS B 348 17.99 11.22 3.68
CA LYS B 348 16.61 11.67 3.88
C LYS B 348 16.02 10.80 4.99
N ASN B 349 16.25 11.22 6.22
CA ASN B 349 15.99 10.39 7.39
C ASN B 349 14.55 10.61 7.86
N LEU B 350 13.77 9.52 7.90
CA LEU B 350 12.41 9.59 8.40
C LEU B 350 12.34 9.68 9.92
N LYS B 351 13.38 9.25 10.63
CA LYS B 351 13.43 9.34 12.08
C LYS B 351 14.84 9.05 12.55
N THR B 352 15.25 9.74 13.62
CA THR B 352 16.53 9.51 14.29
C THR B 352 16.30 9.44 15.79
N GLY B 353 17.14 8.67 16.47
CA GLY B 353 16.95 8.46 17.90
C GLY B 353 18.20 7.91 18.55
N LYS B 354 18.15 7.86 19.89
CA LYS B 354 19.26 7.36 20.68
C LYS B 354 18.73 6.59 21.89
N TYR B 355 19.29 5.41 22.13
CA TYR B 355 18.92 4.54 23.23
C TYR B 355 20.05 4.45 24.24
N ALA B 356 19.69 4.31 25.52
CA ALA B 356 20.66 4.27 26.59
C ALA B 356 20.09 3.45 27.73
N ARG B 357 20.97 2.89 28.54
CA ARG B 357 20.61 2.15 29.75
C ARG B 357 19.59 1.05 29.43
N MET B 358 19.86 0.30 28.37
CA MET B 358 19.07 -0.86 28.03
C MET B 358 19.59 -2.08 28.79
N ARG B 359 18.82 -3.17 28.74
CA ARG B 359 19.26 -4.40 29.37
C ARG B 359 20.61 -4.83 28.81
N GLY B 360 21.51 -5.26 29.69
CA GLY B 360 22.82 -5.64 29.23
C GLY B 360 23.79 -4.51 29.02
N ALA B 361 23.44 -3.28 29.42
CA ALA B 361 24.36 -2.18 29.24
C ALA B 361 25.57 -2.37 30.14
N HIS B 362 26.71 -1.87 29.66
CA HIS B 362 28.01 -1.94 30.34
C HIS B 362 28.50 -3.37 30.52
N THR B 363 27.86 -4.36 29.90
CA THR B 363 28.32 -5.74 30.03
C THR B 363 28.19 -6.56 28.75
N ASN B 364 27.06 -6.44 28.04
CA ASN B 364 26.78 -7.28 26.88
C ASN B 364 26.43 -6.40 25.68
N ASP B 365 27.26 -6.46 24.64
CA ASP B 365 26.98 -5.70 23.42
C ASP B 365 25.86 -6.33 22.60
N VAL B 366 25.89 -7.66 22.43
CA VAL B 366 24.91 -8.32 21.58
C VAL B 366 23.50 -8.15 22.14
N LYS B 367 23.34 -8.25 23.46
CA LYS B 367 22.02 -8.08 24.06
C LYS B 367 21.48 -6.68 23.81
N GLN B 368 22.32 -5.66 24.01
CA GLN B 368 21.87 -4.28 23.75
C GLN B 368 21.49 -4.09 22.30
N LEU B 369 22.31 -4.61 21.37
CA LEU B 369 22.00 -4.47 19.95
C LEU B 369 20.68 -5.16 19.62
N THR B 370 20.46 -6.35 20.19
CA THR B 370 19.20 -7.06 19.98
C THR B 370 18.03 -6.25 20.54
N GLU B 371 18.18 -5.73 21.76
CA GLU B 371 17.13 -4.89 22.34
C GLU B 371 16.90 -3.64 21.50
N ALA B 372 17.94 -3.10 20.89
CA ALA B 372 17.77 -1.92 20.04
C ALA B 372 16.99 -2.26 18.78
N VAL B 373 17.31 -3.40 18.15
CA VAL B 373 16.58 -3.83 16.95
C VAL B 373 15.10 -3.99 17.26
N GLN B 374 14.78 -4.56 18.41
CA GLN B 374 13.38 -4.77 18.78
C GLN B 374 12.66 -3.44 18.95
N LYS B 375 13.29 -2.49 19.67
CA LYS B 375 12.67 -1.18 19.88
C LYS B 375 12.46 -0.44 18.56
N ILE B 376 13.47 -0.46 17.69
CA ILE B 376 13.37 0.24 16.41
C ILE B 376 12.26 -0.36 15.55
N THR B 377 12.21 -1.70 15.47
CA THR B 377 11.17 -2.35 14.69
C THR B 377 9.79 -2.01 15.23
N THR B 378 9.62 -2.03 16.55
CA THR B 378 8.35 -1.68 17.16
C THR B 378 7.91 -0.27 16.76
N GLU B 379 8.85 0.68 16.78
CA GLU B 379 8.54 2.04 16.36
C GLU B 379 8.17 2.09 14.88
N SER B 380 8.85 1.31 14.05
CA SER B 380 8.54 1.31 12.62
C SER B 380 7.14 0.76 12.37
N ILE B 381 6.74 -0.27 13.12
CA ILE B 381 5.41 -0.83 12.94
C ILE B 381 4.34 0.20 13.30
N VAL B 382 4.55 0.94 14.38
CA VAL B 382 3.57 1.92 14.81
C VAL B 382 3.47 3.06 13.80
N ILE B 383 4.61 3.55 13.30
CA ILE B 383 4.61 4.76 12.49
C ILE B 383 4.21 4.46 11.05
N TRP B 384 4.83 3.45 10.43
CA TRP B 384 4.59 3.16 9.02
C TRP B 384 3.99 1.78 8.76
N GLY B 385 3.83 0.94 9.78
CA GLY B 385 3.35 -0.41 9.54
C GLY B 385 4.29 -1.26 8.73
N LYS B 386 5.59 -1.05 8.90
CA LYS B 386 6.61 -1.79 8.17
C LYS B 386 7.75 -2.16 9.12
N THR B 387 8.52 -3.17 8.73
CA THR B 387 9.75 -3.49 9.43
C THR B 387 10.94 -3.13 8.57
N PRO B 388 11.90 -2.38 9.10
CA PRO B 388 13.04 -1.95 8.28
C PRO B 388 14.08 -3.04 8.14
N LYS B 389 14.91 -2.89 7.10
CA LYS B 389 16.08 -3.74 6.92
C LYS B 389 17.24 -3.12 7.68
N PHE B 390 17.86 -3.92 8.55
CA PHE B 390 18.86 -3.41 9.48
C PHE B 390 20.27 -3.56 8.91
N LYS B 391 21.06 -2.50 9.06
CA LYS B 391 22.50 -2.55 8.85
C LYS B 391 23.13 -2.65 10.24
N LEU B 392 23.59 -3.86 10.60
CA LEU B 392 24.06 -4.09 11.96
C LEU B 392 25.55 -3.91 12.06
N PRO B 393 26.03 -3.11 13.01
CA PRO B 393 27.50 -2.94 13.23
C PRO B 393 28.07 -4.10 14.03
N ILE B 394 28.03 -5.29 13.44
CA ILE B 394 28.50 -6.50 14.11
C ILE B 394 28.97 -7.48 13.04
N GLN B 395 29.87 -8.37 13.44
CA GLN B 395 30.31 -9.43 12.55
C GLN B 395 29.23 -10.50 12.45
N LYS B 396 29.14 -11.13 11.27
CA LYS B 396 28.08 -12.09 11.03
C LYS B 396 28.13 -13.25 12.02
N GLU B 397 29.33 -13.80 12.25
CA GLU B 397 29.45 -14.95 13.14
C GLU B 397 29.08 -14.57 14.58
N THR B 398 29.47 -13.37 15.01
CA THR B 398 29.14 -12.93 16.36
C THR B 398 27.63 -12.80 16.55
N TRP B 399 26.96 -12.19 15.57
CA TRP B 399 25.52 -11.98 15.69
C TRP B 399 24.76 -13.30 15.60
N GLU B 400 25.08 -14.12 14.59
CA GLU B 400 24.35 -15.37 14.38
C GLU B 400 24.53 -16.35 15.53
N THR B 401 25.52 -16.14 16.40
CA THR B 401 25.71 -17.05 17.52
C THR B 401 24.73 -16.75 18.66
N TRP B 402 24.61 -15.47 19.06
CA TRP B 402 23.96 -15.12 20.31
C TRP B 402 22.57 -14.52 20.16
N TRP B 403 22.16 -14.08 18.97
CA TRP B 403 21.00 -13.20 18.89
C TRP B 403 19.71 -13.91 19.29
N THR B 404 19.64 -15.23 19.15
CA THR B 404 18.42 -15.93 19.56
C THR B 404 18.25 -15.96 21.07
N GLU B 405 19.36 -15.92 21.81
CA GLU B 405 19.28 -15.95 23.27
C GLU B 405 18.57 -14.73 23.82
N TYR B 406 18.57 -13.62 23.09
CA TYR B 406 18.03 -12.36 23.58
C TYR B 406 16.81 -11.89 22.80
N TRP B 407 16.32 -12.68 21.86
CA TRP B 407 15.19 -12.26 21.04
C TRP B 407 13.90 -12.51 21.80
N GLN B 408 13.10 -11.46 21.96
CA GLN B 408 11.87 -11.53 22.74
C GLN B 408 10.63 -11.16 21.93
N ALA B 409 10.76 -11.01 20.61
CA ALA B 409 9.65 -10.60 19.76
C ALA B 409 9.19 -11.75 18.89
N THR B 410 7.94 -11.66 18.43
CA THR B 410 7.34 -12.71 17.60
C THR B 410 7.54 -12.48 16.11
N TRP B 411 8.23 -11.41 15.74
CA TRP B 411 8.64 -11.17 14.35
C TRP B 411 10.15 -11.05 14.29
N ILE B 412 10.68 -11.14 13.07
CA ILE B 412 12.13 -11.10 12.85
C ILE B 412 12.39 -10.24 11.62
N PRO B 413 13.04 -9.09 11.77
CA PRO B 413 13.29 -8.22 10.62
C PRO B 413 14.44 -8.73 9.75
N GLU B 414 14.53 -8.17 8.56
CA GLU B 414 15.66 -8.43 7.66
C GLU B 414 16.86 -7.62 8.12
N TRP B 415 18.06 -8.20 7.95
CA TRP B 415 19.25 -7.48 8.39
C TRP B 415 20.44 -7.84 7.51
N GLU B 416 21.43 -6.95 7.53
CA GLU B 416 22.74 -7.19 6.95
C GLU B 416 23.78 -6.60 7.89
N PHE B 417 25.04 -6.92 7.65
CA PHE B 417 26.13 -6.55 8.55
C PHE B 417 27.08 -5.58 7.86
N VAL B 418 27.47 -4.53 8.58
CA VAL B 418 28.31 -3.47 8.05
C VAL B 418 29.48 -3.22 9.00
N ASN B 419 30.59 -2.75 8.43
CA ASN B 419 31.77 -2.35 9.20
C ASN B 419 32.18 -0.94 8.76
N THR B 420 31.76 0.07 9.50
CA THR B 420 32.00 1.47 9.16
C THR B 420 32.59 2.17 10.37
N PRO B 421 33.93 2.23 10.47
CA PRO B 421 34.58 2.89 11.62
C PRO B 421 34.13 4.33 11.75
N PRO B 422 33.97 4.82 13.00
CA PRO B 422 33.47 6.18 13.26
C PRO B 422 34.55 7.25 13.08
N LEU B 423 34.94 7.47 11.83
CA LEU B 423 35.90 8.53 11.52
C LEU B 423 35.40 9.90 11.94
N VAL B 424 34.08 10.09 11.97
CA VAL B 424 33.46 11.36 12.34
C VAL B 424 32.23 11.05 13.19
N LYS B 425 32.28 11.43 14.47
CA LYS B 425 31.17 11.22 15.40
C LYS B 425 30.08 12.25 15.08
N LEU B 426 29.17 11.87 14.19
CA LEU B 426 28.16 12.79 13.69
C LEU B 426 26.81 12.67 14.40
N TRP B 427 26.51 11.51 14.99
CA TRP B 427 25.22 11.27 15.61
C TRP B 427 25.25 11.36 17.13
N TYR B 428 26.43 11.59 17.72
CA TYR B 428 26.54 11.70 19.17
C TYR B 428 27.87 12.36 19.51
N GLN B 429 27.83 13.27 20.47
CA GLN B 429 29.02 14.04 20.85
C GLN B 429 30.08 13.17 21.53
N PRO C 1 -53.67 -6.65 -44.07
CA PRO C 1 -52.25 -6.67 -43.72
C PRO C 1 -51.96 -7.54 -42.51
N ILE C 2 -50.74 -7.47 -41.97
CA ILE C 2 -50.36 -8.25 -40.79
C ILE C 2 -49.78 -7.30 -39.75
N SER C 3 -49.87 -7.70 -38.49
CA SER C 3 -49.55 -6.85 -37.34
C SER C 3 -48.48 -7.53 -36.50
N PRO C 4 -47.20 -7.16 -36.68
CA PRO C 4 -46.11 -7.89 -35.99
C PRO C 4 -46.14 -7.79 -34.47
N ILE C 5 -46.03 -6.59 -33.91
CA ILE C 5 -45.86 -6.42 -32.46
C ILE C 5 -46.75 -5.28 -31.98
N GLU C 6 -46.88 -5.19 -30.66
CA GLU C 6 -47.72 -4.16 -30.04
C GLU C 6 -47.21 -2.77 -30.40
N THR C 7 -48.11 -1.93 -30.88
CA THR C 7 -47.75 -0.61 -31.36
C THR C 7 -47.62 0.38 -30.20
N VAL C 8 -47.12 1.57 -30.53
CA VAL C 8 -46.92 2.65 -29.57
C VAL C 8 -47.68 3.86 -30.08
N PRO C 9 -48.61 4.43 -29.31
CA PRO C 9 -49.37 5.58 -29.81
C PRO C 9 -48.48 6.81 -29.95
N VAL C 10 -48.68 7.54 -31.04
CA VAL C 10 -47.90 8.73 -31.36
C VAL C 10 -48.85 9.86 -31.71
N LYS C 11 -48.39 11.09 -31.49
CA LYS C 11 -49.16 12.29 -31.81
C LYS C 11 -48.24 13.32 -32.43
N LEU C 12 -48.84 14.42 -32.88
CA LEU C 12 -48.10 15.59 -33.31
C LEU C 12 -48.13 16.67 -32.23
N LYS C 13 -47.35 17.71 -32.45
CA LYS C 13 -47.43 18.87 -31.58
C LYS C 13 -48.79 19.53 -31.78
N PRO C 14 -49.53 19.79 -30.70
CA PRO C 14 -50.95 20.16 -30.86
C PRO C 14 -51.12 21.40 -31.72
N GLY C 15 -52.10 21.33 -32.62
CA GLY C 15 -52.36 22.42 -33.54
C GLY C 15 -51.30 22.58 -34.61
N MET C 16 -50.96 21.51 -35.31
CA MET C 16 -49.96 21.56 -36.36
C MET C 16 -50.18 20.37 -37.29
N ASP C 17 -49.82 20.56 -38.56
CA ASP C 17 -50.10 19.58 -39.60
C ASP C 17 -48.80 19.09 -40.25
N GLY C 18 -48.95 18.22 -41.24
CA GLY C 18 -47.86 17.38 -41.71
C GLY C 18 -46.84 18.07 -42.59
N PRO C 19 -45.94 17.25 -43.17
CA PRO C 19 -44.82 17.80 -43.93
C PRO C 19 -45.12 18.02 -45.40
N LYS C 20 -45.19 19.28 -45.82
CA LYS C 20 -45.39 19.64 -47.23
C LYS C 20 -44.16 20.40 -47.73
N VAL C 21 -43.18 19.64 -48.23
CA VAL C 21 -41.96 20.20 -48.81
C VAL C 21 -41.57 19.35 -50.01
N LYS C 22 -40.98 19.99 -51.01
CA LYS C 22 -40.72 19.31 -52.28
C LYS C 22 -39.43 18.49 -52.21
N GLN C 23 -39.39 17.45 -53.06
CA GLN C 23 -38.31 16.48 -53.04
C GLN C 23 -37.01 17.08 -53.55
N TRP C 24 -35.90 16.39 -53.25
CA TRP C 24 -34.59 16.80 -53.74
C TRP C 24 -34.38 16.31 -55.17
N PRO C 25 -33.61 17.07 -55.97
CA PRO C 25 -33.24 16.58 -57.30
C PRO C 25 -32.23 15.45 -57.21
N LEU C 26 -32.71 14.23 -57.00
CA LEU C 26 -31.83 13.09 -56.76
C LEU C 26 -31.23 12.56 -58.05
N THR C 27 -29.95 12.19 -57.98
CA THR C 27 -29.25 11.63 -59.13
C THR C 27 -29.76 10.23 -59.45
N GLU C 28 -29.75 9.89 -60.73
CA GLU C 28 -30.26 8.60 -61.19
C GLU C 28 -29.44 7.42 -60.69
N GLU C 29 -28.19 7.64 -60.27
CA GLU C 29 -27.38 6.54 -59.77
C GLU C 29 -27.94 5.98 -58.47
N LYS C 30 -28.40 6.85 -57.57
CA LYS C 30 -29.00 6.37 -56.33
C LYS C 30 -30.41 5.84 -56.54
N ILE C 31 -31.14 6.38 -57.51
CA ILE C 31 -32.52 5.93 -57.75
C ILE C 31 -32.54 4.48 -58.20
N LYS C 32 -31.51 4.03 -58.92
CA LYS C 32 -31.42 2.63 -59.32
C LYS C 32 -31.43 1.72 -58.10
N ALA C 33 -30.50 1.96 -57.16
CA ALA C 33 -30.49 1.21 -55.91
C ALA C 33 -31.67 1.57 -55.02
N LEU C 34 -32.36 2.68 -55.30
CA LEU C 34 -33.47 3.11 -54.45
C LEU C 34 -34.72 2.29 -54.72
N VAL C 35 -35.27 2.38 -55.93
CA VAL C 35 -36.51 1.67 -56.27
C VAL C 35 -36.32 0.17 -56.20
N GLU C 36 -35.07 -0.30 -56.21
CA GLU C 36 -34.77 -1.71 -56.05
C GLU C 36 -35.34 -2.27 -54.75
N ILE C 37 -34.78 -1.85 -53.61
CA ILE C 37 -35.27 -2.32 -52.32
C ILE C 37 -36.63 -1.71 -52.02
N CYS C 38 -36.93 -0.53 -52.59
CA CYS C 38 -38.22 0.11 -52.34
C CYS C 38 -39.37 -0.75 -52.84
N THR C 39 -39.23 -1.34 -54.03
CA THR C 39 -40.28 -2.21 -54.55
C THR C 39 -40.38 -3.51 -53.76
N GLU C 40 -39.28 -3.96 -53.16
CA GLU C 40 -39.32 -5.17 -52.35
C GLU C 40 -40.04 -4.97 -51.03
N MET C 41 -40.13 -3.73 -50.54
CA MET C 41 -40.78 -3.49 -49.25
C MET C 41 -42.27 -3.78 -49.30
N GLU C 42 -42.96 -3.34 -50.35
CA GLU C 42 -44.41 -3.53 -50.43
C GLU C 42 -44.79 -5.00 -50.41
N LYS C 43 -43.95 -5.89 -50.93
CA LYS C 43 -44.24 -7.32 -50.89
C LYS C 43 -44.29 -7.82 -49.44
N GLU C 44 -43.39 -7.33 -48.60
CA GLU C 44 -43.31 -7.73 -47.20
C GLU C 44 -44.22 -6.91 -46.30
N GLY C 45 -44.99 -5.98 -46.86
CA GLY C 45 -45.85 -5.12 -46.07
C GLY C 45 -45.16 -3.97 -45.39
N LYS C 46 -43.91 -3.68 -45.76
CA LYS C 46 -43.19 -2.57 -45.15
C LYS C 46 -43.66 -1.22 -45.68
N ILE C 47 -44.07 -1.16 -46.95
CA ILE C 47 -44.52 0.08 -47.57
C ILE C 47 -45.81 -0.18 -48.33
N SER C 48 -46.56 0.88 -48.58
CA SER C 48 -47.89 0.75 -49.19
C SER C 48 -48.16 1.94 -50.11
N LYS C 49 -48.87 1.67 -51.21
CA LYS C 49 -49.30 2.72 -52.12
C LYS C 49 -50.47 3.50 -51.54
N ILE C 50 -50.47 4.82 -51.76
CA ILE C 50 -51.47 5.72 -51.20
C ILE C 50 -52.08 6.57 -52.30
N GLY C 51 -53.36 6.91 -52.12
CA GLY C 51 -54.08 7.77 -53.04
C GLY C 51 -53.76 9.24 -52.80
N PRO C 52 -54.26 10.09 -53.72
CA PRO C 52 -54.04 11.54 -53.59
C PRO C 52 -54.70 12.15 -52.37
N GLU C 53 -55.43 11.34 -51.61
CA GLU C 53 -55.98 11.76 -50.32
C GLU C 53 -54.89 12.22 -49.36
N ASN C 54 -53.64 11.81 -49.60
CA ASN C 54 -52.53 12.15 -48.72
C ASN C 54 -51.78 13.35 -49.31
N PRO C 55 -51.87 14.54 -48.68
CA PRO C 55 -51.25 15.73 -49.28
C PRO C 55 -49.91 16.12 -48.66
N TYR C 56 -49.07 15.15 -48.32
CA TYR C 56 -47.77 15.43 -47.73
C TYR C 56 -46.66 14.96 -48.67
N ASN C 57 -45.47 15.53 -48.47
CA ASN C 57 -44.32 15.21 -49.31
C ASN C 57 -43.04 15.52 -48.54
N THR C 58 -42.09 14.59 -48.56
CA THR C 58 -40.82 14.75 -47.85
C THR C 58 -39.67 14.19 -48.68
N PRO C 59 -38.51 14.83 -48.67
CA PRO C 59 -37.39 14.39 -49.52
C PRO C 59 -36.83 13.05 -49.06
N VAL C 60 -36.03 12.45 -49.96
CA VAL C 60 -35.49 11.10 -49.78
C VAL C 60 -34.14 11.02 -50.47
N PHE C 61 -33.19 10.31 -49.86
CA PHE C 61 -31.90 10.00 -50.46
C PHE C 61 -31.42 8.66 -49.91
N ALA C 62 -30.20 8.27 -50.28
CA ALA C 62 -29.66 7.00 -49.84
C ALA C 62 -28.13 7.06 -49.81
N ILE C 63 -27.55 6.37 -48.84
CA ILE C 63 -26.09 6.25 -48.74
C ILE C 63 -25.73 4.78 -48.62
N LYS C 64 -24.50 4.45 -49.02
CA LYS C 64 -24.01 3.08 -48.94
C LYS C 64 -23.74 2.69 -47.48
N LYS C 65 -24.03 1.42 -47.18
CA LYS C 65 -23.67 0.88 -45.85
C LYS C 65 -22.14 0.78 -45.85
N LYS C 66 -21.51 1.34 -44.83
CA LYS C 66 -20.05 1.37 -44.76
C LYS C 66 -19.47 -0.04 -44.73
N ASP C 67 -18.38 -0.22 -45.49
CA ASP C 67 -17.68 -1.51 -45.61
C ASP C 67 -18.60 -2.58 -46.20
N SER C 68 -19.39 -2.20 -47.19
CA SER C 68 -20.30 -3.13 -47.85
C SER C 68 -20.69 -2.56 -49.21
N THR C 69 -21.06 -3.48 -50.11
CA THR C 69 -21.62 -3.07 -51.40
C THR C 69 -23.10 -2.75 -51.31
N LYS C 70 -23.75 -3.08 -50.20
CA LYS C 70 -25.17 -2.85 -50.03
C LYS C 70 -25.45 -1.38 -49.75
N TRP C 71 -26.67 -0.95 -50.09
CA TRP C 71 -27.13 0.42 -49.89
C TRP C 71 -28.19 0.50 -48.81
N ARG C 72 -28.13 1.61 -48.06
CA ARG C 72 -29.12 1.87 -46.98
C ARG C 72 -29.95 3.09 -47.36
N LYS C 73 -31.23 3.11 -46.99
CA LYS C 73 -32.17 4.16 -47.38
C LYS C 73 -32.43 5.09 -46.20
N LEU C 74 -32.41 6.41 -46.46
CA LEU C 74 -32.61 7.43 -45.44
C LEU C 74 -33.63 8.46 -45.92
N VAL C 75 -34.46 8.94 -45.01
CA VAL C 75 -35.50 9.93 -45.31
C VAL C 75 -35.30 11.13 -44.39
N ASP C 76 -35.20 12.32 -45.00
CA ASP C 76 -35.02 13.58 -44.27
C ASP C 76 -36.36 14.04 -43.71
N PHE C 77 -36.57 13.82 -42.42
CA PHE C 77 -37.78 14.22 -41.72
C PHE C 77 -37.58 15.47 -40.86
N ARG C 78 -36.57 16.30 -41.19
CA ARG C 78 -36.24 17.46 -40.34
C ARG C 78 -37.45 18.34 -40.06
N GLU C 79 -38.26 18.64 -41.08
CA GLU C 79 -39.41 19.50 -40.86
C GLU C 79 -40.51 18.75 -40.10
N LEU C 80 -40.67 17.46 -40.36
CA LEU C 80 -41.61 16.65 -39.56
C LEU C 80 -41.16 16.58 -38.11
N ASN C 81 -39.85 16.47 -37.88
CA ASN C 81 -39.33 16.42 -36.51
C ASN C 81 -39.64 17.71 -35.75
N LYS C 82 -39.61 18.85 -36.43
CA LYS C 82 -39.91 20.12 -35.77
C LYS C 82 -41.32 20.13 -35.21
N ARG C 83 -42.26 19.48 -35.90
CA ARG C 83 -43.66 19.49 -35.51
C ARG C 83 -44.12 18.20 -34.86
N THR C 84 -43.21 17.26 -34.63
CA THR C 84 -43.55 16.00 -33.98
C THR C 84 -43.42 16.15 -32.47
N GLN C 85 -44.28 15.43 -31.74
CA GLN C 85 -44.29 15.51 -30.29
C GLN C 85 -42.95 15.11 -29.70
N ASP C 86 -42.69 15.60 -28.49
CA ASP C 86 -41.44 15.29 -27.80
C ASP C 86 -41.50 13.92 -27.16
N PHE C 87 -40.37 13.22 -27.15
CA PHE C 87 -40.23 11.92 -26.55
C PHE C 87 -39.38 12.04 -25.29
N TRP C 88 -39.04 10.89 -24.70
CA TRP C 88 -38.01 10.82 -23.66
C TRP C 88 -37.15 9.60 -23.95
N GLU C 89 -35.93 9.85 -24.40
CA GLU C 89 -35.04 8.75 -24.78
C GLU C 89 -34.77 7.84 -23.59
N VAL C 90 -34.85 6.53 -23.84
CA VAL C 90 -34.55 5.54 -22.81
C VAL C 90 -33.10 5.10 -22.85
N GLN C 91 -32.31 5.60 -23.80
CA GLN C 91 -30.89 5.31 -23.88
C GLN C 91 -30.16 6.33 -23.02
N LEU C 92 -29.80 5.93 -21.81
CA LEU C 92 -29.19 6.85 -20.85
C LEU C 92 -27.68 6.90 -20.94
N GLY C 93 -27.07 6.06 -21.76
CA GLY C 93 -25.63 6.05 -21.88
C GLY C 93 -25.19 4.88 -22.75
N ILE C 94 -23.89 4.60 -22.69
CA ILE C 94 -23.28 3.57 -23.53
C ILE C 94 -22.64 2.50 -22.66
N PRO C 95 -22.82 1.22 -22.97
CA PRO C 95 -22.12 0.18 -22.20
C PRO C 95 -20.62 0.25 -22.43
N HIS C 96 -19.87 -0.01 -21.36
CA HIS C 96 -18.44 -0.09 -21.55
C HIS C 96 -17.95 -1.52 -21.34
N PRO C 97 -17.03 -1.99 -22.19
CA PRO C 97 -16.51 -3.36 -22.01
C PRO C 97 -15.87 -3.60 -20.65
N ALA C 98 -15.32 -2.55 -20.03
CA ALA C 98 -14.73 -2.70 -18.70
C ALA C 98 -15.77 -2.99 -17.63
N GLY C 99 -17.05 -2.88 -17.95
CA GLY C 99 -18.11 -3.29 -17.04
C GLY C 99 -18.58 -4.71 -17.24
N LEU C 100 -18.17 -5.35 -18.33
CA LEU C 100 -18.58 -6.71 -18.61
C LEU C 100 -17.86 -7.68 -17.67
N LYS C 101 -18.63 -8.54 -17.01
CA LYS C 101 -18.06 -9.65 -16.29
C LYS C 101 -17.62 -10.74 -17.26
N LYS C 102 -16.62 -11.51 -16.84
CA LYS C 102 -16.11 -12.59 -17.69
C LYS C 102 -17.14 -13.71 -17.75
N LYS C 103 -17.45 -14.17 -18.96
CA LYS C 103 -18.39 -15.26 -19.19
C LYS C 103 -17.69 -16.40 -19.94
N LYS C 104 -18.11 -17.62 -19.63
CA LYS C 104 -17.48 -18.79 -20.23
C LYS C 104 -17.73 -18.84 -21.73
N SER C 105 -18.96 -18.57 -22.16
CA SER C 105 -19.32 -18.55 -23.58
C SER C 105 -20.10 -17.29 -23.88
N VAL C 106 -19.90 -16.77 -25.10
CA VAL C 106 -20.39 -15.46 -25.48
C VAL C 106 -20.86 -15.51 -26.93
N THR C 107 -21.98 -14.85 -27.22
CA THR C 107 -22.51 -14.76 -28.58
C THR C 107 -22.98 -13.34 -28.84
N VAL C 108 -22.72 -12.86 -30.05
CA VAL C 108 -23.12 -11.52 -30.48
C VAL C 108 -23.88 -11.63 -31.78
N LEU C 109 -25.07 -11.05 -31.84
CA LEU C 109 -25.92 -11.10 -33.03
C LEU C 109 -26.61 -9.77 -33.21
N ASP C 110 -26.61 -9.25 -34.44
CA ASP C 110 -27.26 -7.95 -34.75
C ASP C 110 -28.53 -8.22 -35.56
N VAL C 111 -29.59 -7.47 -35.29
CA VAL C 111 -30.86 -7.65 -36.04
C VAL C 111 -30.69 -6.96 -37.39
N GLY C 112 -31.28 -7.54 -38.43
CA GLY C 112 -31.23 -6.93 -39.76
C GLY C 112 -32.49 -6.16 -40.03
N ASP C 113 -32.42 -5.16 -40.91
CA ASP C 113 -33.59 -4.33 -41.25
C ASP C 113 -34.37 -4.08 -39.97
N ALA C 114 -33.69 -3.54 -38.96
CA ALA C 114 -34.31 -3.38 -37.63
C ALA C 114 -35.50 -2.43 -37.68
N TYR C 115 -35.30 -1.21 -38.16
CA TYR C 115 -36.41 -0.25 -38.08
C TYR C 115 -37.57 -0.77 -38.92
N PHE C 116 -37.29 -1.70 -39.84
CA PHE C 116 -38.32 -2.19 -40.75
C PHE C 116 -39.10 -3.37 -40.19
N SER C 117 -38.70 -3.89 -39.02
CA SER C 117 -39.42 -4.96 -38.37
C SER C 117 -40.39 -4.49 -37.29
N VAL C 118 -40.54 -3.18 -37.11
CA VAL C 118 -41.36 -2.62 -36.05
C VAL C 118 -42.51 -1.83 -36.68
N PRO C 119 -43.77 -2.21 -36.45
CA PRO C 119 -44.88 -1.48 -37.07
C PRO C 119 -45.03 -0.07 -36.50
N LEU C 120 -45.29 0.87 -37.41
CA LEU C 120 -45.60 2.24 -37.03
C LEU C 120 -47.00 2.32 -36.40
N ASP C 121 -47.39 3.53 -36.01
CA ASP C 121 -48.72 3.75 -35.43
C ASP C 121 -49.75 3.95 -36.53
N GLU C 122 -50.93 3.36 -36.31
CA GLU C 122 -52.01 3.40 -37.30
C GLU C 122 -52.34 4.83 -37.74
N ASP C 123 -52.82 5.64 -36.81
CA ASP C 123 -53.30 6.98 -37.17
C ASP C 123 -52.18 7.90 -37.65
N PHE C 124 -50.93 7.62 -37.30
CA PHE C 124 -49.81 8.46 -37.66
C PHE C 124 -49.18 8.09 -39.01
N ARG C 125 -49.49 6.93 -39.56
CA ARG C 125 -48.84 6.47 -40.79
C ARG C 125 -48.99 7.48 -41.92
N LYS C 126 -50.09 8.24 -41.94
CA LYS C 126 -50.37 9.12 -43.07
C LYS C 126 -49.31 10.20 -43.26
N TYR C 127 -48.63 10.59 -42.18
CA TYR C 127 -47.69 11.71 -42.23
C TYR C 127 -46.35 11.37 -42.86
N THR C 128 -46.11 10.11 -43.20
CA THR C 128 -44.85 9.67 -43.81
C THR C 128 -44.82 9.85 -45.33
N ALA C 129 -45.77 10.58 -45.90
CA ALA C 129 -45.95 10.59 -47.35
C ALA C 129 -44.72 11.10 -48.07
N PHE C 130 -44.23 10.30 -49.01
CA PHE C 130 -43.12 10.66 -49.88
C PHE C 130 -43.35 9.98 -51.23
N THR C 131 -42.67 10.50 -52.25
CA THR C 131 -42.81 9.96 -53.60
C THR C 131 -41.47 9.42 -54.07
N ILE C 132 -41.53 8.35 -54.86
CA ILE C 132 -40.35 7.63 -55.32
C ILE C 132 -40.02 8.10 -56.73
N PRO C 133 -38.77 8.46 -57.01
CA PRO C 133 -38.42 8.99 -58.33
C PRO C 133 -38.37 7.93 -59.42
N SER C 134 -37.78 8.30 -60.55
CA SER C 134 -37.69 7.43 -61.72
C SER C 134 -36.24 7.51 -62.22
N ILE C 135 -36.02 7.07 -63.45
CA ILE C 135 -34.65 7.08 -63.98
C ILE C 135 -34.10 8.50 -63.98
N ASN C 136 -34.72 9.39 -64.75
CA ASN C 136 -34.30 10.79 -64.70
C ASN C 136 -35.44 11.63 -64.13
N ASN C 137 -35.99 12.49 -64.96
CA ASN C 137 -37.17 13.28 -64.62
C ASN C 137 -38.29 12.96 -65.60
N GLU C 138 -38.82 11.72 -65.58
CA GLU C 138 -39.93 11.41 -66.47
C GLU C 138 -41.09 10.69 -65.79
N THR C 139 -40.87 9.50 -65.25
CA THR C 139 -41.94 8.73 -64.64
C THR C 139 -42.39 9.38 -63.32
N PRO C 140 -43.70 9.37 -63.01
CA PRO C 140 -44.15 10.06 -61.79
C PRO C 140 -43.79 9.30 -60.53
N GLY C 141 -44.04 8.00 -60.48
CA GLY C 141 -43.71 7.23 -59.30
C GLY C 141 -44.81 7.08 -58.28
N ILE C 142 -44.86 5.92 -57.62
CA ILE C 142 -45.89 5.64 -56.64
C ILE C 142 -45.58 6.40 -55.35
N ARG C 143 -46.62 6.93 -54.71
CA ARG C 143 -46.50 7.56 -53.40
C ARG C 143 -46.77 6.52 -52.32
N TYR C 144 -45.97 6.57 -51.25
CA TYR C 144 -46.01 5.55 -50.21
C TYR C 144 -46.15 6.16 -48.83
N GLN C 145 -46.73 5.38 -47.92
CA GLN C 145 -46.74 5.66 -46.49
C GLN C 145 -46.06 4.51 -45.77
N TYR C 146 -45.26 4.84 -44.75
CA TYR C 146 -44.56 3.81 -44.00
C TYR C 146 -45.53 3.01 -43.13
N ASN C 147 -45.40 1.69 -43.18
CA ASN C 147 -46.08 0.80 -42.25
C ASN C 147 -45.18 0.39 -41.10
N VAL C 148 -43.92 0.85 -41.10
CA VAL C 148 -42.94 0.53 -40.07
C VAL C 148 -42.18 1.80 -39.71
N LEU C 149 -41.17 1.65 -38.85
CA LEU C 149 -40.39 2.79 -38.40
C LEU C 149 -39.40 3.21 -39.48
N PRO C 150 -39.42 4.46 -39.93
CA PRO C 150 -38.47 4.91 -40.95
C PRO C 150 -37.15 5.35 -40.36
N GLN C 151 -36.07 5.13 -41.14
CA GLN C 151 -34.70 5.52 -40.72
C GLN C 151 -34.51 7.00 -41.04
N GLY C 152 -34.48 7.84 -40.02
CA GLY C 152 -34.36 9.27 -40.21
C GLY C 152 -35.30 10.07 -39.35
N TRP C 153 -36.29 9.40 -38.76
CA TRP C 153 -37.23 10.04 -37.86
C TRP C 153 -36.62 10.17 -36.47
N LYS C 154 -37.15 11.11 -35.69
CA LYS C 154 -36.67 11.35 -34.34
C LYS C 154 -37.35 10.48 -33.29
N GLY C 155 -38.36 9.70 -33.68
CA GLY C 155 -39.02 8.81 -32.74
C GLY C 155 -38.68 7.36 -32.97
N SER C 156 -37.97 7.08 -34.06
CA SER C 156 -37.62 5.70 -34.39
C SER C 156 -36.78 5.02 -33.32
N PRO C 157 -35.69 5.61 -32.82
CA PRO C 157 -34.89 4.88 -31.81
C PRO C 157 -35.64 4.60 -30.53
N ALA C 158 -36.38 5.58 -30.01
CA ALA C 158 -37.08 5.41 -28.74
C ALA C 158 -38.11 4.29 -28.83
N ILE C 159 -38.85 4.23 -29.95
CA ILE C 159 -39.89 3.21 -30.09
C ILE C 159 -39.28 1.83 -30.29
N PHE C 160 -38.17 1.77 -31.04
CA PHE C 160 -37.50 0.48 -31.26
C PHE C 160 -36.95 -0.08 -29.95
N GLN C 161 -36.23 0.76 -29.18
CA GLN C 161 -35.62 0.30 -27.94
C GLN C 161 -36.66 -0.17 -26.94
N SER C 162 -37.77 0.58 -26.81
CA SER C 162 -38.80 0.21 -25.85
C SER C 162 -39.51 -1.07 -26.26
N SER C 163 -39.80 -1.22 -27.56
CA SER C 163 -40.37 -2.47 -28.04
C SER C 163 -39.43 -3.63 -27.83
N MET C 164 -38.13 -3.41 -28.06
CA MET C 164 -37.14 -4.46 -27.88
C MET C 164 -37.14 -5.00 -26.45
N THR C 165 -37.26 -4.11 -25.46
CA THR C 165 -37.22 -4.54 -24.07
C THR C 165 -38.43 -5.40 -23.72
N LYS C 166 -39.61 -5.01 -24.19
CA LYS C 166 -40.82 -5.79 -23.91
C LYS C 166 -40.75 -7.18 -24.53
N ILE C 167 -40.03 -7.32 -25.64
CA ILE C 167 -39.88 -8.63 -26.26
C ILE C 167 -38.92 -9.50 -25.47
N LEU C 168 -37.79 -8.94 -25.04
CA LEU C 168 -36.78 -9.70 -24.31
C LEU C 168 -37.17 -9.96 -22.85
N GLU C 169 -38.14 -9.22 -22.32
CA GLU C 169 -38.52 -9.40 -20.91
C GLU C 169 -38.94 -10.82 -20.58
N PRO C 170 -39.83 -11.48 -21.34
CA PRO C 170 -40.17 -12.88 -20.99
C PRO C 170 -38.97 -13.81 -21.00
N PHE C 171 -38.09 -13.69 -22.00
CA PHE C 171 -36.92 -14.57 -22.05
C PHE C 171 -35.98 -14.29 -20.88
N LYS C 172 -35.71 -13.02 -20.60
CA LYS C 172 -34.80 -12.67 -19.51
C LYS C 172 -35.27 -13.25 -18.18
N LYS C 173 -36.58 -13.25 -17.93
CA LYS C 173 -37.06 -13.81 -16.67
C LYS C 173 -37.05 -15.32 -16.67
N GLN C 174 -37.27 -15.96 -17.82
CA GLN C 174 -37.15 -17.42 -17.87
C GLN C 174 -35.70 -17.85 -17.81
N ASN C 175 -34.76 -16.98 -18.16
CA ASN C 175 -33.33 -17.26 -18.12
C ASN C 175 -32.65 -16.15 -17.32
N PRO C 176 -32.79 -16.15 -16.00
CA PRO C 176 -32.22 -15.05 -15.20
C PRO C 176 -30.70 -15.01 -15.22
N ASP C 177 -30.05 -16.15 -15.46
CA ASP C 177 -28.60 -16.23 -15.45
C ASP C 177 -27.99 -15.93 -16.82
N ILE C 178 -28.79 -15.46 -17.77
CA ILE C 178 -28.30 -15.06 -19.08
C ILE C 178 -28.19 -13.54 -19.10
N VAL C 179 -27.01 -13.04 -19.49
CA VAL C 179 -26.74 -11.61 -19.53
C VAL C 179 -26.96 -11.14 -20.97
N ILE C 180 -27.95 -10.27 -21.16
CA ILE C 180 -28.26 -9.70 -22.48
C ILE C 180 -28.02 -8.20 -22.39
N TYR C 181 -26.97 -7.74 -23.06
CA TYR C 181 -26.68 -6.31 -23.18
C TYR C 181 -27.41 -5.77 -24.41
N GLN C 182 -28.49 -5.01 -24.18
CA GLN C 182 -29.36 -4.53 -25.24
C GLN C 182 -29.01 -3.08 -25.57
N TYR C 183 -28.40 -2.88 -26.75
CA TYR C 183 -28.10 -1.55 -27.27
C TYR C 183 -28.64 -1.48 -28.69
N MET C 184 -29.81 -0.85 -28.85
CA MET C 184 -30.50 -0.75 -30.13
C MET C 184 -30.79 -2.17 -30.62
N ASP C 185 -30.14 -2.58 -31.71
CA ASP C 185 -30.36 -3.92 -32.32
C ASP C 185 -29.12 -4.79 -32.19
N ASP C 186 -28.14 -4.37 -31.41
CA ASP C 186 -26.94 -5.15 -31.15
C ASP C 186 -27.08 -5.84 -29.80
N LEU C 187 -27.01 -7.17 -29.80
CA LEU C 187 -27.25 -7.97 -28.60
C LEU C 187 -25.99 -8.75 -28.23
N TYR C 188 -25.53 -8.53 -26.99
CA TYR C 188 -24.45 -9.32 -26.39
C TYR C 188 -25.07 -10.33 -25.44
N VAL C 189 -24.92 -11.61 -25.75
CA VAL C 189 -25.48 -12.69 -24.93
C VAL C 189 -24.35 -13.53 -24.39
N GLY C 190 -24.28 -13.65 -23.06
CA GLY C 190 -23.23 -14.42 -22.42
C GLY C 190 -23.77 -15.23 -21.26
N SER C 191 -23.06 -16.31 -20.94
CA SER C 191 -23.48 -17.20 -19.88
C SER C 191 -22.27 -17.99 -19.38
N ASP C 192 -22.43 -18.59 -18.20
CA ASP C 192 -21.44 -19.52 -17.65
C ASP C 192 -21.75 -20.96 -18.03
N LEU C 193 -22.77 -21.18 -18.86
CA LEU C 193 -23.05 -22.51 -19.37
C LEU C 193 -21.92 -22.98 -20.29
N GLU C 194 -21.81 -24.29 -20.42
CA GLU C 194 -20.85 -24.87 -21.35
C GLU C 194 -21.28 -24.53 -22.78
N ILE C 195 -20.28 -24.43 -23.66
CA ILE C 195 -20.52 -23.90 -25.01
C ILE C 195 -21.58 -24.71 -25.74
N GLY C 196 -21.70 -26.00 -25.43
CA GLY C 196 -22.77 -26.79 -26.01
C GLY C 196 -24.14 -26.34 -25.53
N GLN C 197 -24.30 -26.21 -24.20
CA GLN C 197 -25.57 -25.75 -23.66
C GLN C 197 -25.84 -24.29 -24.01
N HIS C 198 -24.79 -23.48 -24.14
CA HIS C 198 -24.97 -22.07 -24.45
C HIS C 198 -25.65 -21.88 -25.81
N ARG C 199 -25.16 -22.60 -26.83
CA ARG C 199 -25.72 -22.48 -28.16
C ARG C 199 -27.17 -22.99 -28.20
N THR C 200 -27.53 -23.90 -27.30
CA THR C 200 -28.92 -24.32 -27.19
C THR C 200 -29.81 -23.16 -26.76
N LYS C 201 -29.38 -22.40 -25.74
CA LYS C 201 -30.13 -21.23 -25.31
C LYS C 201 -30.10 -20.13 -26.36
N ILE C 202 -29.00 -20.02 -27.11
CA ILE C 202 -28.92 -19.00 -28.17
C ILE C 202 -29.98 -19.27 -29.23
N GLU C 203 -30.12 -20.53 -29.64
CA GLU C 203 -31.14 -20.87 -30.64
C GLU C 203 -32.54 -20.68 -30.08
N GLU C 204 -32.72 -20.98 -28.79
CA GLU C 204 -33.99 -20.73 -28.12
C GLU C 204 -34.38 -19.25 -28.18
N LEU C 205 -33.40 -18.36 -28.02
CA LEU C 205 -33.69 -16.92 -28.05
C LEU C 205 -33.96 -16.45 -29.48
N ARG C 206 -33.23 -16.99 -30.46
CA ARG C 206 -33.52 -16.68 -31.85
C ARG C 206 -34.93 -17.09 -32.22
N GLN C 207 -35.42 -18.20 -31.66
CA GLN C 207 -36.81 -18.59 -31.85
C GLN C 207 -37.76 -17.62 -31.17
N HIS C 208 -37.44 -17.21 -29.93
CA HIS C 208 -38.29 -16.25 -29.23
C HIS C 208 -38.31 -14.90 -29.93
N LEU C 209 -37.19 -14.51 -30.54
CA LEU C 209 -37.16 -13.32 -31.38
C LEU C 209 -37.96 -13.51 -32.67
N LEU C 210 -38.02 -14.74 -33.17
CA LEU C 210 -38.66 -14.99 -34.47
C LEU C 210 -40.17 -14.81 -34.40
N ARG C 211 -40.81 -15.27 -33.32
CA ARG C 211 -42.26 -15.12 -33.18
C ARG C 211 -42.73 -13.69 -33.40
N TRP C 212 -41.93 -12.71 -32.99
CA TRP C 212 -42.26 -11.30 -33.14
C TRP C 212 -41.63 -10.69 -34.38
N GLY C 213 -41.12 -11.51 -35.29
CA GLY C 213 -40.59 -11.00 -36.54
C GLY C 213 -39.27 -10.26 -36.44
N LEU C 214 -38.32 -10.79 -35.67
CA LEU C 214 -36.99 -10.21 -35.55
C LEU C 214 -35.97 -11.20 -36.11
N THR C 215 -35.32 -10.81 -37.20
CA THR C 215 -34.37 -11.68 -37.87
C THR C 215 -33.04 -11.71 -37.13
N THR C 216 -32.40 -12.89 -37.11
CA THR C 216 -31.06 -13.09 -36.58
C THR C 216 -30.22 -13.71 -37.70
N PRO C 217 -29.70 -12.90 -38.61
CA PRO C 217 -28.94 -13.44 -39.75
C PRO C 217 -27.67 -14.15 -39.28
N ASP C 218 -27.32 -15.23 -39.98
CA ASP C 218 -26.13 -15.98 -39.64
C ASP C 218 -24.87 -15.16 -39.88
N LYS C 219 -24.88 -14.30 -40.90
CA LYS C 219 -23.71 -13.47 -41.19
C LYS C 219 -23.43 -12.49 -40.05
N LYS C 220 -24.49 -11.97 -39.42
CA LYS C 220 -24.32 -11.03 -38.28
C LYS C 220 -24.05 -11.83 -37.01
N HIS C 221 -24.54 -13.07 -36.96
CA HIS C 221 -24.34 -13.90 -35.79
C HIS C 221 -22.88 -14.31 -35.68
N GLN C 222 -22.31 -14.18 -34.48
CA GLN C 222 -20.91 -14.52 -34.23
C GLN C 222 -20.81 -15.47 -33.05
N LYS C 223 -20.18 -16.62 -33.25
CA LYS C 223 -19.94 -17.60 -32.20
C LYS C 223 -18.49 -17.65 -31.73
N GLU C 224 -17.56 -17.02 -32.44
CA GLU C 224 -16.15 -17.23 -32.21
C GLU C 224 -15.46 -15.90 -31.92
N PRO C 225 -14.51 -15.88 -30.98
CA PRO C 225 -13.75 -14.66 -30.75
C PRO C 225 -12.80 -14.39 -31.90
N PRO C 226 -12.42 -13.13 -32.13
CA PRO C 226 -12.83 -11.97 -31.32
C PRO C 226 -14.11 -11.32 -31.80
N PHE C 227 -15.09 -11.20 -30.90
CA PHE C 227 -16.37 -10.61 -31.26
C PHE C 227 -16.23 -9.11 -31.48
N LEU C 228 -16.85 -8.61 -32.54
CA LEU C 228 -16.89 -7.18 -32.83
C LEU C 228 -18.13 -6.59 -32.18
N TRP C 229 -17.94 -5.81 -31.12
CA TRP C 229 -19.04 -5.30 -30.31
C TRP C 229 -18.71 -3.89 -29.85
N MET C 230 -19.53 -2.92 -30.28
CA MET C 230 -19.40 -1.52 -29.88
C MET C 230 -18.03 -0.96 -30.25
N GLY C 231 -17.48 -1.41 -31.38
CA GLY C 231 -16.19 -0.92 -31.79
C GLY C 231 -15.03 -1.47 -31.01
N TYR C 232 -15.23 -2.58 -30.29
CA TYR C 232 -14.18 -3.23 -29.54
C TYR C 232 -13.95 -4.63 -30.10
N GLU C 233 -12.85 -5.24 -29.68
CA GLU C 233 -12.54 -6.63 -29.97
C GLU C 233 -12.51 -7.37 -28.64
N LEU C 234 -13.57 -8.13 -28.37
CA LEU C 234 -13.72 -8.82 -27.09
C LEU C 234 -13.08 -10.19 -27.16
N HIS C 235 -12.06 -10.42 -26.36
CA HIS C 235 -11.40 -11.69 -26.20
C HIS C 235 -11.82 -12.33 -24.90
N PRO C 236 -11.56 -13.64 -24.71
CA PRO C 236 -12.02 -14.31 -23.48
C PRO C 236 -11.60 -13.63 -22.19
N ASP C 237 -10.40 -13.04 -22.14
CA ASP C 237 -9.92 -12.42 -20.91
C ASP C 237 -9.37 -11.01 -21.11
N LYS C 238 -9.46 -10.45 -22.32
CA LYS C 238 -8.99 -9.09 -22.55
C LYS C 238 -9.85 -8.46 -23.63
N TRP C 239 -9.73 -7.13 -23.74
CA TRP C 239 -10.46 -6.40 -24.77
C TRP C 239 -9.61 -5.21 -25.23
N THR C 240 -9.95 -4.68 -26.40
CA THR C 240 -9.24 -3.54 -26.96
C THR C 240 -10.13 -2.85 -27.98
N VAL C 241 -9.76 -1.62 -28.31
CA VAL C 241 -10.46 -0.85 -29.33
C VAL C 241 -10.06 -1.32 -30.72
N GLN C 242 -11.00 -1.22 -31.66
CA GLN C 242 -10.69 -1.51 -33.05
C GLN C 242 -9.66 -0.50 -33.56
N PRO C 243 -8.79 -0.91 -34.48
CA PRO C 243 -7.61 -0.10 -34.82
C PRO C 243 -7.96 1.33 -35.20
N ILE C 244 -7.08 2.25 -34.86
CA ILE C 244 -7.30 3.69 -34.99
C ILE C 244 -6.36 4.24 -36.05
N VAL C 245 -6.92 4.84 -37.09
CA VAL C 245 -6.16 5.42 -38.18
C VAL C 245 -6.00 6.91 -37.93
N LEU C 246 -4.75 7.37 -37.77
CA LEU C 246 -4.48 8.79 -37.61
C LEU C 246 -4.11 9.40 -38.95
N PRO C 247 -4.72 10.54 -39.32
CA PRO C 247 -4.40 11.15 -40.61
C PRO C 247 -2.93 11.53 -40.70
N GLU C 248 -2.36 11.33 -41.90
CA GLU C 248 -0.95 11.57 -42.16
C GLU C 248 -0.71 12.86 -42.94
N LYS C 249 -1.66 13.79 -42.89
CA LYS C 249 -1.58 14.99 -43.72
C LYS C 249 -0.31 15.78 -43.44
N ASP C 250 0.30 16.28 -44.52
CA ASP C 250 1.50 17.11 -44.37
C ASP C 250 1.13 18.54 -44.00
N SER C 251 0.04 19.05 -44.55
CA SER C 251 -0.48 20.38 -44.23
C SER C 251 -1.88 20.21 -43.66
N TRP C 252 -2.08 20.74 -42.46
CA TRP C 252 -3.31 20.51 -41.70
C TRP C 252 -4.27 21.68 -41.85
N THR C 253 -5.54 21.37 -42.00
CA THR C 253 -6.61 22.36 -41.96
C THR C 253 -7.23 22.34 -40.56
N VAL C 254 -8.35 23.03 -40.40
CA VAL C 254 -9.05 22.97 -39.12
C VAL C 254 -9.75 21.62 -38.98
N ASN C 255 -10.39 21.15 -40.05
CA ASN C 255 -11.05 19.84 -40.02
C ASN C 255 -10.06 18.70 -39.86
N ASP C 256 -8.79 18.90 -40.23
CA ASP C 256 -7.79 17.87 -40.01
C ASP C 256 -7.45 17.75 -38.52
N ILE C 257 -7.18 18.88 -37.86
CA ILE C 257 -6.92 18.87 -36.43
C ILE C 257 -8.13 18.34 -35.67
N GLN C 258 -9.34 18.72 -36.11
CA GLN C 258 -10.56 18.23 -35.49
C GLN C 258 -10.64 16.70 -35.55
N LYS C 259 -10.37 16.13 -36.72
CA LYS C 259 -10.34 14.67 -36.83
C LYS C 259 -9.28 14.06 -35.91
N LEU C 260 -8.12 14.71 -35.81
CA LEU C 260 -7.04 14.18 -34.98
C LEU C 260 -7.41 14.23 -33.50
N VAL C 261 -7.95 15.36 -33.04
CA VAL C 261 -8.28 15.52 -31.63
C VAL C 261 -9.30 14.46 -31.20
N GLY C 262 -10.35 14.28 -31.99
CA GLY C 262 -11.37 13.30 -31.63
C GLY C 262 -10.84 11.88 -31.57
N LYS C 263 -9.98 11.51 -32.53
CA LYS C 263 -9.38 10.18 -32.51
C LYS C 263 -8.59 9.94 -31.23
N LEU C 264 -7.93 10.99 -30.72
CA LEU C 264 -7.14 10.84 -29.50
C LEU C 264 -8.03 10.71 -28.26
N ASN C 265 -9.12 11.49 -28.20
CA ASN C 265 -10.06 11.34 -27.09
C ASN C 265 -10.63 9.92 -27.05
N TRP C 266 -10.90 9.33 -28.21
CA TRP C 266 -11.37 7.95 -28.25
C TRP C 266 -10.30 6.99 -27.77
N ALA C 267 -9.03 7.22 -28.16
CA ALA C 267 -7.94 6.34 -27.74
C ALA C 267 -7.63 6.49 -26.27
N SER C 268 -7.90 7.66 -25.68
CA SER C 268 -7.52 7.93 -24.30
C SER C 268 -8.24 7.04 -23.28
N GLN C 269 -9.25 6.28 -23.71
CA GLN C 269 -9.96 5.41 -22.79
C GLN C 269 -9.22 4.13 -22.46
N ILE C 270 -8.15 3.80 -23.19
CA ILE C 270 -7.38 2.59 -22.91
C ILE C 270 -5.90 2.88 -23.09
N TYR C 271 -5.54 3.66 -24.11
CA TYR C 271 -4.15 4.08 -24.28
C TYR C 271 -3.81 5.14 -23.23
N PRO C 272 -2.90 4.87 -22.30
CA PRO C 272 -2.66 5.82 -21.20
C PRO C 272 -1.86 7.03 -21.63
N GLY C 273 -2.20 8.18 -21.07
CA GLY C 273 -1.39 9.37 -21.21
C GLY C 273 -1.58 10.17 -22.47
N ILE C 274 -2.70 10.00 -23.18
CA ILE C 274 -2.96 10.82 -24.36
C ILE C 274 -3.19 12.26 -23.93
N LYS C 275 -2.58 13.19 -24.65
CA LYS C 275 -2.65 14.61 -24.33
C LYS C 275 -3.15 15.39 -25.54
N VAL C 276 -4.09 16.31 -25.30
CA VAL C 276 -4.73 17.09 -26.35
C VAL C 276 -4.58 18.60 -26.16
N ARG C 277 -3.88 19.03 -25.11
CA ARG C 277 -3.83 20.45 -24.76
C ARG C 277 -3.31 21.31 -25.92
N GLN C 278 -2.10 21.02 -26.39
CA GLN C 278 -1.46 21.90 -27.37
C GLN C 278 -2.03 21.75 -28.77
N LEU C 279 -2.66 20.61 -29.08
CA LEU C 279 -3.33 20.46 -30.35
C LEU C 279 -4.64 21.24 -30.39
N SER C 280 -5.34 21.33 -29.26
CA SER C 280 -6.59 22.07 -29.19
C SER C 280 -6.38 23.57 -29.14
N LYS C 281 -5.20 24.04 -28.72
CA LYS C 281 -4.90 25.47 -28.74
C LYS C 281 -4.87 26.05 -30.14
N LEU C 282 -4.85 25.22 -31.18
CA LEU C 282 -4.84 25.71 -32.54
C LEU C 282 -6.22 26.06 -33.05
N LEU C 283 -7.27 25.46 -32.48
CA LEU C 283 -8.63 25.61 -32.98
C LEU C 283 -9.40 26.74 -32.31
N ARG C 284 -8.75 27.53 -31.46
CA ARG C 284 -9.46 28.55 -30.71
C ARG C 284 -9.65 29.80 -31.57
N GLY C 285 -10.90 30.25 -31.68
CA GLY C 285 -11.22 31.48 -32.37
C GLY C 285 -11.02 31.45 -33.87
N THR C 286 -11.03 30.27 -34.48
CA THR C 286 -10.85 30.15 -35.93
C THR C 286 -12.21 30.20 -36.63
N LYS C 287 -12.24 30.88 -37.77
CA LYS C 287 -13.50 31.10 -38.49
C LYS C 287 -13.89 29.87 -39.32
N ALA C 288 -13.06 29.52 -40.29
CA ALA C 288 -13.41 28.51 -41.29
C ALA C 288 -12.99 27.12 -40.83
N LEU C 289 -13.91 26.16 -40.95
CA LEU C 289 -13.57 24.76 -40.72
C LEU C 289 -12.60 24.25 -41.77
N THR C 290 -12.59 24.86 -42.96
CA THR C 290 -11.69 24.50 -44.03
C THR C 290 -10.38 25.26 -44.01
N GLU C 291 -10.25 26.26 -43.14
CA GLU C 291 -9.04 27.09 -43.09
C GLU C 291 -7.82 26.25 -42.75
N VAL C 292 -6.71 26.53 -43.45
CA VAL C 292 -5.45 25.84 -43.23
C VAL C 292 -4.67 26.54 -42.14
N ILE C 293 -4.06 25.76 -41.25
CA ILE C 293 -3.35 26.30 -40.10
C ILE C 293 -2.10 25.46 -39.85
N PRO C 294 -0.95 26.08 -39.61
CA PRO C 294 0.28 25.30 -39.39
C PRO C 294 0.36 24.74 -37.98
N LEU C 295 1.17 23.71 -37.83
CA LEU C 295 1.37 23.05 -36.54
C LEU C 295 2.48 23.77 -35.78
N THR C 296 2.17 24.20 -34.56
CA THR C 296 3.16 24.84 -33.70
C THR C 296 4.20 23.82 -33.24
N GLU C 297 5.33 24.34 -32.76
CA GLU C 297 6.35 23.49 -32.16
C GLU C 297 5.83 22.78 -30.90
N GLU C 298 4.76 23.31 -30.29
CA GLU C 298 4.12 22.63 -29.18
C GLU C 298 3.28 21.45 -29.65
N ALA C 299 2.38 21.69 -30.61
CA ALA C 299 1.51 20.63 -31.11
C ALA C 299 2.28 19.58 -31.90
N GLU C 300 3.39 19.96 -32.53
CA GLU C 300 4.21 18.98 -33.24
C GLU C 300 4.84 17.99 -32.27
N LEU C 301 5.31 18.48 -31.12
CA LEU C 301 5.86 17.58 -30.11
C LEU C 301 4.78 16.67 -29.53
N GLU C 302 3.57 17.20 -29.34
CA GLU C 302 2.50 16.42 -28.72
C GLU C 302 2.03 15.31 -29.63
N LEU C 303 1.86 15.60 -30.92
CA LEU C 303 1.42 14.56 -31.86
C LEU C 303 2.48 13.49 -32.04
N ALA C 304 3.75 13.84 -31.89
CA ALA C 304 4.82 12.85 -32.05
C ALA C 304 4.78 11.82 -30.92
N GLU C 305 4.74 12.28 -29.67
CA GLU C 305 4.68 11.36 -28.54
C GLU C 305 3.33 10.67 -28.44
N ASN C 306 2.27 11.28 -28.96
CA ASN C 306 0.97 10.60 -28.99
C ASN C 306 0.95 9.47 -30.01
N ARG C 307 1.66 9.63 -31.13
CA ARG C 307 1.74 8.55 -32.10
C ARG C 307 2.57 7.39 -31.56
N GLU C 308 3.49 7.66 -30.65
CA GLU C 308 4.30 6.59 -30.07
C GLU C 308 3.51 5.75 -29.08
N ILE C 309 2.53 6.35 -28.40
CA ILE C 309 1.67 5.58 -27.51
C ILE C 309 0.76 4.64 -28.31
N LEU C 310 0.17 5.15 -29.39
CA LEU C 310 -0.67 4.32 -30.26
C LEU C 310 0.13 3.27 -31.01
N LYS C 311 1.46 3.42 -31.06
CA LYS C 311 2.32 2.46 -31.76
C LYS C 311 2.19 1.07 -31.16
N GLU C 312 2.44 0.94 -29.87
CA GLU C 312 2.37 -0.36 -29.21
C GLU C 312 0.93 -0.67 -28.81
N PRO C 313 0.42 -1.85 -29.11
CA PRO C 313 -0.98 -2.16 -28.79
C PRO C 313 -1.18 -2.38 -27.29
N VAL C 314 -2.33 -1.94 -26.79
CA VAL C 314 -2.68 -2.08 -25.39
C VAL C 314 -4.03 -2.79 -25.30
N HIS C 315 -4.37 -3.21 -24.08
CA HIS C 315 -5.60 -3.97 -23.86
C HIS C 315 -6.10 -3.74 -22.45
N GLY C 316 -7.42 -3.93 -22.27
CA GLY C 316 -8.05 -3.85 -20.98
C GLY C 316 -8.54 -5.21 -20.49
N VAL C 317 -8.97 -5.24 -19.24
CA VAL C 317 -9.46 -6.47 -18.61
C VAL C 317 -10.93 -6.33 -18.28
N TYR C 318 -11.50 -7.32 -17.61
CA TYR C 318 -12.91 -7.34 -17.27
C TYR C 318 -13.10 -7.17 -15.77
N TYR C 319 -14.36 -7.01 -15.37
CA TYR C 319 -14.72 -6.63 -14.01
C TYR C 319 -14.88 -7.84 -13.12
N ASP C 320 -14.28 -7.78 -11.93
CA ASP C 320 -14.39 -8.84 -10.92
C ASP C 320 -15.12 -8.27 -9.71
N PRO C 321 -16.42 -8.53 -9.57
CA PRO C 321 -17.18 -7.91 -8.47
C PRO C 321 -16.65 -8.24 -7.09
N SER C 322 -15.81 -9.26 -6.96
CA SER C 322 -15.26 -9.60 -5.64
C SER C 322 -14.17 -8.63 -5.22
N LYS C 323 -13.29 -8.26 -6.14
CA LYS C 323 -12.16 -7.41 -5.82
C LYS C 323 -12.52 -5.93 -5.92
N ASP C 324 -11.79 -5.11 -5.18
CA ASP C 324 -12.04 -3.67 -5.12
C ASP C 324 -11.72 -3.01 -6.46
N LEU C 325 -12.20 -1.78 -6.60
CA LEU C 325 -11.88 -0.91 -7.72
C LEU C 325 -10.83 0.10 -7.27
N ILE C 326 -9.77 0.25 -8.06
CA ILE C 326 -8.66 1.14 -7.73
C ILE C 326 -8.50 2.15 -8.86
N ALA C 327 -8.36 3.42 -8.51
CA ALA C 327 -8.15 4.49 -9.47
C ALA C 327 -6.94 5.31 -9.04
N GLU C 328 -5.93 5.37 -9.90
CA GLU C 328 -4.70 6.10 -9.62
C GLU C 328 -4.54 7.21 -10.65
N ILE C 329 -4.18 8.41 -10.19
CA ILE C 329 -4.11 9.60 -11.03
C ILE C 329 -2.66 10.09 -11.07
N GLN C 330 -2.26 10.62 -12.22
CA GLN C 330 -0.96 11.27 -12.38
C GLN C 330 -1.18 12.69 -12.91
N LYS C 331 -0.27 13.59 -12.54
CA LYS C 331 -0.29 14.94 -13.07
C LYS C 331 0.60 15.02 -14.31
N GLN C 332 0.05 15.54 -15.40
CA GLN C 332 0.79 15.66 -16.65
C GLN C 332 1.22 17.09 -16.94
N GLY C 333 0.83 18.05 -16.12
CA GLY C 333 1.25 19.42 -16.35
C GLY C 333 0.30 20.17 -17.27
N GLN C 334 0.28 21.50 -17.10
CA GLN C 334 -0.60 22.38 -17.87
C GLN C 334 -2.06 22.01 -17.70
N GLY C 335 -2.45 21.71 -16.46
CA GLY C 335 -3.83 21.32 -16.19
C GLY C 335 -4.27 20.06 -16.90
N GLN C 336 -3.36 19.10 -17.04
CA GLN C 336 -3.67 17.82 -17.68
C GLN C 336 -3.43 16.69 -16.69
N TRP C 337 -4.38 15.75 -16.66
CA TRP C 337 -4.34 14.65 -15.71
C TRP C 337 -4.78 13.38 -16.42
N THR C 338 -4.15 12.26 -16.08
CA THR C 338 -4.55 10.95 -16.57
C THR C 338 -4.77 10.03 -15.39
N TYR C 339 -5.55 8.97 -15.62
CA TYR C 339 -5.84 8.02 -14.57
C TYR C 339 -5.98 6.63 -15.16
N GLN C 340 -5.81 5.63 -14.30
CA GLN C 340 -6.04 4.23 -14.65
C GLN C 340 -6.92 3.61 -13.58
N ILE C 341 -7.95 2.88 -14.01
CA ILE C 341 -8.83 2.15 -13.12
C ILE C 341 -8.54 0.67 -13.31
N TYR C 342 -8.12 0.01 -12.24
CA TYR C 342 -7.72 -1.39 -12.31
C TYR C 342 -8.17 -2.12 -11.06
N GLN C 343 -8.01 -3.45 -11.11
CA GLN C 343 -8.21 -4.32 -9.95
C GLN C 343 -6.94 -5.07 -9.60
N GLU C 344 -6.34 -5.76 -10.56
CA GLU C 344 -4.97 -6.24 -10.40
C GLU C 344 -3.99 -5.21 -10.94
N PRO C 345 -2.88 -4.98 -10.23
CA PRO C 345 -1.94 -3.95 -10.67
C PRO C 345 -1.38 -4.24 -12.06
N PHE C 346 -1.23 -3.17 -12.84
CA PHE C 346 -0.68 -3.17 -14.19
C PHE C 346 -1.58 -3.90 -15.19
N LYS C 347 -2.77 -4.31 -14.79
CA LYS C 347 -3.78 -4.85 -15.69
C LYS C 347 -4.99 -3.93 -15.61
N ASN C 348 -5.09 -3.01 -16.57
CA ASN C 348 -6.07 -1.93 -16.49
C ASN C 348 -7.45 -2.41 -16.93
N LEU C 349 -8.47 -1.94 -16.23
CA LEU C 349 -9.84 -2.04 -16.74
C LEU C 349 -10.07 -1.00 -17.82
N LYS C 350 -9.73 0.26 -17.55
CA LYS C 350 -9.76 1.32 -18.54
C LYS C 350 -8.93 2.48 -18.01
N THR C 351 -8.60 3.40 -18.90
CA THR C 351 -7.89 4.62 -18.57
C THR C 351 -8.72 5.83 -18.97
N GLY C 352 -8.18 7.01 -18.74
CA GLY C 352 -8.89 8.23 -19.08
C GLY C 352 -8.04 9.44 -18.76
N LYS C 353 -8.64 10.61 -18.96
CA LYS C 353 -7.93 11.85 -18.74
C LYS C 353 -8.91 12.96 -18.41
N TYR C 354 -8.52 13.83 -17.48
CA TYR C 354 -9.27 15.04 -17.14
C TYR C 354 -8.36 16.25 -17.37
N ALA C 355 -8.75 17.11 -18.31
CA ALA C 355 -7.98 18.30 -18.63
C ALA C 355 -8.83 19.57 -18.59
N ARG C 356 -10.08 19.49 -18.13
CA ARG C 356 -10.98 20.63 -18.17
C ARG C 356 -10.48 21.75 -17.26
N MET C 357 -10.44 22.96 -17.81
CA MET C 357 -10.11 24.17 -17.05
C MET C 357 -11.42 24.82 -16.64
N ARG C 358 -11.76 24.69 -15.36
CA ARG C 358 -13.02 25.21 -14.82
C ARG C 358 -12.72 26.48 -14.05
N GLY C 359 -13.23 27.60 -14.54
CA GLY C 359 -13.06 28.87 -13.87
C GLY C 359 -11.87 29.65 -14.38
N ALA C 360 -11.82 30.92 -13.99
CA ALA C 360 -10.71 31.77 -14.42
C ALA C 360 -9.45 31.46 -13.64
N HIS C 361 -9.56 31.20 -12.34
CA HIS C 361 -8.41 30.93 -11.49
C HIS C 361 -8.63 29.62 -10.74
N THR C 362 -7.62 28.76 -10.74
CA THR C 362 -7.71 27.46 -10.08
C THR C 362 -6.32 27.06 -9.61
N ASN C 363 -6.23 25.87 -9.00
CA ASN C 363 -4.96 25.30 -8.60
C ASN C 363 -5.00 23.79 -8.82
N ASP C 364 -3.86 23.13 -8.58
CA ASP C 364 -3.77 21.70 -8.84
C ASP C 364 -4.61 20.89 -7.86
N VAL C 365 -4.84 21.41 -6.65
CA VAL C 365 -5.68 20.69 -5.69
C VAL C 365 -7.13 20.70 -6.13
N LYS C 366 -7.62 21.86 -6.58
CA LYS C 366 -8.98 21.93 -7.12
C LYS C 366 -9.14 20.99 -8.30
N GLN C 367 -8.19 21.02 -9.25
CA GLN C 367 -8.32 20.19 -10.44
C GLN C 367 -8.19 18.71 -10.12
N LEU C 368 -7.44 18.36 -9.07
CA LEU C 368 -7.37 16.96 -8.67
C LEU C 368 -8.70 16.50 -8.07
N THR C 369 -9.32 17.34 -7.24
CA THR C 369 -10.63 17.02 -6.71
C THR C 369 -11.66 16.89 -7.83
N GLU C 370 -11.58 17.77 -8.82
CA GLU C 370 -12.49 17.70 -9.97
C GLU C 370 -12.26 16.42 -10.77
N ALA C 371 -11.01 15.95 -10.85
CA ALA C 371 -10.74 14.71 -11.56
C ALA C 371 -11.22 13.50 -10.76
N VAL C 372 -11.10 13.56 -9.43
CA VAL C 372 -11.63 12.49 -8.59
C VAL C 372 -13.14 12.39 -8.75
N GLN C 373 -13.82 13.53 -8.86
CA GLN C 373 -15.27 13.51 -9.03
C GLN C 373 -15.65 12.97 -10.40
N LYS C 374 -14.88 13.31 -11.43
CA LYS C 374 -15.15 12.78 -12.77
C LYS C 374 -14.98 11.27 -12.80
N ILE C 375 -13.96 10.75 -12.11
CA ILE C 375 -13.75 9.31 -12.07
C ILE C 375 -14.86 8.64 -11.28
N THR C 376 -15.27 9.24 -10.16
CA THR C 376 -16.31 8.66 -9.32
C THR C 376 -17.61 8.49 -10.10
N THR C 377 -18.05 9.55 -10.77
CA THR C 377 -19.27 9.47 -11.59
C THR C 377 -19.11 8.41 -12.67
N GLU C 378 -17.96 8.38 -13.34
CA GLU C 378 -17.71 7.37 -14.37
C GLU C 378 -17.77 5.96 -13.80
N SER C 379 -17.24 5.77 -12.59
CA SER C 379 -17.23 4.43 -11.99
C SER C 379 -18.63 4.03 -11.54
N ILE C 380 -19.40 4.97 -11.02
CA ILE C 380 -20.78 4.67 -10.63
C ILE C 380 -21.61 4.29 -11.85
N VAL C 381 -21.31 4.89 -13.01
CA VAL C 381 -22.01 4.52 -14.24
C VAL C 381 -21.65 3.10 -14.66
N ILE C 382 -20.35 2.78 -14.68
CA ILE C 382 -19.90 1.53 -15.28
C ILE C 382 -20.05 0.37 -14.31
N TRP C 383 -19.57 0.54 -13.08
CA TRP C 383 -19.56 -0.56 -12.11
C TRP C 383 -20.50 -0.34 -10.94
N GLY C 384 -21.15 0.82 -10.82
CA GLY C 384 -22.10 1.06 -9.75
C GLY C 384 -21.49 1.24 -8.38
N LYS C 385 -20.18 1.47 -8.29
CA LYS C 385 -19.53 1.70 -7.00
C LYS C 385 -18.42 2.72 -7.17
N THR C 386 -17.98 3.28 -6.05
CA THR C 386 -16.91 4.27 -6.02
C THR C 386 -15.57 3.57 -5.80
N PRO C 387 -14.55 3.87 -6.60
CA PRO C 387 -13.27 3.19 -6.45
C PRO C 387 -12.44 3.76 -5.31
N LYS C 388 -11.48 2.95 -4.87
CA LYS C 388 -10.46 3.43 -3.95
C LYS C 388 -9.38 4.17 -4.75
N PHE C 389 -8.97 5.32 -4.24
CA PHE C 389 -8.10 6.23 -4.98
C PHE C 389 -6.66 6.16 -4.49
N LYS C 390 -5.72 6.18 -5.43
CA LYS C 390 -4.30 6.38 -5.15
C LYS C 390 -3.92 7.75 -5.72
N LEU C 391 -3.68 8.73 -4.83
CA LEU C 391 -3.54 10.09 -5.29
C LEU C 391 -2.12 10.60 -5.07
N PRO C 392 -1.55 11.33 -6.05
CA PRO C 392 -0.20 11.89 -5.91
C PRO C 392 -0.17 13.20 -5.12
N ILE C 393 -0.77 13.18 -3.93
CA ILE C 393 -0.82 14.36 -3.06
C ILE C 393 -0.57 13.89 -1.63
N GLN C 394 0.29 14.62 -0.92
CA GLN C 394 0.60 14.26 0.45
C GLN C 394 -0.64 14.34 1.33
N LYS C 395 -0.71 13.45 2.33
CA LYS C 395 -1.86 13.46 3.23
C LYS C 395 -1.96 14.79 3.98
N GLU C 396 -0.82 15.36 4.37
CA GLU C 396 -0.82 16.63 5.08
C GLU C 396 -1.21 17.78 4.16
N THR C 397 -0.80 17.71 2.89
CA THR C 397 -1.18 18.75 1.93
C THR C 397 -2.69 18.91 1.85
N TRP C 398 -3.41 17.80 1.65
CA TRP C 398 -4.86 17.87 1.61
C TRP C 398 -5.43 18.35 2.94
N GLU C 399 -4.91 17.81 4.05
CA GLU C 399 -5.35 18.22 5.37
C GLU C 399 -5.25 19.72 5.54
N THR C 400 -4.19 20.32 4.99
CA THR C 400 -4.04 21.78 5.07
C THR C 400 -5.06 22.49 4.19
N TRP C 401 -5.38 21.92 3.03
CA TRP C 401 -6.24 22.60 2.07
C TRP C 401 -7.69 22.66 2.56
N TRP C 402 -8.28 21.50 2.89
CA TRP C 402 -9.71 21.48 3.17
C TRP C 402 -10.04 22.13 4.51
N THR C 403 -9.11 22.08 5.46
CA THR C 403 -9.36 22.73 6.75
C THR C 403 -9.41 24.24 6.61
N GLU C 404 -8.54 24.81 5.78
CA GLU C 404 -8.47 26.26 5.65
C GLU C 404 -9.45 26.81 4.62
N TYR C 405 -9.75 26.05 3.57
CA TYR C 405 -10.65 26.51 2.51
C TYR C 405 -12.03 26.82 3.08
N TRP C 406 -12.64 27.90 2.60
CA TRP C 406 -13.95 28.33 3.09
C TRP C 406 -15.09 27.51 2.53
N GLN C 407 -14.86 26.75 1.45
CA GLN C 407 -15.90 25.92 0.86
C GLN C 407 -15.72 24.46 1.28
N ALA C 408 -16.86 23.77 1.37
CA ALA C 408 -16.82 22.35 1.70
C ALA C 408 -16.24 21.56 0.54
N THR C 409 -15.36 20.62 0.86
CA THR C 409 -14.72 19.79 -0.15
C THR C 409 -14.32 18.47 0.50
N TRP C 410 -14.20 17.44 -0.32
CA TRP C 410 -13.97 16.11 0.21
C TRP C 410 -13.47 15.20 -0.90
N ILE C 411 -12.76 14.16 -0.49
CA ILE C 411 -12.29 13.10 -1.38
C ILE C 411 -12.60 11.77 -0.70
N PRO C 412 -13.12 10.76 -1.41
CA PRO C 412 -13.40 9.48 -0.76
C PRO C 412 -12.14 8.78 -0.27
N GLU C 413 -12.28 7.55 0.21
CA GLU C 413 -11.14 6.81 0.75
C GLU C 413 -9.99 6.78 -0.25
N TRP C 414 -8.82 7.25 0.19
CA TRP C 414 -7.68 7.37 -0.71
C TRP C 414 -6.40 7.23 0.10
N GLU C 415 -5.33 6.87 -0.60
CA GLU C 415 -4.01 6.74 -0.01
C GLU C 415 -2.98 7.44 -0.89
N PHE C 416 -1.86 7.82 -0.29
CA PHE C 416 -0.84 8.59 -0.99
C PHE C 416 0.01 7.69 -1.87
N VAL C 417 0.19 8.09 -3.13
CA VAL C 417 1.10 7.43 -4.05
C VAL C 417 2.17 8.44 -4.45
N ASN C 418 3.43 8.00 -4.43
CA ASN C 418 4.58 8.88 -4.59
C ASN C 418 4.90 9.22 -6.04
N THR C 419 4.02 8.93 -6.99
CA THR C 419 4.31 9.22 -8.40
C THR C 419 4.44 10.72 -8.63
N PRO C 420 5.63 11.23 -8.93
CA PRO C 420 5.80 12.66 -9.15
C PRO C 420 5.36 13.04 -10.55
N PRO C 421 5.06 14.32 -10.81
CA PRO C 421 5.10 15.46 -9.89
C PRO C 421 3.94 15.47 -8.88
N LEU C 422 4.24 15.74 -7.63
CA LEU C 422 3.22 15.75 -6.58
C LEU C 422 2.47 17.07 -6.58
N VAL C 423 1.21 17.00 -6.12
CA VAL C 423 0.36 18.17 -6.01
C VAL C 423 0.64 18.86 -4.67
N LYS C 424 0.82 20.18 -4.71
CA LYS C 424 1.14 20.94 -3.51
C LYS C 424 0.53 22.32 -3.60
N LEU C 425 0.47 23.00 -2.47
CA LEU C 425 0.09 24.41 -2.41
C LEU C 425 1.37 25.24 -2.48
N TRP C 426 1.45 26.13 -3.46
CA TRP C 426 2.70 26.81 -3.77
C TRP C 426 2.96 28.03 -2.89
N TYR C 427 1.99 28.44 -2.07
CA TYR C 427 2.22 29.52 -1.12
C TYR C 427 1.11 29.48 -0.08
N GLN C 428 1.29 30.25 0.98
CA GLN C 428 0.36 30.25 2.10
C GLN C 428 0.30 31.65 2.68
N LEU C 429 -0.89 32.23 2.73
CA LEU C 429 -1.07 33.53 3.35
C LEU C 429 -0.98 33.39 4.87
N GLU C 430 -0.25 34.30 5.50
CA GLU C 430 -0.13 34.28 6.95
C GLU C 430 -1.48 34.54 7.60
N LYS C 431 -1.73 33.87 8.72
CA LYS C 431 -2.95 34.13 9.48
C LYS C 431 -2.84 35.41 10.30
N GLU C 432 -1.64 35.87 10.60
CA GLU C 432 -1.41 37.05 11.41
C GLU C 432 -0.39 37.95 10.74
N PRO C 433 -0.47 39.27 10.97
CA PRO C 433 0.48 40.19 10.34
C PRO C 433 1.92 39.88 10.76
N ILE C 434 2.85 40.26 9.90
CA ILE C 434 4.25 39.90 10.07
C ILE C 434 4.98 41.04 10.81
N VAL C 435 5.53 40.72 11.97
CA VAL C 435 6.29 41.71 12.73
C VAL C 435 7.60 41.98 12.01
N GLY C 436 7.92 43.26 11.82
CA GLY C 436 9.14 43.65 11.13
C GLY C 436 9.03 43.70 9.63
N ALA C 437 7.89 43.34 9.06
CA ALA C 437 7.68 43.42 7.62
C ALA C 437 7.04 44.75 7.24
N GLU C 438 7.43 45.28 6.10
CA GLU C 438 6.88 46.54 5.62
C GLU C 438 5.39 46.38 5.32
N THR C 439 4.62 47.41 5.64
CA THR C 439 3.17 47.37 5.51
C THR C 439 2.75 48.24 4.33
N PHE C 440 2.18 47.61 3.30
CA PHE C 440 1.81 48.29 2.06
C PHE C 440 0.30 48.46 2.03
N TYR C 441 -0.16 49.72 2.11
CA TYR C 441 -1.57 50.03 1.93
C TYR C 441 -1.82 50.28 0.44
N VAL C 442 -2.49 49.35 -0.22
CA VAL C 442 -2.70 49.43 -1.66
C VAL C 442 -4.16 49.77 -1.94
N ASP C 443 -4.38 50.35 -3.12
CA ASP C 443 -5.71 50.68 -3.60
C ASP C 443 -5.63 50.95 -5.09
N GLY C 444 -6.78 50.86 -5.75
CA GLY C 444 -6.86 51.11 -7.18
C GLY C 444 -8.23 51.64 -7.54
N ALA C 445 -8.28 52.34 -8.67
CA ALA C 445 -9.52 52.94 -9.14
C ALA C 445 -9.37 53.21 -10.63
N ALA C 446 -10.48 53.10 -11.35
CA ALA C 446 -10.50 53.33 -12.78
C ALA C 446 -11.69 54.18 -13.15
N ASN C 447 -11.54 54.96 -14.22
CA ASN C 447 -12.61 55.80 -14.72
C ASN C 447 -13.42 55.03 -15.75
N ARG C 448 -14.75 55.01 -15.55
CA ARG C 448 -15.61 54.22 -16.42
C ARG C 448 -15.51 54.68 -17.88
N GLU C 449 -15.43 55.99 -18.11
CA GLU C 449 -15.37 56.48 -19.48
C GLU C 449 -13.95 56.44 -20.04
N THR C 450 -12.99 57.02 -19.32
CA THR C 450 -11.64 57.16 -19.84
C THR C 450 -10.93 55.82 -19.99
N LYS C 451 -11.40 54.78 -19.30
CA LYS C 451 -10.70 53.50 -19.15
C LYS C 451 -9.30 53.68 -18.58
N LEU C 452 -9.00 54.86 -18.05
CA LEU C 452 -7.72 55.15 -17.42
C LEU C 452 -7.89 55.04 -15.91
N GLY C 453 -6.86 54.54 -15.24
CA GLY C 453 -6.95 54.35 -13.80
C GLY C 453 -5.57 54.42 -13.19
N LYS C 454 -5.55 54.40 -11.87
CA LYS C 454 -4.32 54.43 -11.10
C LYS C 454 -4.30 53.26 -10.15
N ALA C 455 -3.10 52.77 -9.85
CA ALA C 455 -2.89 51.70 -8.89
C ALA C 455 -1.62 52.01 -8.14
N GLY C 456 -1.69 52.07 -6.82
CA GLY C 456 -0.53 52.46 -6.06
C GLY C 456 -0.60 51.99 -4.63
N TYR C 457 0.32 52.52 -3.82
CA TYR C 457 0.42 52.12 -2.42
C TYR C 457 1.11 53.20 -1.62
N VAL C 458 0.93 53.12 -0.31
CA VAL C 458 1.69 53.88 0.67
C VAL C 458 2.16 52.90 1.73
N THR C 459 3.35 53.15 2.28
CA THR C 459 3.91 52.26 3.30
C THR C 459 4.21 53.04 4.57
N ASN C 460 4.41 52.29 5.65
CA ASN C 460 4.76 52.91 6.92
C ASN C 460 6.13 53.55 6.88
N LYS C 461 7.05 53.02 6.07
CA LYS C 461 8.41 53.53 5.96
C LYS C 461 8.52 54.71 5.02
N GLY C 462 7.41 55.26 4.53
CA GLY C 462 7.43 56.40 3.65
C GLY C 462 7.45 56.09 2.17
N ARG C 463 7.71 54.83 1.80
CA ARG C 463 7.74 54.45 0.40
C ARG C 463 6.37 54.68 -0.25
N GLN C 464 6.37 54.89 -1.56
CA GLN C 464 5.15 55.28 -2.25
C GLN C 464 5.31 55.04 -3.74
N LYS C 465 4.18 54.86 -4.42
CA LYS C 465 4.14 54.70 -5.88
C LYS C 465 2.70 54.79 -6.35
N VAL C 466 2.51 55.41 -7.52
CA VAL C 466 1.26 55.39 -8.26
C VAL C 466 1.60 55.22 -9.74
N VAL C 467 0.87 54.34 -10.42
CA VAL C 467 1.15 53.97 -11.80
C VAL C 467 -0.08 54.29 -12.64
N PRO C 468 0.06 55.02 -13.74
CA PRO C 468 -1.08 55.21 -14.64
C PRO C 468 -1.35 53.94 -15.43
N LEU C 469 -2.63 53.65 -15.62
CA LEU C 469 -3.04 52.43 -16.30
C LEU C 469 -3.95 52.77 -17.46
N THR C 470 -3.71 52.11 -18.60
CA THR C 470 -4.41 52.40 -19.84
C THR C 470 -5.35 51.26 -20.18
N ASN C 471 -6.57 51.61 -20.57
CA ASN C 471 -7.59 50.65 -20.99
C ASN C 471 -7.78 49.56 -19.94
N THR C 472 -8.16 50.00 -18.74
CA THR C 472 -8.26 49.12 -17.57
C THR C 472 -9.63 49.29 -16.91
N THR C 473 -9.87 48.46 -15.88
CA THR C 473 -11.12 48.47 -15.12
C THR C 473 -10.81 48.60 -13.64
N ASN C 474 -11.86 48.91 -12.85
CA ASN C 474 -11.70 49.04 -11.41
C ASN C 474 -11.11 47.78 -10.77
N GLN C 475 -11.56 46.60 -11.21
CA GLN C 475 -11.03 45.36 -10.66
C GLN C 475 -9.56 45.19 -11.00
N LYS C 476 -9.19 45.44 -12.26
CA LYS C 476 -7.81 45.25 -12.68
C LYS C 476 -6.87 46.20 -11.95
N THR C 477 -7.31 47.43 -11.68
CA THR C 477 -6.46 48.35 -10.93
C THR C 477 -6.27 47.88 -9.49
N GLU C 478 -7.32 47.30 -8.90
CA GLU C 478 -7.19 46.76 -7.54
C GLU C 478 -6.24 45.57 -7.52
N LEU C 479 -6.27 44.74 -8.56
CA LEU C 479 -5.29 43.68 -8.69
C LEU C 479 -3.90 44.24 -8.97
N GLN C 480 -3.83 45.28 -9.82
CA GLN C 480 -2.54 45.86 -10.17
C GLN C 480 -1.84 46.44 -8.95
N ALA C 481 -2.61 47.09 -8.06
CA ALA C 481 -2.01 47.66 -6.85
C ALA C 481 -1.38 46.59 -5.97
N ILE C 482 -1.94 45.38 -5.96
CA ILE C 482 -1.36 44.31 -5.16
C ILE C 482 -0.10 43.78 -5.84
N TYR C 483 -0.11 43.71 -7.17
CA TYR C 483 1.10 43.32 -7.90
C TYR C 483 2.26 44.26 -7.62
N LEU C 484 1.98 45.57 -7.58
CA LEU C 484 3.02 46.55 -7.31
C LEU C 484 3.63 46.36 -5.92
N ALA C 485 2.79 46.22 -4.90
CA ALA C 485 3.28 46.00 -3.55
C ALA C 485 4.09 44.71 -3.46
N LEU C 486 3.74 43.70 -4.26
CA LEU C 486 4.51 42.46 -4.26
C LEU C 486 5.86 42.67 -4.94
N GLN C 487 5.90 43.47 -6.01
CA GLN C 487 7.15 43.69 -6.72
C GLN C 487 8.15 44.49 -5.90
N ASP C 488 7.68 45.54 -5.21
CA ASP C 488 8.56 46.50 -4.56
C ASP C 488 8.79 46.19 -3.08
N SER C 489 8.54 44.96 -2.64
CA SER C 489 8.69 44.60 -1.24
C SER C 489 9.70 43.47 -1.10
N GLY C 490 10.14 43.26 0.15
CA GLY C 490 11.06 42.20 0.46
C GLY C 490 10.40 40.83 0.52
N LEU C 491 11.10 39.87 1.14
CA LEU C 491 10.59 38.52 1.25
C LEU C 491 9.40 38.43 2.20
N GLU C 492 9.24 39.39 3.11
CA GLU C 492 8.12 39.43 4.04
C GLU C 492 7.41 40.77 3.89
N VAL C 493 6.10 40.74 3.71
CA VAL C 493 5.35 41.95 3.40
C VAL C 493 3.94 41.82 3.95
N ASN C 494 3.44 42.91 4.54
CA ASN C 494 2.04 43.04 4.91
C ASN C 494 1.35 43.92 3.87
N ILE C 495 0.24 43.43 3.31
CA ILE C 495 -0.49 44.15 2.29
C ILE C 495 -1.92 44.33 2.77
N VAL C 496 -2.38 45.58 2.79
CA VAL C 496 -3.74 45.92 3.21
C VAL C 496 -4.47 46.50 2.01
N THR C 497 -5.51 45.81 1.56
CA THR C 497 -6.31 46.22 0.42
C THR C 497 -7.75 46.46 0.87
N ASN C 498 -8.52 47.10 0.00
CA ASN C 498 -9.96 47.24 0.21
C ASN C 498 -10.74 46.53 -0.88
N SER C 499 -10.06 45.76 -1.73
CA SER C 499 -10.68 45.04 -2.82
C SER C 499 -11.20 43.70 -2.32
N GLN C 500 -12.52 43.55 -2.24
CA GLN C 500 -13.11 42.25 -1.97
C GLN C 500 -12.79 41.28 -3.10
N TYR C 501 -12.89 41.76 -4.35
CA TYR C 501 -12.69 40.92 -5.52
C TYR C 501 -11.30 40.31 -5.53
N ALA C 502 -10.27 41.12 -5.31
CA ALA C 502 -8.91 40.63 -5.38
C ALA C 502 -8.60 39.68 -4.22
N LEU C 503 -9.05 40.04 -3.02
CA LEU C 503 -8.75 39.23 -1.84
C LEU C 503 -9.37 37.83 -1.97
N GLY C 504 -10.57 37.75 -2.53
CA GLY C 504 -11.19 36.44 -2.73
C GLY C 504 -10.38 35.56 -3.68
N ILE C 505 -9.88 36.14 -4.76
CA ILE C 505 -9.10 35.37 -5.73
C ILE C 505 -7.84 34.81 -5.09
N ILE C 506 -7.10 35.66 -4.36
CA ILE C 506 -5.80 35.27 -3.85
C ILE C 506 -5.95 34.29 -2.69
N GLN C 507 -6.96 34.49 -1.85
CA GLN C 507 -7.15 33.64 -0.68
C GLN C 507 -7.39 32.18 -1.05
N ALA C 508 -7.86 31.91 -2.27
CA ALA C 508 -8.06 30.54 -2.73
C ALA C 508 -6.76 29.88 -3.20
N GLN C 509 -5.63 30.56 -3.03
CA GLN C 509 -4.31 30.02 -3.34
C GLN C 509 -4.23 29.40 -4.73
N PRO C 510 -4.53 30.14 -5.80
CA PRO C 510 -4.43 29.59 -7.14
C PRO C 510 -2.99 29.52 -7.63
N ASP C 511 -2.73 28.54 -8.48
CA ASP C 511 -1.44 28.44 -9.17
C ASP C 511 -1.57 28.60 -10.68
N LYS C 512 -2.78 28.78 -11.20
CA LYS C 512 -3.01 28.99 -12.62
C LYS C 512 -4.14 29.98 -12.80
N SER C 513 -4.12 30.70 -13.92
CA SER C 513 -5.17 31.68 -14.18
C SER C 513 -5.24 31.96 -15.68
N GLU C 514 -6.46 32.26 -16.15
CA GLU C 514 -6.63 32.79 -17.49
C GLU C 514 -6.09 34.20 -17.60
N SER C 515 -6.19 34.98 -16.53
CA SER C 515 -5.67 36.34 -16.51
C SER C 515 -4.17 36.33 -16.34
N GLU C 516 -3.46 36.99 -17.27
CA GLU C 516 -2.01 37.06 -17.17
C GLU C 516 -1.57 37.92 -15.99
N LEU C 517 -2.38 38.90 -15.61
CA LEU C 517 -2.06 39.71 -14.44
C LEU C 517 -2.03 38.87 -13.17
N VAL C 518 -2.96 37.91 -13.04
CA VAL C 518 -2.99 37.07 -11.86
C VAL C 518 -1.79 36.12 -11.84
N ASN C 519 -1.45 35.55 -13.00
CA ASN C 519 -0.26 34.70 -13.09
C ASN C 519 0.99 35.44 -12.63
N GLN C 520 1.07 36.74 -12.95
CA GLN C 520 2.20 37.54 -12.48
C GLN C 520 2.13 37.76 -10.98
N ILE C 521 0.92 37.89 -10.43
CA ILE C 521 0.76 37.96 -8.98
C ILE C 521 1.13 36.63 -8.34
N ILE C 522 0.68 35.52 -8.94
CA ILE C 522 1.02 34.18 -8.44
C ILE C 522 2.53 34.00 -8.40
N GLU C 523 3.22 34.34 -9.50
CA GLU C 523 4.67 34.21 -9.55
C GLU C 523 5.35 34.96 -8.42
N GLN C 524 4.82 36.15 -8.09
CA GLN C 524 5.42 36.93 -7.00
C GLN C 524 5.15 36.28 -5.65
N LEU C 525 3.95 35.75 -5.44
CA LEU C 525 3.62 35.15 -4.15
C LEU C 525 4.50 33.95 -3.85
N ILE C 526 4.85 33.16 -4.87
CA ILE C 526 5.73 32.02 -4.67
C ILE C 526 7.13 32.47 -4.24
N LYS C 527 7.59 33.61 -4.75
CA LYS C 527 8.92 34.09 -4.37
C LYS C 527 8.97 34.52 -2.91
N LYS C 528 7.86 35.03 -2.38
CA LYS C 528 7.86 35.58 -1.04
C LYS C 528 8.04 34.49 0.01
N GLU C 529 8.42 34.91 1.20
CA GLU C 529 8.56 34.02 2.34
C GLU C 529 7.38 34.11 3.29
N LYS C 530 6.83 35.31 3.47
CA LYS C 530 5.64 35.53 4.30
C LYS C 530 4.82 36.64 3.66
N VAL C 531 3.58 36.34 3.30
CA VAL C 531 2.63 37.33 2.81
C VAL C 531 1.43 37.35 3.74
N TYR C 532 1.02 38.54 4.16
CA TYR C 532 -0.19 38.72 4.94
C TYR C 532 -1.11 39.68 4.22
N LEU C 533 -2.27 39.20 3.80
CA LEU C 533 -3.29 40.01 3.16
C LEU C 533 -4.38 40.35 4.15
N ALA C 534 -4.86 41.59 4.11
CA ALA C 534 -5.91 42.06 5.00
C ALA C 534 -6.87 42.92 4.19
N TRP C 535 -8.03 43.19 4.79
CA TRP C 535 -9.07 43.97 4.12
C TRP C 535 -9.65 44.99 5.07
N VAL C 536 -9.84 46.20 4.58
CA VAL C 536 -10.48 47.28 5.34
C VAL C 536 -11.52 47.94 4.44
N PRO C 537 -12.61 48.48 4.97
CA PRO C 537 -13.56 49.18 4.11
C PRO C 537 -13.02 50.53 3.67
N ALA C 538 -13.41 50.93 2.46
CA ALA C 538 -12.95 52.19 1.92
C ALA C 538 -13.75 53.36 2.48
N HIS C 539 -13.15 54.55 2.44
CA HIS C 539 -13.80 55.80 2.79
C HIS C 539 -14.30 55.82 4.22
N LYS C 540 -13.71 55.01 5.10
CA LYS C 540 -14.04 55.00 6.52
C LYS C 540 -13.00 55.70 7.38
N GLY C 541 -12.09 56.45 6.76
CA GLY C 541 -11.03 57.10 7.51
C GLY C 541 -10.06 56.14 8.19
N ILE C 542 -9.76 55.02 7.54
CA ILE C 542 -8.92 53.97 8.11
C ILE C 542 -7.49 54.15 7.65
N GLY C 543 -6.56 54.19 8.60
CA GLY C 543 -5.15 53.97 8.33
C GLY C 543 -4.60 54.72 7.14
N GLY C 544 -3.70 54.06 6.42
CA GLY C 544 -3.20 54.51 5.15
C GLY C 544 -4.09 54.21 3.96
N ASN C 545 -5.21 53.51 4.17
CA ASN C 545 -6.14 53.25 3.09
C ASN C 545 -6.77 54.52 2.56
N GLU C 546 -6.92 55.54 3.41
CA GLU C 546 -7.46 56.81 2.94
C GLU C 546 -6.40 57.64 2.22
N GLN C 547 -5.13 57.47 2.59
CA GLN C 547 -4.07 58.24 1.93
C GLN C 547 -3.87 57.76 0.50
N VAL C 548 -3.90 56.44 0.29
CA VAL C 548 -3.74 55.90 -1.06
C VAL C 548 -5.03 55.97 -1.87
N ASP C 549 -6.19 56.04 -1.22
CA ASP C 549 -7.43 56.28 -1.94
C ASP C 549 -7.46 57.67 -2.55
N LYS C 550 -6.75 58.62 -1.92
CA LYS C 550 -6.64 59.96 -2.49
C LYS C 550 -5.73 59.96 -3.71
N LEU C 551 -4.61 59.22 -3.63
CA LEU C 551 -3.63 59.24 -4.71
C LEU C 551 -4.20 58.65 -5.99
N VAL C 552 -4.93 57.54 -5.89
CA VAL C 552 -5.41 56.83 -7.08
C VAL C 552 -6.65 57.43 -7.68
N SER C 553 -7.24 58.45 -7.07
CA SER C 553 -8.38 59.15 -7.63
C SER C 553 -8.00 60.47 -8.29
N ALA C 554 -6.90 61.09 -7.87
CA ALA C 554 -6.44 62.34 -8.45
C ALA C 554 -6.09 62.19 -9.92
N PRO D 5 -61.11 2.29 -5.72
CA PRO D 5 -62.41 2.86 -6.09
C PRO D 5 -62.78 4.09 -5.28
N ILE D 6 -62.00 5.16 -5.46
CA ILE D 6 -62.19 6.43 -4.77
C ILE D 6 -62.15 7.54 -5.81
N GLU D 7 -62.90 8.60 -5.57
CA GLU D 7 -62.94 9.72 -6.50
C GLU D 7 -61.58 10.40 -6.58
N THR D 8 -61.12 10.67 -7.80
CA THR D 8 -59.82 11.26 -8.04
C THR D 8 -59.97 12.76 -8.25
N VAL D 9 -59.30 13.54 -7.42
CA VAL D 9 -59.37 15.00 -7.53
C VAL D 9 -58.62 15.44 -8.79
N PRO D 10 -59.23 16.24 -9.66
CA PRO D 10 -58.52 16.68 -10.86
C PRO D 10 -57.43 17.70 -10.53
N VAL D 11 -56.30 17.57 -11.20
CA VAL D 11 -55.14 18.43 -10.98
C VAL D 11 -54.66 18.96 -12.32
N LYS D 12 -54.42 20.27 -12.39
CA LYS D 12 -53.90 20.92 -13.58
C LYS D 12 -52.67 21.72 -13.20
N LEU D 13 -51.69 21.78 -14.09
CA LEU D 13 -50.49 22.54 -13.85
C LEU D 13 -50.79 24.03 -13.75
N LYS D 14 -49.78 24.80 -13.35
CA LYS D 14 -49.90 26.24 -13.33
C LYS D 14 -50.22 26.76 -14.73
N PRO D 15 -50.96 27.87 -14.84
CA PRO D 15 -51.38 28.35 -16.16
C PRO D 15 -50.18 28.63 -17.07
N GLY D 16 -50.22 28.06 -18.27
CA GLY D 16 -49.17 28.25 -19.25
C GLY D 16 -47.82 27.69 -18.83
N MET D 17 -47.78 26.40 -18.51
CA MET D 17 -46.55 25.78 -18.02
C MET D 17 -46.56 24.31 -18.39
N ASP D 18 -45.40 23.78 -18.71
CA ASP D 18 -45.24 22.40 -19.17
C ASP D 18 -44.60 21.55 -18.08
N GLY D 19 -44.84 20.24 -18.16
CA GLY D 19 -44.39 19.31 -17.16
C GLY D 19 -42.88 19.20 -17.01
N PRO D 20 -42.44 18.44 -16.00
CA PRO D 20 -41.00 18.35 -15.72
C PRO D 20 -40.29 17.41 -16.68
N LYS D 21 -39.16 17.88 -17.23
CA LYS D 21 -38.28 17.07 -18.06
C LYS D 21 -36.87 17.19 -17.48
N VAL D 22 -36.52 16.27 -16.57
CA VAL D 22 -35.24 16.30 -15.87
C VAL D 22 -34.58 14.93 -16.02
N LYS D 23 -33.33 14.93 -16.48
CA LYS D 23 -32.63 13.68 -16.73
C LYS D 23 -32.34 12.93 -15.44
N GLN D 24 -32.19 11.62 -15.57
CA GLN D 24 -31.90 10.75 -14.44
C GLN D 24 -30.40 10.60 -14.25
N TRP D 25 -29.92 10.85 -13.02
CA TRP D 25 -28.49 10.80 -12.74
C TRP D 25 -28.06 9.39 -12.36
N PRO D 26 -26.77 9.08 -12.51
CA PRO D 26 -26.28 7.74 -12.19
C PRO D 26 -26.58 7.33 -10.76
N LEU D 27 -26.89 6.05 -10.57
CA LEU D 27 -27.16 5.48 -9.27
C LEU D 27 -26.19 4.34 -8.98
N THR D 28 -25.85 4.18 -7.71
CA THR D 28 -24.98 3.07 -7.31
C THR D 28 -25.71 1.74 -7.46
N GLU D 29 -24.94 0.66 -7.37
CA GLU D 29 -25.53 -0.68 -7.48
C GLU D 29 -26.54 -0.92 -6.36
N GLU D 30 -26.13 -0.65 -5.12
CA GLU D 30 -27.02 -0.88 -3.98
C GLU D 30 -28.31 -0.06 -4.08
N LYS D 31 -28.25 1.09 -4.75
CA LYS D 31 -29.46 1.89 -4.93
C LYS D 31 -30.31 1.40 -6.09
N ILE D 32 -29.69 0.86 -7.14
CA ILE D 32 -30.46 0.35 -8.28
C ILE D 32 -31.18 -0.93 -7.90
N LYS D 33 -30.51 -1.84 -7.18
CA LYS D 33 -31.16 -3.05 -6.68
C LYS D 33 -32.37 -2.71 -5.81
N ALA D 34 -32.20 -1.75 -4.90
CA ALA D 34 -33.30 -1.34 -4.04
C ALA D 34 -34.47 -0.80 -4.84
N LEU D 35 -34.18 -0.05 -5.91
CA LEU D 35 -35.25 0.55 -6.69
C LEU D 35 -35.99 -0.49 -7.53
N VAL D 36 -35.26 -1.40 -8.17
CA VAL D 36 -35.90 -2.44 -8.96
C VAL D 36 -36.81 -3.30 -8.08
N GLU D 37 -36.36 -3.59 -6.86
CA GLU D 37 -37.18 -4.38 -5.94
C GLU D 37 -38.39 -3.59 -5.45
N ILE D 38 -38.20 -2.32 -5.10
CA ILE D 38 -39.32 -1.48 -4.65
C ILE D 38 -40.32 -1.27 -5.78
N CYS D 39 -39.83 -1.03 -6.99
CA CYS D 39 -40.74 -0.73 -8.09
C CYS D 39 -41.45 -1.97 -8.61
N THR D 40 -40.84 -3.15 -8.48
CA THR D 40 -41.50 -4.38 -8.89
C THR D 40 -42.73 -4.66 -8.01
N GLU D 41 -42.53 -4.65 -6.70
CA GLU D 41 -43.66 -4.87 -5.79
C GLU D 41 -44.67 -3.73 -5.86
N MET D 42 -44.22 -2.50 -6.10
CA MET D 42 -45.15 -1.40 -6.30
C MET D 42 -45.96 -1.55 -7.57
N GLU D 43 -45.48 -2.34 -8.53
CA GLU D 43 -46.24 -2.58 -9.75
C GLU D 43 -47.27 -3.67 -9.56
N LYS D 44 -46.87 -4.78 -8.92
CA LYS D 44 -47.83 -5.85 -8.62
C LYS D 44 -48.91 -5.39 -7.66
N GLU D 45 -48.68 -4.28 -6.96
CA GLU D 45 -49.70 -3.64 -6.13
C GLU D 45 -50.43 -2.53 -6.86
N GLY D 46 -50.18 -2.37 -8.17
CA GLY D 46 -50.88 -1.39 -8.97
C GLY D 46 -50.57 0.05 -8.67
N LYS D 47 -49.68 0.34 -7.71
CA LYS D 47 -49.35 1.72 -7.36
C LYS D 47 -48.68 2.43 -8.51
N ILE D 48 -47.87 1.72 -9.31
CA ILE D 48 -47.24 2.27 -10.50
C ILE D 48 -47.38 1.25 -11.62
N SER D 49 -47.17 1.72 -12.85
CA SER D 49 -47.24 0.86 -14.02
C SER D 49 -46.28 1.38 -15.08
N LYS D 50 -45.65 0.46 -15.79
CA LYS D 50 -44.61 0.83 -16.74
C LYS D 50 -45.20 1.64 -17.89
N ILE D 51 -44.38 2.55 -18.42
CA ILE D 51 -44.78 3.39 -19.55
C ILE D 51 -43.67 3.35 -20.59
N GLY D 52 -43.79 4.19 -21.61
CA GLY D 52 -42.86 4.18 -22.71
C GLY D 52 -42.36 5.57 -23.05
N PRO D 53 -41.50 5.67 -24.07
CA PRO D 53 -40.90 6.96 -24.43
C PRO D 53 -41.90 7.94 -25.02
N GLU D 54 -43.14 7.53 -25.27
CA GLU D 54 -44.17 8.48 -25.70
C GLU D 54 -44.42 9.56 -24.66
N ASN D 55 -44.10 9.29 -23.39
CA ASN D 55 -44.19 10.25 -22.30
C ASN D 55 -42.95 11.14 -22.32
N PRO D 56 -43.08 12.42 -22.68
CA PRO D 56 -41.89 13.28 -22.77
C PRO D 56 -41.35 13.73 -21.42
N TYR D 57 -42.08 13.49 -20.34
CA TYR D 57 -41.71 13.99 -19.02
C TYR D 57 -40.92 12.95 -18.23
N ASN D 58 -40.05 13.42 -17.35
CA ASN D 58 -39.30 12.55 -16.46
C ASN D 58 -38.88 13.32 -15.23
N THR D 59 -38.72 12.59 -14.12
CA THR D 59 -38.33 13.14 -12.84
C THR D 59 -37.29 12.22 -12.23
N PRO D 60 -36.21 12.77 -11.67
CA PRO D 60 -35.15 11.90 -11.12
C PRO D 60 -35.64 11.11 -9.91
N VAL D 61 -35.01 9.95 -9.71
CA VAL D 61 -35.39 9.04 -8.64
C VAL D 61 -34.13 8.39 -8.07
N PHE D 62 -34.14 8.15 -6.76
CA PHE D 62 -33.06 7.42 -6.09
C PHE D 62 -33.61 6.86 -4.79
N ALA D 63 -32.75 6.19 -4.04
CA ALA D 63 -33.14 5.55 -2.79
C ALA D 63 -32.28 6.06 -1.64
N ILE D 64 -32.84 5.97 -0.43
CA ILE D 64 -32.17 6.39 0.79
C ILE D 64 -32.44 5.37 1.88
N LYS D 65 -31.76 5.56 3.01
CA LYS D 65 -32.10 4.94 4.28
C LYS D 65 -32.30 6.06 5.29
N LYS D 66 -33.45 6.10 5.94
CA LYS D 66 -33.65 7.09 6.99
C LYS D 66 -32.64 6.86 8.12
N LYS D 67 -32.58 7.83 9.03
CA LYS D 67 -31.59 7.77 10.12
C LYS D 67 -31.78 6.49 10.93
N ASP D 68 -30.79 5.60 10.86
CA ASP D 68 -30.77 4.31 11.54
C ASP D 68 -31.81 3.35 10.99
N SER D 69 -32.30 3.58 9.76
CA SER D 69 -33.42 2.81 9.24
C SER D 69 -33.04 1.37 8.94
N THR D 70 -31.90 1.18 8.25
CA THR D 70 -31.42 -0.13 7.80
C THR D 70 -32.28 -0.69 6.67
N LYS D 71 -33.45 -0.09 6.45
CA LYS D 71 -34.34 -0.47 5.36
C LYS D 71 -34.37 0.63 4.31
N TRP D 72 -34.27 0.23 3.05
CA TRP D 72 -34.26 1.19 1.95
C TRP D 72 -35.62 1.86 1.78
N ARG D 73 -35.58 3.11 1.32
CA ARG D 73 -36.78 3.92 1.10
C ARG D 73 -36.63 4.65 -0.23
N LYS D 74 -37.65 4.53 -1.08
CA LYS D 74 -37.62 5.19 -2.39
C LYS D 74 -37.90 6.68 -2.25
N LEU D 75 -37.20 7.49 -3.04
CA LEU D 75 -37.35 8.94 -2.97
C LEU D 75 -37.25 9.53 -4.36
N VAL D 76 -38.25 10.33 -4.75
CA VAL D 76 -38.29 10.99 -6.04
C VAL D 76 -38.10 12.49 -5.82
N ASP D 77 -37.37 13.12 -6.74
CA ASP D 77 -37.01 14.53 -6.61
C ASP D 77 -38.03 15.37 -7.38
N PHE D 78 -39.19 15.58 -6.75
CA PHE D 78 -40.32 16.26 -7.38
C PHE D 78 -40.20 17.78 -7.32
N ARG D 79 -39.02 18.33 -7.04
CA ARG D 79 -38.88 19.77 -6.95
C ARG D 79 -39.34 20.46 -8.23
N GLU D 80 -39.04 19.87 -9.38
CA GLU D 80 -39.45 20.49 -10.64
C GLU D 80 -40.95 20.36 -10.84
N LEU D 81 -41.53 19.20 -10.48
CA LEU D 81 -42.97 19.04 -10.57
C LEU D 81 -43.69 19.94 -9.57
N ASN D 82 -43.15 20.05 -8.35
CA ASN D 82 -43.80 20.87 -7.32
C ASN D 82 -43.83 22.34 -7.72
N LYS D 83 -42.78 22.83 -8.38
CA LYS D 83 -42.77 24.21 -8.83
C LYS D 83 -43.82 24.50 -9.90
N ARG D 84 -44.32 23.46 -10.57
CA ARG D 84 -45.28 23.62 -11.65
C ARG D 84 -46.70 23.23 -11.24
N THR D 85 -46.88 22.77 -10.00
CA THR D 85 -48.19 22.56 -9.41
C THR D 85 -48.46 23.54 -8.27
N GLN D 86 -47.67 24.62 -8.18
CA GLN D 86 -47.70 25.50 -7.02
C GLN D 86 -49.07 26.11 -6.80
N ASP D 87 -49.85 26.31 -7.87
CA ASP D 87 -51.21 26.82 -7.72
C ASP D 87 -52.05 25.90 -6.83
N PHE D 88 -51.77 24.59 -6.87
CA PHE D 88 -52.63 23.62 -6.19
C PHE D 88 -52.47 23.68 -4.68
N TRP D 89 -51.25 23.42 -4.19
CA TRP D 89 -51.01 23.19 -2.78
C TRP D 89 -50.80 24.46 -1.96
N GLU D 90 -50.85 25.64 -2.57
CA GLU D 90 -50.78 26.90 -1.84
C GLU D 90 -52.11 27.63 -1.81
N VAL D 91 -52.66 27.97 -2.97
CA VAL D 91 -53.89 28.76 -3.02
C VAL D 91 -55.09 27.91 -2.61
N GLN D 92 -55.21 26.71 -3.20
CA GLN D 92 -56.43 25.93 -3.09
C GLN D 92 -56.50 25.13 -1.80
N LEU D 93 -55.74 24.03 -1.72
CA LEU D 93 -55.86 23.06 -0.65
C LEU D 93 -54.73 23.18 0.37
N GLY D 94 -54.18 24.37 0.56
CA GLY D 94 -53.07 24.56 1.47
C GLY D 94 -53.44 24.27 2.91
N ILE D 95 -52.42 24.28 3.77
CA ILE D 95 -52.56 23.93 5.17
C ILE D 95 -52.17 25.14 6.01
N PRO D 96 -52.96 25.53 7.01
CA PRO D 96 -52.55 26.61 7.90
C PRO D 96 -51.41 26.16 8.81
N HIS D 97 -50.58 27.13 9.20
CA HIS D 97 -49.43 26.73 10.01
C HIS D 97 -49.68 27.01 11.48
N PRO D 98 -49.44 26.03 12.36
CA PRO D 98 -49.62 26.27 13.80
C PRO D 98 -48.40 26.94 14.43
N ALA D 99 -48.49 28.25 14.66
CA ALA D 99 -47.38 28.99 15.26
C ALA D 99 -46.98 28.47 16.64
N GLY D 100 -47.83 27.68 17.29
CA GLY D 100 -47.50 27.15 18.59
C GLY D 100 -46.66 25.89 18.61
N LEU D 101 -46.40 25.29 17.43
CA LEU D 101 -45.60 24.07 17.39
C LEU D 101 -44.18 24.30 17.89
N LYS D 102 -43.57 25.43 17.53
CA LYS D 102 -42.21 25.72 17.95
C LYS D 102 -42.09 25.99 19.45
N LYS D 103 -43.21 26.13 20.17
CA LYS D 103 -43.17 26.40 21.60
C LYS D 103 -43.30 25.15 22.46
N LYS D 104 -43.53 23.99 21.85
CA LYS D 104 -43.69 22.75 22.60
C LYS D 104 -42.34 22.19 23.00
N LYS D 105 -42.32 21.53 24.16
CA LYS D 105 -41.07 21.02 24.73
C LYS D 105 -40.50 19.84 23.96
N SER D 106 -41.32 19.10 23.22
CA SER D 106 -40.84 17.96 22.45
C SER D 106 -41.70 17.79 21.21
N VAL D 107 -41.07 17.46 20.09
CA VAL D 107 -41.75 17.25 18.82
C VAL D 107 -41.18 16.02 18.14
N THR D 108 -42.06 15.17 17.62
CA THR D 108 -41.67 13.91 16.99
C THR D 108 -42.17 13.88 15.56
N VAL D 109 -41.31 13.42 14.65
CA VAL D 109 -41.61 13.35 13.22
C VAL D 109 -41.81 11.90 12.83
N LEU D 110 -42.91 11.62 12.13
CA LEU D 110 -43.23 10.28 11.67
C LEU D 110 -43.50 10.28 10.18
N ASP D 111 -43.04 9.22 9.50
CA ASP D 111 -43.15 9.09 8.05
C ASP D 111 -44.52 8.48 7.73
N VAL D 112 -45.47 9.33 7.36
CA VAL D 112 -46.82 8.90 7.01
C VAL D 112 -46.98 8.74 5.50
N GLY D 113 -45.88 8.74 4.75
CA GLY D 113 -45.95 8.69 3.29
C GLY D 113 -46.63 7.45 2.74
N ASP D 114 -46.67 6.36 3.52
CA ASP D 114 -47.27 5.13 3.03
C ASP D 114 -48.78 5.21 2.89
N ALA D 115 -49.42 6.24 3.47
CA ALA D 115 -50.87 6.36 3.38
C ALA D 115 -51.31 6.96 2.05
N TYR D 116 -50.45 7.74 1.40
CA TYR D 116 -50.80 8.36 0.13
C TYR D 116 -51.05 7.32 -0.96
N PHE D 117 -50.48 6.12 -0.83
CA PHE D 117 -50.70 5.08 -1.82
C PHE D 117 -52.14 4.59 -1.84
N SER D 118 -52.92 4.88 -0.80
CA SER D 118 -54.32 4.50 -0.77
C SER D 118 -55.12 5.25 -1.83
N VAL D 119 -55.07 6.57 -1.80
CA VAL D 119 -55.87 7.39 -2.71
C VAL D 119 -55.29 7.28 -4.12
N PRO D 120 -56.11 7.08 -5.15
CA PRO D 120 -55.60 7.13 -6.52
C PRO D 120 -55.30 8.57 -6.94
N LEU D 121 -54.72 8.69 -8.14
CA LEU D 121 -54.33 9.97 -8.69
C LEU D 121 -55.16 10.28 -9.93
N ASP D 122 -55.34 11.58 -10.19
CA ASP D 122 -56.02 12.01 -11.39
C ASP D 122 -55.32 11.44 -12.63
N GLU D 123 -56.11 10.85 -13.52
CA GLU D 123 -55.54 10.16 -14.68
C GLU D 123 -54.81 11.14 -15.59
N ASP D 124 -55.37 12.33 -15.80
CA ASP D 124 -54.74 13.32 -16.66
C ASP D 124 -53.41 13.82 -16.10
N PHE D 125 -53.17 13.63 -14.80
CA PHE D 125 -51.95 14.09 -14.17
C PHE D 125 -50.88 13.00 -14.06
N ARG D 126 -51.24 11.74 -14.29
CA ARG D 126 -50.27 10.66 -14.13
C ARG D 126 -49.12 10.75 -15.12
N LYS D 127 -49.32 11.44 -16.24
CA LYS D 127 -48.26 11.59 -17.23
C LYS D 127 -47.10 12.42 -16.72
N TYR D 128 -47.29 13.19 -15.64
CA TYR D 128 -46.25 14.07 -15.12
C TYR D 128 -45.42 13.42 -14.02
N THR D 129 -45.86 12.30 -13.46
CA THR D 129 -45.12 11.59 -12.42
C THR D 129 -44.12 10.59 -13.00
N ALA D 130 -43.84 10.69 -14.30
CA ALA D 130 -42.97 9.71 -14.96
C ALA D 130 -41.55 9.81 -14.44
N PHE D 131 -40.93 8.65 -14.22
CA PHE D 131 -39.54 8.56 -13.80
C PHE D 131 -38.88 7.37 -14.49
N THR D 132 -37.56 7.44 -14.63
CA THR D 132 -36.79 6.42 -15.33
C THR D 132 -35.78 5.79 -14.37
N ILE D 133 -35.69 4.47 -14.39
CA ILE D 133 -34.71 3.72 -13.61
C ILE D 133 -33.53 3.38 -14.51
N PRO D 134 -32.31 3.78 -14.18
CA PRO D 134 -31.16 3.43 -15.00
C PRO D 134 -30.66 2.03 -14.70
N SER D 135 -29.75 1.55 -15.56
CA SER D 135 -29.13 0.25 -15.39
C SER D 135 -27.62 0.41 -15.34
N ILE D 136 -26.97 -0.47 -14.57
CA ILE D 136 -25.52 -0.41 -14.43
C ILE D 136 -24.88 -0.67 -15.77
N ASN D 137 -24.00 0.25 -16.19
CA ASN D 137 -23.26 0.16 -17.44
C ASN D 137 -24.18 0.10 -18.66
N ASN D 138 -25.39 0.63 -18.51
CA ASN D 138 -26.37 0.71 -19.60
C ASN D 138 -26.59 -0.65 -20.26
N GLU D 139 -26.61 -1.70 -19.45
CA GLU D 139 -26.97 -3.03 -19.95
C GLU D 139 -28.34 -3.01 -20.59
N THR D 140 -29.30 -2.35 -19.94
CA THR D 140 -30.65 -2.19 -20.43
C THR D 140 -30.96 -0.71 -20.62
N PRO D 141 -31.74 -0.34 -21.64
CA PRO D 141 -32.28 1.03 -21.69
C PRO D 141 -33.13 1.33 -20.47
N GLY D 142 -33.52 2.60 -20.36
CA GLY D 142 -34.23 3.05 -19.17
C GLY D 142 -35.61 2.42 -19.07
N ILE D 143 -35.92 1.89 -17.89
CA ILE D 143 -37.25 1.36 -17.60
C ILE D 143 -38.08 2.47 -17.00
N ARG D 144 -39.13 2.87 -17.71
CA ARG D 144 -39.94 4.01 -17.31
C ARG D 144 -41.22 3.57 -16.62
N TYR D 145 -41.68 4.39 -15.68
CA TYR D 145 -42.89 4.13 -14.90
C TYR D 145 -43.68 5.42 -14.78
N GLN D 146 -44.86 5.33 -14.18
CA GLN D 146 -45.67 6.48 -13.86
C GLN D 146 -46.60 6.10 -12.71
N TYR D 147 -46.99 7.10 -11.93
CA TYR D 147 -47.74 6.87 -10.71
C TYR D 147 -49.23 6.84 -10.96
N ASN D 148 -49.90 5.80 -10.44
CA ASN D 148 -51.35 5.71 -10.49
C ASN D 148 -52.01 6.24 -9.22
N VAL D 149 -51.25 6.36 -8.12
CA VAL D 149 -51.78 6.86 -6.86
C VAL D 149 -51.05 8.14 -6.48
N LEU D 150 -51.27 8.62 -5.26
CA LEU D 150 -50.59 9.82 -4.79
C LEU D 150 -49.11 9.52 -4.59
N PRO D 151 -48.21 10.21 -5.25
CA PRO D 151 -46.78 9.89 -5.11
C PRO D 151 -46.22 10.39 -3.79
N GLN D 152 -45.25 9.65 -3.27
CA GLN D 152 -44.54 10.07 -2.06
C GLN D 152 -43.57 11.20 -2.41
N GLY D 153 -43.77 12.36 -1.77
CA GLY D 153 -42.91 13.51 -1.97
C GLY D 153 -43.43 14.57 -2.93
N TRP D 154 -44.65 14.42 -3.43
CA TRP D 154 -45.27 15.45 -4.25
C TRP D 154 -46.08 16.39 -3.36
N LYS D 155 -45.97 17.69 -3.63
CA LYS D 155 -46.62 18.66 -2.74
C LYS D 155 -48.14 18.61 -2.86
N GLY D 156 -48.67 18.19 -4.01
CA GLY D 156 -50.11 18.04 -4.14
C GLY D 156 -50.65 16.85 -3.37
N SER D 157 -49.79 15.89 -3.01
CA SER D 157 -50.27 14.69 -2.32
C SER D 157 -50.82 14.98 -0.93
N PRO D 158 -50.13 15.70 -0.04
CA PRO D 158 -50.72 15.96 1.28
C PRO D 158 -51.92 16.88 1.24
N ALA D 159 -52.06 17.69 0.20
CA ALA D 159 -53.23 18.57 0.10
C ALA D 159 -54.49 17.79 -0.23
N ILE D 160 -54.40 16.84 -1.15
CA ILE D 160 -55.54 16.00 -1.47
C ILE D 160 -55.91 15.13 -0.27
N PHE D 161 -54.92 14.49 0.33
CA PHE D 161 -55.15 13.60 1.47
C PHE D 161 -55.52 14.36 2.74
N GLN D 162 -55.43 15.70 2.72
CA GLN D 162 -55.70 16.48 3.93
C GLN D 162 -57.09 16.22 4.49
N SER D 163 -58.09 16.14 3.62
CA SER D 163 -59.45 15.84 4.07
C SER D 163 -59.50 14.48 4.75
N SER D 164 -58.88 13.47 4.14
CA SER D 164 -58.81 12.15 4.77
C SER D 164 -57.98 12.19 6.05
N MET D 165 -56.91 12.99 6.07
CA MET D 165 -56.02 13.02 7.22
C MET D 165 -56.69 13.63 8.44
N THR D 166 -57.32 14.80 8.27
CA THR D 166 -57.95 15.47 9.40
C THR D 166 -59.07 14.66 10.01
N LYS D 167 -59.66 13.72 9.26
CA LYS D 167 -60.67 12.83 9.83
C LYS D 167 -60.04 11.75 10.69
N ILE D 168 -58.94 11.15 10.23
CA ILE D 168 -58.25 10.15 11.03
C ILE D 168 -57.75 10.75 12.34
N LEU D 169 -57.33 12.01 12.30
CA LEU D 169 -56.77 12.67 13.48
C LEU D 169 -57.84 13.12 14.46
N GLU D 170 -59.03 13.49 13.96
CA GLU D 170 -60.06 14.10 14.80
C GLU D 170 -60.36 13.33 16.10
N PRO D 171 -60.49 12.00 16.12
CA PRO D 171 -60.71 11.34 17.41
C PRO D 171 -59.58 11.54 18.41
N PHE D 172 -58.33 11.56 17.94
CA PHE D 172 -57.21 11.76 18.85
C PHE D 172 -57.01 13.22 19.20
N LYS D 173 -57.36 14.13 18.29
CA LYS D 173 -57.29 15.56 18.61
C LYS D 173 -58.28 15.93 19.71
N LYS D 174 -59.36 15.18 19.85
CA LYS D 174 -60.29 15.38 20.96
C LYS D 174 -59.79 14.69 22.22
N GLN D 175 -59.30 13.45 22.09
CA GLN D 175 -58.81 12.70 23.24
C GLN D 175 -57.63 13.40 23.90
N ASN D 176 -56.81 14.09 23.12
CA ASN D 176 -55.71 14.91 23.63
C ASN D 176 -55.84 16.30 23.03
N PRO D 177 -56.39 17.26 23.79
CA PRO D 177 -56.76 18.56 23.20
C PRO D 177 -55.59 19.47 22.88
N ASP D 178 -54.62 19.55 23.79
CA ASP D 178 -53.56 20.54 23.69
C ASP D 178 -52.33 20.04 22.93
N ILE D 179 -52.39 18.85 22.35
CA ILE D 179 -51.28 18.33 21.56
C ILE D 179 -51.36 18.89 20.15
N VAL D 180 -50.26 19.48 19.68
CA VAL D 180 -50.20 20.17 18.39
C VAL D 180 -49.80 19.19 17.31
N ILE D 181 -50.48 19.25 16.15
CA ILE D 181 -50.18 18.40 15.01
C ILE D 181 -50.06 19.28 13.76
N TYR D 182 -48.94 19.14 13.04
CA TYR D 182 -48.74 19.78 11.76
C TYR D 182 -48.29 18.74 10.75
N GLN D 183 -48.67 18.95 9.49
CA GLN D 183 -48.38 18.00 8.42
C GLN D 183 -47.64 18.73 7.31
N TYR D 184 -46.41 18.29 7.02
CA TYR D 184 -45.62 18.83 5.91
C TYR D 184 -45.12 17.65 5.09
N MET D 185 -45.62 17.53 3.86
CA MET D 185 -45.22 16.51 2.86
C MET D 185 -45.50 15.13 3.48
N ASP D 186 -44.58 14.18 3.31
CA ASP D 186 -44.76 12.82 3.78
C ASP D 186 -44.56 12.68 5.29
N ASP D 187 -44.30 13.78 5.99
CA ASP D 187 -44.01 13.74 7.41
C ASP D 187 -45.14 14.37 8.21
N LEU D 188 -45.34 13.86 9.42
CA LEU D 188 -46.32 14.38 10.35
C LEU D 188 -45.60 14.80 11.63
N TYR D 189 -45.70 16.08 11.97
CA TYR D 189 -45.04 16.64 13.14
C TYR D 189 -46.03 16.74 14.29
N VAL D 190 -45.67 16.13 15.42
CA VAL D 190 -46.54 16.08 16.60
C VAL D 190 -45.75 16.52 17.80
N GLY D 191 -46.27 17.48 18.55
CA GLY D 191 -45.54 18.04 19.68
C GLY D 191 -46.37 18.27 20.92
N SER D 192 -45.75 18.08 22.09
CA SER D 192 -46.42 18.25 23.37
C SER D 192 -45.44 18.80 24.39
N ASP D 193 -45.99 19.35 25.47
CA ASP D 193 -45.23 19.75 26.64
C ASP D 193 -45.13 18.64 27.69
N LEU D 194 -45.66 17.45 27.38
CA LEU D 194 -45.62 16.35 28.31
C LEU D 194 -44.18 15.93 28.63
N GLU D 195 -44.03 15.20 29.74
CA GLU D 195 -42.75 14.65 30.13
C GLU D 195 -42.26 13.65 29.09
N ILE D 196 -40.95 13.40 29.12
CA ILE D 196 -40.33 12.52 28.13
C ILE D 196 -41.02 11.17 28.10
N GLY D 197 -41.28 10.60 29.27
CA GLY D 197 -41.96 9.32 29.33
C GLY D 197 -43.39 9.38 28.83
N GLN D 198 -44.15 10.38 29.30
CA GLN D 198 -45.52 10.55 28.84
C GLN D 198 -45.57 10.85 27.34
N HIS D 199 -44.62 11.64 26.84
CA HIS D 199 -44.64 12.03 25.43
C HIS D 199 -44.54 10.82 24.51
N ARG D 200 -43.52 9.98 24.72
CA ARG D 200 -43.29 8.85 23.82
C ARG D 200 -44.45 7.85 23.86
N THR D 201 -45.19 7.80 24.96
CA THR D 201 -46.34 6.89 25.03
C THR D 201 -47.47 7.38 24.14
N LYS D 202 -47.80 8.67 24.20
CA LYS D 202 -48.85 9.21 23.35
C LYS D 202 -48.51 9.11 21.88
N ILE D 203 -47.23 8.98 21.53
CA ILE D 203 -46.84 8.76 20.14
C ILE D 203 -47.29 7.39 19.68
N GLU D 204 -47.02 6.36 20.49
CA GLU D 204 -47.45 5.01 20.14
C GLU D 204 -48.96 4.93 20.08
N GLU D 205 -49.66 5.67 20.95
CA GLU D 205 -51.11 5.75 20.84
C GLU D 205 -51.53 6.30 19.49
N LEU D 206 -50.83 7.31 18.99
CA LEU D 206 -51.14 7.85 17.67
C LEU D 206 -50.74 6.88 16.57
N ARG D 207 -49.74 6.03 16.81
CA ARG D 207 -49.37 5.02 15.82
C ARG D 207 -50.47 3.98 15.66
N GLN D 208 -50.99 3.46 16.79
CA GLN D 208 -52.10 2.52 16.70
C GLN D 208 -53.36 3.19 16.18
N HIS D 209 -53.58 4.45 16.59
CA HIS D 209 -54.72 5.20 16.06
C HIS D 209 -54.64 5.36 14.55
N LEU D 210 -53.43 5.34 14.00
CA LEU D 210 -53.24 5.33 12.55
C LEU D 210 -53.26 3.92 11.96
N LEU D 211 -52.94 2.91 12.77
CA LEU D 211 -52.94 1.54 12.28
C LEU D 211 -54.33 1.08 11.89
N ARG D 212 -55.34 1.38 12.72
CA ARG D 212 -56.71 0.95 12.42
C ARG D 212 -57.31 1.70 11.24
N TRP D 213 -56.65 2.74 10.73
CA TRP D 213 -57.06 3.40 9.49
C TRP D 213 -56.23 2.96 8.30
N GLY D 214 -55.36 1.96 8.46
CA GLY D 214 -54.61 1.42 7.34
C GLY D 214 -53.35 2.18 7.00
N LEU D 215 -52.39 2.22 7.91
CA LEU D 215 -51.13 2.90 7.65
C LEU D 215 -50.04 2.32 8.56
N THR D 216 -48.84 2.15 7.99
CA THR D 216 -47.68 1.73 8.75
C THR D 216 -46.75 2.92 8.99
N THR D 217 -45.74 2.69 9.84
CA THR D 217 -44.76 3.72 10.15
C THR D 217 -43.41 3.06 10.35
N PRO D 218 -42.60 2.95 9.29
CA PRO D 218 -41.29 2.30 9.30
C PRO D 218 -40.34 2.87 10.37
N GLY D 232 -38.79 7.33 15.08
CA GLY D 232 -39.18 8.72 14.99
C GLY D 232 -38.09 9.68 15.42
N TYR D 233 -38.01 10.82 14.73
CA TYR D 233 -37.04 11.85 15.07
C TYR D 233 -37.57 12.69 16.23
N GLU D 234 -36.73 12.93 17.22
CA GLU D 234 -37.11 13.67 18.42
C GLU D 234 -36.41 15.03 18.43
N LEU D 235 -37.19 16.09 18.38
CA LEU D 235 -36.70 17.47 18.45
C LEU D 235 -37.11 18.12 19.77
N HIS D 236 -36.57 19.30 20.01
CA HIS D 236 -36.90 20.09 21.20
C HIS D 236 -36.82 21.57 20.84
N PRO D 237 -37.88 22.10 20.22
CA PRO D 237 -37.83 23.48 19.70
C PRO D 237 -37.61 24.54 20.77
N ASP D 238 -38.12 24.35 21.98
CA ASP D 238 -37.90 25.35 23.03
C ASP D 238 -36.42 25.52 23.35
N LYS D 239 -35.62 24.47 23.16
CA LYS D 239 -34.20 24.54 23.47
C LYS D 239 -33.44 25.43 22.51
N TRP D 240 -33.91 25.55 21.26
CA TRP D 240 -33.14 26.25 20.23
C TRP D 240 -32.81 27.68 20.64
N THR D 241 -31.56 28.08 20.40
CA THR D 241 -31.03 29.37 20.81
C THR D 241 -30.48 30.11 19.60
N VAL D 242 -30.74 31.41 19.53
CA VAL D 242 -30.22 32.22 18.44
C VAL D 242 -28.73 32.49 18.65
N GLN D 243 -28.04 32.82 17.56
CA GLN D 243 -26.62 33.12 17.58
C GLN D 243 -26.40 34.61 17.34
N PRO D 244 -25.78 35.34 18.28
CA PRO D 244 -25.58 36.78 18.08
C PRO D 244 -24.17 37.13 17.63
N ILE D 245 -24.01 38.33 17.06
CA ILE D 245 -22.68 38.81 16.70
C ILE D 245 -21.94 39.21 17.96
N VAL D 246 -20.71 38.72 18.10
CA VAL D 246 -19.89 38.96 19.27
C VAL D 246 -18.57 39.59 18.84
N LEU D 247 -18.11 40.58 19.60
CA LEU D 247 -16.87 41.29 19.41
C LEU D 247 -15.78 40.76 20.33
N PRO D 248 -14.54 40.64 19.86
CA PRO D 248 -13.49 40.09 20.70
C PRO D 248 -13.14 41.03 21.85
N GLU D 249 -12.40 40.48 22.80
CA GLU D 249 -11.90 41.22 23.95
C GLU D 249 -10.40 40.99 24.05
N LYS D 250 -9.61 42.05 23.88
CA LYS D 250 -8.17 41.94 23.88
C LYS D 250 -7.55 42.87 24.92
N ASP D 251 -6.60 42.32 25.68
CA ASP D 251 -5.90 43.11 26.69
C ASP D 251 -4.98 44.14 26.03
N SER D 252 -4.41 43.80 24.88
CA SER D 252 -3.59 44.70 24.10
C SER D 252 -3.98 44.56 22.64
N TRP D 253 -4.08 45.70 21.95
CA TRP D 253 -4.56 45.75 20.57
C TRP D 253 -3.47 46.27 19.64
N THR D 254 -3.36 45.64 18.47
CA THR D 254 -2.45 46.09 17.43
C THR D 254 -3.21 46.90 16.39
N VAL D 255 -2.47 47.46 15.43
CA VAL D 255 -3.10 48.19 14.33
C VAL D 255 -4.00 47.27 13.52
N ASN D 256 -3.51 46.06 13.21
CA ASN D 256 -4.30 45.10 12.46
C ASN D 256 -5.57 44.72 13.21
N ASP D 257 -5.48 44.56 14.53
CA ASP D 257 -6.65 44.23 15.34
C ASP D 257 -7.76 45.27 15.17
N ILE D 258 -7.42 46.55 15.32
CA ILE D 258 -8.44 47.58 15.20
C ILE D 258 -8.95 47.68 13.78
N GLN D 259 -8.11 47.40 12.78
CA GLN D 259 -8.58 47.37 11.40
C GLN D 259 -9.59 46.24 11.20
N LYS D 260 -9.25 45.04 11.70
CA LYS D 260 -10.21 43.94 11.66
C LYS D 260 -11.50 44.32 12.37
N LEU D 261 -11.39 44.93 13.55
CA LEU D 261 -12.57 45.28 14.33
C LEU D 261 -13.45 46.28 13.59
N VAL D 262 -12.84 47.31 12.98
CA VAL D 262 -13.63 48.33 12.31
C VAL D 262 -14.34 47.75 11.09
N GLY D 263 -13.65 46.89 10.34
CA GLY D 263 -14.30 46.22 9.23
C GLY D 263 -15.46 45.35 9.68
N LYS D 264 -15.32 44.70 10.84
CA LYS D 264 -16.42 43.92 11.40
C LYS D 264 -17.59 44.82 11.78
N LEU D 265 -17.33 45.87 12.55
CA LEU D 265 -18.40 46.79 12.94
C LEU D 265 -19.04 47.43 11.72
N ASN D 266 -18.25 47.74 10.70
CA ASN D 266 -18.79 48.34 9.48
C ASN D 266 -19.78 47.41 8.78
N TRP D 267 -19.49 46.10 8.78
CA TRP D 267 -20.43 45.15 8.19
C TRP D 267 -21.66 44.97 9.06
N ALA D 268 -21.47 44.92 10.38
CA ALA D 268 -22.60 44.80 11.28
C ALA D 268 -23.49 46.04 11.27
N SER D 269 -23.00 47.15 10.72
CA SER D 269 -23.80 48.37 10.65
C SER D 269 -24.93 48.24 9.63
N GLN D 270 -24.84 47.29 8.71
CA GLN D 270 -25.94 47.04 7.78
C GLN D 270 -27.10 46.32 8.47
N ILE D 271 -26.89 45.84 9.68
CA ILE D 271 -27.92 45.17 10.47
C ILE D 271 -28.34 46.04 11.65
N TYR D 272 -27.39 46.42 12.50
CA TYR D 272 -27.63 47.34 13.60
C TYR D 272 -27.15 48.72 13.16
N PRO D 273 -28.04 49.63 12.76
CA PRO D 273 -27.59 50.91 12.19
C PRO D 273 -26.91 51.83 13.21
N GLY D 274 -27.09 51.59 14.50
CA GLY D 274 -26.49 52.44 15.53
C GLY D 274 -25.00 52.27 15.71
N ILE D 275 -24.36 51.36 14.99
CA ILE D 275 -22.93 51.10 15.17
C ILE D 275 -22.13 52.30 14.69
N LYS D 276 -21.17 52.73 15.50
CA LYS D 276 -20.29 53.84 15.18
C LYS D 276 -18.84 53.38 15.19
N VAL D 277 -18.05 53.99 14.31
CA VAL D 277 -16.64 53.64 14.15
C VAL D 277 -15.73 54.84 14.21
N ARG D 278 -16.28 56.05 14.37
CA ARG D 278 -15.48 57.28 14.26
C ARG D 278 -14.32 57.28 15.25
N GLN D 279 -14.60 56.95 16.52
CA GLN D 279 -13.56 57.03 17.53
C GLN D 279 -12.54 55.91 17.40
N LEU D 280 -12.95 54.77 16.84
CA LEU D 280 -12.01 53.69 16.59
C LEU D 280 -11.16 53.95 15.35
N SER D 281 -11.74 54.58 14.33
CA SER D 281 -10.97 54.94 13.14
C SER D 281 -9.94 56.03 13.44
N LYS D 282 -10.25 56.94 14.36
CA LYS D 282 -9.30 57.98 14.74
C LYS D 282 -7.98 57.38 15.20
N LEU D 283 -8.03 56.25 15.88
CA LEU D 283 -6.81 55.60 16.37
C LEU D 283 -5.91 55.14 15.24
N LEU D 284 -6.44 55.01 14.03
CA LEU D 284 -5.70 54.50 12.88
C LEU D 284 -5.15 55.60 11.99
N ARG D 285 -5.34 56.87 12.35
CA ARG D 285 -5.17 57.98 11.40
C ARG D 285 -3.84 57.95 10.65
N GLY D 286 -2.77 57.53 11.30
CA GLY D 286 -1.48 57.46 10.65
C GLY D 286 -1.40 56.32 9.64
N THR D 287 -0.24 56.22 9.00
CA THR D 287 0.09 55.11 8.09
C THR D 287 1.08 54.23 8.85
N LYS D 288 0.55 53.26 9.59
CA LYS D 288 1.32 52.52 10.58
C LYS D 288 1.52 51.07 10.16
N ALA D 289 2.50 50.45 10.80
CA ALA D 289 2.73 49.02 10.62
C ALA D 289 1.62 48.24 11.34
N LEU D 290 1.18 47.14 10.71
CA LEU D 290 0.04 46.40 11.21
C LEU D 290 0.25 45.90 12.64
N THR D 291 1.49 45.57 13.00
CA THR D 291 1.79 44.98 14.29
C THR D 291 2.00 45.99 15.40
N GLU D 292 1.91 47.29 15.10
CA GLU D 292 2.12 48.31 16.13
C GLU D 292 0.95 48.33 17.12
N VAL D 293 1.27 48.44 18.40
CA VAL D 293 0.26 48.44 19.45
C VAL D 293 -0.37 49.82 19.56
N ILE D 294 -1.69 49.85 19.69
CA ILE D 294 -2.44 51.10 19.78
C ILE D 294 -3.23 51.15 21.09
N PRO D 295 -2.90 52.06 22.01
CA PRO D 295 -3.73 52.22 23.20
C PRO D 295 -5.06 52.87 22.87
N LEU D 296 -6.12 52.40 23.52
CA LEU D 296 -7.46 52.91 23.23
C LEU D 296 -7.72 54.18 24.04
N THR D 297 -8.35 55.16 23.39
CA THR D 297 -8.78 56.36 24.08
C THR D 297 -10.07 56.08 24.85
N GLU D 298 -10.47 57.04 25.69
CA GLU D 298 -11.71 56.91 26.44
C GLU D 298 -12.90 56.87 25.49
N GLU D 299 -12.95 57.80 24.54
CA GLU D 299 -14.07 57.86 23.61
C GLU D 299 -14.11 56.64 22.69
N ALA D 300 -12.94 56.07 22.38
CA ALA D 300 -12.92 54.79 21.67
C ALA D 300 -13.42 53.67 22.57
N GLU D 301 -12.95 53.65 23.82
CA GLU D 301 -13.44 52.68 24.79
C GLU D 301 -14.95 52.78 24.96
N LEU D 302 -15.49 54.00 24.89
CA LEU D 302 -16.92 54.21 25.07
C LEU D 302 -17.70 53.87 23.81
N GLU D 303 -17.18 54.25 22.64
CA GLU D 303 -17.82 53.88 21.39
C GLU D 303 -17.86 52.36 21.23
N LEU D 304 -16.81 51.67 21.68
CA LEU D 304 -16.81 50.22 21.63
C LEU D 304 -17.83 49.64 22.61
N ALA D 305 -17.95 50.25 23.79
CA ALA D 305 -18.92 49.77 24.79
C ALA D 305 -20.35 49.92 24.29
N GLU D 306 -20.67 51.07 23.70
CA GLU D 306 -22.02 51.27 23.17
C GLU D 306 -22.31 50.33 22.01
N ASN D 307 -21.30 49.99 21.21
CA ASN D 307 -21.51 49.05 20.12
C ASN D 307 -21.82 47.66 20.64
N ARG D 308 -21.09 47.21 21.68
CA ARG D 308 -21.36 45.91 22.28
C ARG D 308 -22.76 45.83 22.85
N GLU D 309 -23.31 46.97 23.28
CA GLU D 309 -24.66 46.99 23.85
C GLU D 309 -25.72 46.89 22.76
N ILE D 310 -25.51 47.55 21.63
CA ILE D 310 -26.46 47.46 20.51
C ILE D 310 -26.52 46.03 19.98
N LEU D 311 -25.39 45.33 19.98
CA LEU D 311 -25.34 43.96 19.49
C LEU D 311 -26.03 42.97 20.42
N LYS D 312 -26.38 43.38 21.65
CA LYS D 312 -27.17 42.53 22.52
C LYS D 312 -28.65 42.57 22.17
N GLU D 313 -29.11 43.66 21.55
CA GLU D 313 -30.51 43.84 21.25
C GLU D 313 -30.94 42.96 20.07
N PRO D 314 -32.23 42.73 19.90
CA PRO D 314 -32.72 42.10 18.67
C PRO D 314 -32.74 43.10 17.52
N VAL D 315 -32.71 42.55 16.30
CA VAL D 315 -32.80 43.38 15.11
C VAL D 315 -34.18 44.02 15.05
N HIS D 316 -34.20 45.34 14.85
CA HIS D 316 -35.46 46.07 14.84
C HIS D 316 -36.22 45.83 13.54
N GLY D 317 -37.49 45.44 13.67
CA GLY D 317 -38.38 45.37 12.52
C GLY D 317 -38.23 44.15 11.65
N VAL D 318 -37.81 43.02 12.22
CA VAL D 318 -37.73 41.77 11.48
C VAL D 318 -39.02 40.99 11.72
N TYR D 319 -39.72 40.66 10.63
CA TYR D 319 -40.96 39.91 10.71
C TYR D 319 -41.05 38.93 9.54
N TYR D 320 -41.78 37.85 9.75
CA TYR D 320 -41.96 36.85 8.72
C TYR D 320 -43.05 37.27 7.76
N ASP D 321 -42.79 37.15 6.47
CA ASP D 321 -43.79 37.41 5.45
C ASP D 321 -44.15 36.09 4.78
N PRO D 322 -45.37 35.58 4.98
CA PRO D 322 -45.72 34.28 4.40
C PRO D 322 -45.74 34.29 2.87
N SER D 323 -45.86 35.45 2.24
CA SER D 323 -45.88 35.53 0.79
C SER D 323 -44.49 35.42 0.17
N LYS D 324 -43.43 35.60 0.97
CA LYS D 324 -42.07 35.61 0.47
C LYS D 324 -41.36 34.29 0.76
N ASP D 325 -40.40 33.96 -0.09
CA ASP D 325 -39.59 32.76 0.10
C ASP D 325 -38.52 32.98 1.14
N LEU D 326 -38.16 31.90 1.84
CA LEU D 326 -37.06 31.93 2.80
C LEU D 326 -35.73 31.63 2.11
N ILE D 327 -34.70 32.36 2.51
CA ILE D 327 -33.34 32.17 2.01
C ILE D 327 -32.47 31.73 3.18
N ALA D 328 -31.53 30.82 2.90
CA ALA D 328 -30.67 30.25 3.93
C ALA D 328 -29.23 30.28 3.44
N GLU D 329 -28.37 31.01 4.14
CA GLU D 329 -26.94 31.02 3.86
C GLU D 329 -26.23 30.21 4.93
N ILE D 330 -25.21 29.45 4.52
CA ILE D 330 -24.43 28.61 5.42
C ILE D 330 -22.96 28.94 5.20
N GLN D 331 -22.21 29.04 6.30
CA GLN D 331 -20.78 29.32 6.24
C GLN D 331 -20.02 28.21 6.98
N LYS D 332 -18.98 27.70 6.32
CA LYS D 332 -18.09 26.72 6.95
C LYS D 332 -17.08 27.44 7.82
N GLN D 333 -17.12 27.18 9.13
CA GLN D 333 -16.22 27.82 10.08
C GLN D 333 -15.02 26.97 10.44
N GLY D 334 -14.95 25.73 9.95
CA GLY D 334 -13.84 24.85 10.24
C GLY D 334 -13.95 24.21 11.62
N GLN D 335 -13.13 23.18 11.81
CA GLN D 335 -13.12 22.39 13.04
C GLN D 335 -14.52 21.85 13.36
N GLY D 336 -15.25 21.47 12.32
CA GLY D 336 -16.55 20.87 12.47
C GLY D 336 -17.70 21.83 12.64
N GLN D 337 -17.42 23.12 12.85
CA GLN D 337 -18.47 24.10 13.08
C GLN D 337 -19.00 24.70 11.79
N TRP D 338 -20.28 25.03 11.79
CA TRP D 338 -20.96 25.64 10.64
C TRP D 338 -21.95 26.67 11.16
N THR D 339 -22.02 27.82 10.49
CA THR D 339 -22.96 28.87 10.86
C THR D 339 -23.96 29.09 9.73
N TYR D 340 -25.14 29.57 10.09
CA TYR D 340 -26.21 29.77 9.11
C TYR D 340 -27.14 30.87 9.57
N GLN D 341 -27.74 31.55 8.59
CA GLN D 341 -28.73 32.60 8.84
C GLN D 341 -29.89 32.42 7.87
N ILE D 342 -31.12 32.51 8.40
CA ILE D 342 -32.33 32.41 7.60
C ILE D 342 -32.97 33.79 7.52
N TYR D 343 -33.18 34.28 6.30
CA TYR D 343 -33.69 35.62 6.09
C TYR D 343 -34.61 35.64 4.87
N GLN D 344 -35.43 36.68 4.82
CA GLN D 344 -36.24 37.00 3.64
C GLN D 344 -35.72 38.22 2.90
N GLU D 345 -35.55 39.34 3.62
CA GLU D 345 -34.82 40.49 3.10
C GLU D 345 -33.38 40.46 3.60
N PRO D 346 -32.44 40.95 2.78
CA PRO D 346 -31.03 40.95 3.21
C PRO D 346 -30.84 41.73 4.50
N PHE D 347 -30.00 41.17 5.39
CA PHE D 347 -29.61 41.75 6.67
C PHE D 347 -30.76 41.82 7.67
N LYS D 348 -31.97 41.44 7.28
CA LYS D 348 -33.10 41.31 8.21
C LYS D 348 -33.28 39.83 8.49
N ASN D 349 -32.54 39.33 9.48
CA ASN D 349 -32.43 37.90 9.72
C ASN D 349 -33.55 37.43 10.63
N LEU D 350 -34.34 36.46 10.14
CA LEU D 350 -35.38 35.85 10.95
C LEU D 350 -34.81 34.88 11.97
N LYS D 351 -33.59 34.38 11.75
CA LYS D 351 -32.93 33.46 12.66
C LYS D 351 -31.47 33.34 12.29
N THR D 352 -30.61 33.18 13.30
CA THR D 352 -29.21 32.90 13.13
C THR D 352 -28.86 31.74 14.05
N GLY D 353 -27.88 30.93 13.64
CA GLY D 353 -27.60 29.73 14.39
C GLY D 353 -26.23 29.18 14.07
N LYS D 354 -25.86 28.14 14.83
CA LYS D 354 -24.57 27.48 14.67
C LYS D 354 -24.75 25.99 14.89
N TYR D 355 -24.19 25.21 13.97
CA TYR D 355 -24.27 23.75 13.96
C TYR D 355 -22.87 23.19 14.14
N ALA D 356 -22.73 22.12 14.93
CA ALA D 356 -21.38 21.64 15.20
C ALA D 356 -21.36 20.18 15.64
N ARG D 357 -20.19 19.56 15.43
CA ARG D 357 -19.82 18.25 15.98
C ARG D 357 -20.88 17.17 15.71
N MET D 358 -21.31 17.07 14.46
CA MET D 358 -22.17 15.94 14.11
C MET D 358 -21.29 14.75 13.69
N ARG D 359 -21.91 13.58 13.61
CA ARG D 359 -21.21 12.40 13.12
C ARG D 359 -20.67 12.65 11.72
N GLY D 360 -19.43 12.21 11.50
CA GLY D 360 -18.69 12.49 10.28
C GLY D 360 -17.98 13.83 10.28
N ALA D 361 -17.99 14.55 11.39
CA ALA D 361 -17.24 15.78 11.53
C ALA D 361 -15.75 15.49 11.63
N HIS D 362 -14.95 16.50 11.27
CA HIS D 362 -13.48 16.45 11.30
C HIS D 362 -12.90 15.44 10.32
N THR D 363 -13.72 14.92 9.40
CA THR D 363 -13.25 13.98 8.39
C THR D 363 -13.93 14.24 7.05
N ASN D 364 -15.22 14.50 7.06
CA ASN D 364 -16.01 14.67 5.84
C ASN D 364 -16.75 15.99 5.91
N ASP D 365 -16.41 16.91 5.00
CA ASP D 365 -17.10 18.19 4.93
C ASP D 365 -18.48 18.06 4.31
N VAL D 366 -18.58 17.30 3.21
CA VAL D 366 -19.84 17.19 2.49
C VAL D 366 -20.92 16.57 3.38
N LYS D 367 -20.55 15.56 4.17
CA LYS D 367 -21.52 14.93 5.07
C LYS D 367 -22.06 15.94 6.08
N GLN D 368 -21.17 16.73 6.68
CA GLN D 368 -21.60 17.72 7.66
C GLN D 368 -22.56 18.72 7.04
N LEU D 369 -22.21 19.23 5.85
CA LEU D 369 -23.08 20.20 5.19
C LEU D 369 -24.44 19.61 4.87
N THR D 370 -24.47 18.36 4.39
CA THR D 370 -25.74 17.69 4.13
C THR D 370 -26.55 17.55 5.41
N GLU D 371 -25.92 17.07 6.48
CA GLU D 371 -26.60 16.99 7.76
C GLU D 371 -27.01 18.36 8.27
N ALA D 372 -26.19 19.39 7.97
CA ALA D 372 -26.56 20.74 8.39
C ALA D 372 -27.75 21.27 7.61
N VAL D 373 -27.76 21.04 6.30
CA VAL D 373 -28.88 21.49 5.47
C VAL D 373 -30.19 20.87 5.96
N GLN D 374 -30.16 19.57 6.28
CA GLN D 374 -31.37 18.89 6.73
C GLN D 374 -31.88 19.45 8.05
N LYS D 375 -30.98 19.66 9.02
CA LYS D 375 -31.42 20.19 10.31
C LYS D 375 -32.01 21.58 10.16
N ILE D 376 -31.39 22.43 9.32
CA ILE D 376 -31.90 23.78 9.12
C ILE D 376 -33.30 23.73 8.51
N THR D 377 -33.48 22.87 7.49
CA THR D 377 -34.79 22.74 6.87
C THR D 377 -35.83 22.26 7.88
N THR D 378 -35.48 21.28 8.71
CA THR D 378 -36.39 20.79 9.73
C THR D 378 -36.81 21.92 10.67
N GLU D 379 -35.85 22.75 11.09
CA GLU D 379 -36.19 23.91 11.91
C GLU D 379 -37.08 24.88 11.16
N SER D 380 -36.83 25.07 9.87
CA SER D 380 -37.65 25.98 9.07
C SER D 380 -39.08 25.48 8.96
N ILE D 381 -39.25 24.16 8.81
CA ILE D 381 -40.60 23.59 8.71
C ILE D 381 -41.38 23.81 10.00
N VAL D 382 -40.72 23.65 11.14
CA VAL D 382 -41.41 23.81 12.43
C VAL D 382 -41.84 25.26 12.63
N ILE D 383 -40.98 26.22 12.29
CA ILE D 383 -41.25 27.61 12.63
C ILE D 383 -42.22 28.24 11.65
N TRP D 384 -41.98 28.09 10.35
CA TRP D 384 -42.79 28.75 9.33
C TRP D 384 -43.53 27.80 8.39
N GLY D 385 -43.30 26.48 8.49
CA GLY D 385 -43.93 25.57 7.54
C GLY D 385 -43.46 25.76 6.11
N LYS D 386 -42.19 26.11 5.93
CA LYS D 386 -41.62 26.31 4.62
C LYS D 386 -40.23 25.71 4.57
N THR D 387 -39.75 25.44 3.36
CA THR D 387 -38.37 25.04 3.16
C THR D 387 -37.61 26.15 2.47
N PRO D 388 -36.47 26.57 3.01
CA PRO D 388 -35.75 27.70 2.42
C PRO D 388 -34.93 27.28 1.21
N LYS D 389 -34.61 28.26 0.38
CA LYS D 389 -33.67 28.07 -0.72
C LYS D 389 -32.27 28.29 -0.19
N PHE D 390 -31.40 27.29 -0.38
CA PHE D 390 -30.09 27.29 0.24
C PHE D 390 -29.03 27.87 -0.69
N LYS D 391 -28.18 28.72 -0.12
CA LYS D 391 -26.93 29.14 -0.76
C LYS D 391 -25.83 28.29 -0.12
N LEU D 392 -25.37 27.28 -0.85
CA LEU D 392 -24.47 26.30 -0.28
C LEU D 392 -23.01 26.67 -0.53
N PRO D 393 -22.16 26.68 0.49
CA PRO D 393 -20.72 26.96 0.30
C PRO D 393 -19.97 25.75 -0.23
N ILE D 394 -20.31 25.34 -1.46
CA ILE D 394 -19.71 24.17 -2.08
C ILE D 394 -19.77 24.36 -3.59
N GLN D 395 -18.85 23.72 -4.30
CA GLN D 395 -18.91 23.73 -5.75
C GLN D 395 -20.01 22.80 -6.24
N LYS D 396 -20.61 23.15 -7.38
CA LYS D 396 -21.75 22.40 -7.88
C LYS D 396 -21.41 20.93 -8.13
N GLU D 397 -20.27 20.68 -8.79
CA GLU D 397 -19.90 19.31 -9.11
C GLU D 397 -19.61 18.49 -7.85
N THR D 398 -18.97 19.10 -6.86
CA THR D 398 -18.67 18.39 -5.61
C THR D 398 -19.95 17.96 -4.91
N TRP D 399 -20.94 18.87 -4.82
CA TRP D 399 -22.18 18.55 -4.13
C TRP D 399 -22.97 17.50 -4.89
N GLU D 400 -23.14 17.69 -6.20
CA GLU D 400 -23.95 16.78 -7.00
C GLU D 400 -23.38 15.37 -7.05
N THR D 401 -22.12 15.18 -6.66
CA THR D 401 -21.55 13.84 -6.66
C THR D 401 -21.97 13.04 -5.42
N TRP D 402 -21.84 13.64 -4.24
CA TRP D 402 -21.94 12.89 -2.98
C TRP D 402 -23.22 13.13 -2.20
N TRP D 403 -24.02 14.14 -2.54
CA TRP D 403 -25.05 14.60 -1.62
C TRP D 403 -26.14 13.55 -1.39
N THR D 404 -26.38 12.66 -2.35
CA THR D 404 -27.40 11.64 -2.16
C THR D 404 -26.96 10.58 -1.15
N GLU D 405 -25.66 10.35 -1.02
CA GLU D 405 -25.17 9.33 -0.10
C GLU D 405 -25.49 9.61 1.35
N TYR D 406 -25.70 10.88 1.70
CA TYR D 406 -25.88 11.29 3.09
C TYR D 406 -27.27 11.82 3.39
N TRP D 407 -28.18 11.81 2.41
CA TRP D 407 -29.50 12.38 2.59
C TRP D 407 -30.41 11.35 3.26
N GLN D 408 -31.03 11.74 4.38
CA GLN D 408 -31.89 10.86 5.16
C GLN D 408 -33.30 11.38 5.32
N ALA D 409 -33.68 12.43 4.61
CA ALA D 409 -34.99 13.05 4.73
C ALA D 409 -35.82 12.76 3.48
N THR D 410 -37.14 12.86 3.65
CA THR D 410 -38.07 12.55 2.58
C THR D 410 -38.42 13.77 1.72
N TRP D 411 -37.85 14.93 2.01
CA TRP D 411 -38.01 16.11 1.16
C TRP D 411 -36.64 16.58 0.69
N ILE D 412 -36.66 17.46 -0.30
CA ILE D 412 -35.44 17.98 -0.91
C ILE D 412 -35.65 19.48 -1.14
N PRO D 413 -34.92 20.34 -0.46
CA PRO D 413 -35.10 21.79 -0.65
C PRO D 413 -34.43 22.27 -1.93
N GLU D 414 -34.80 23.48 -2.34
CA GLU D 414 -34.13 24.14 -3.45
C GLU D 414 -32.81 24.72 -2.97
N TRP D 415 -31.82 24.71 -3.86
CA TRP D 415 -30.50 25.21 -3.48
C TRP D 415 -29.81 25.83 -4.68
N GLU D 416 -28.84 26.69 -4.38
CA GLU D 416 -27.91 27.23 -5.36
C GLU D 416 -26.53 27.24 -4.70
N PHE D 417 -25.51 27.46 -5.52
CA PHE D 417 -24.13 27.36 -5.06
C PHE D 417 -23.46 28.73 -5.14
N VAL D 418 -22.75 29.08 -4.07
CA VAL D 418 -22.12 30.39 -3.95
C VAL D 418 -20.67 30.20 -3.55
N ASN D 419 -19.84 31.17 -3.92
CA ASN D 419 -18.44 31.22 -3.53
C ASN D 419 -18.21 32.60 -2.92
N THR D 420 -18.27 32.67 -1.58
CA THR D 420 -18.19 33.93 -0.86
C THR D 420 -17.09 33.81 0.18
N PRO D 421 -15.87 34.20 -0.18
CA PRO D 421 -14.77 34.16 0.78
C PRO D 421 -15.09 34.99 2.02
N PRO D 422 -14.68 34.55 3.19
CA PRO D 422 -15.01 35.29 4.42
C PRO D 422 -14.15 36.53 4.57
N LEU D 423 -14.47 37.55 3.76
CA LEU D 423 -13.76 38.82 3.86
C LEU D 423 -13.82 39.38 5.27
N VAL D 424 -14.91 39.06 5.99
CA VAL D 424 -15.09 39.49 7.38
C VAL D 424 -15.82 38.34 8.08
N LYS D 425 -15.14 37.70 9.03
CA LYS D 425 -15.73 36.59 9.78
C LYS D 425 -16.66 37.18 10.84
N LEU D 426 -17.93 37.39 10.48
CA LEU D 426 -18.83 38.07 11.44
C LEU D 426 -19.78 37.08 12.12
N TRP D 427 -19.98 35.91 11.52
CA TRP D 427 -20.93 34.98 12.08
C TRP D 427 -20.30 34.01 13.06
N TYR D 428 -18.98 34.07 13.23
CA TYR D 428 -18.29 33.24 14.21
C TYR D 428 -16.88 33.78 14.40
N GLN D 429 -16.44 33.82 15.66
CA GLN D 429 -15.11 34.31 16.00
C GLN D 429 -14.04 33.36 15.48
N1 OMC E 4 25.25 -38.76 1.40
C2 OMC E 4 26.04 -39.48 2.43
N3 OMC E 4 27.46 -39.85 2.14
C4 OMC E 4 28.06 -39.52 0.86
C5 OMC E 4 27.29 -38.80 -0.16
C6 OMC E 4 25.88 -38.42 0.12
O2 OMC E 4 25.56 -39.75 3.46
N4 OMC E 4 29.43 -39.89 0.60
C1' OMC E 4 23.85 -38.38 1.68
C2' OMC E 4 23.75 -37.02 2.36
O2' OMC E 4 22.58 -37.00 3.17
CM2 OMC E 4 22.53 -38.01 4.18
C3' OMC E 4 23.56 -36.10 1.16
C4' OMC E 4 22.66 -36.93 0.26
O4' OMC E 4 23.15 -38.29 0.45
O3' OMC E 4 23.04 -34.83 1.48
C5' OMC E 4 22.68 -36.57 -1.20
O5' OMC E 4 24.01 -36.51 -1.70
P OMC E 4 24.29 -36.65 -3.26
OP1 OMC E 4 23.41 -35.62 -4.01
OP2 OMC E 4 25.76 -36.65 -3.47
N1 OMC E 6 30.06 -33.61 8.10
C2 OMC E 6 31.38 -34.25 7.98
N3 OMC E 6 31.93 -34.55 6.63
C4 OMC E 6 31.15 -34.22 5.42
C5 OMC E 6 29.84 -33.60 5.55
C6 OMC E 6 29.29 -33.29 6.90
O2 OMC E 6 32.02 -34.52 8.93
N4 OMC E 6 31.69 -34.52 4.14
C1' OMC E 6 29.50 -33.31 9.45
C2' OMC E 6 30.09 -32.02 10.03
O2' OMC E 6 30.11 -32.15 11.45
CM2 OMC E 6 31.05 -33.08 11.95
C3' OMC E 6 29.05 -31.01 9.60
C4' OMC E 6 27.76 -31.77 9.74
O4' OMC E 6 28.11 -33.12 9.34
O3' OMC E 6 29.07 -29.81 10.35
C5' OMC E 6 26.60 -31.28 8.92
O5' OMC E 6 26.95 -31.19 7.54
P OMC E 6 25.82 -31.02 6.43
OP1 OMC E 6 24.93 -29.80 6.81
OP2 OMC E 6 26.49 -31.06 5.10
N1 OMC F 4 -29.82 9.13 -32.03
C2 OMC F 4 -28.70 8.16 -32.12
N3 OMC F 4 -27.53 8.47 -33.00
C4 OMC F 4 -27.49 9.71 -33.77
C5 OMC F 4 -28.59 10.66 -33.68
C6 OMC F 4 -29.76 10.37 -32.81
O2 OMC F 4 -28.73 7.16 -31.49
N4 OMC F 4 -26.36 9.98 -34.61
C1' OMC F 4 -30.98 8.83 -31.16
C2' OMC F 4 -30.73 9.29 -29.72
O2' OMC F 4 -31.45 8.43 -28.84
CM2 OMC F 4 -31.05 7.06 -28.89
C3' OMC F 4 -31.37 10.67 -29.74
C4' OMC F 4 -32.58 10.44 -30.61
O4' OMC F 4 -32.11 9.54 -31.64
O3' OMC F 4 -31.68 11.19 -28.47
C5' OMC F 4 -33.19 11.68 -31.24
O5' OMC F 4 -32.23 12.46 -31.92
P OMC F 4 -32.66 13.50 -33.05
OP1 OMC F 4 -33.74 14.43 -32.46
OP2 OMC F 4 -31.43 14.08 -33.63
N1 OMC F 6 -22.44 9.79 -25.82
C2 OMC F 6 -21.35 9.69 -26.82
N3 OMC F 6 -21.44 10.48 -28.07
C4 OMC F 6 -22.58 11.37 -28.32
C5 OMC F 6 -23.65 11.47 -27.32
C6 OMC F 6 -23.58 10.67 -26.06
O2 OMC F 6 -20.43 8.98 -26.63
N4 OMC F 6 -22.65 12.14 -29.52
C1' OMC F 6 -22.36 8.99 -24.57
C2' OMC F 6 -21.52 9.69 -23.50
O2' OMC F 6 -20.85 8.69 -22.73
CM2 OMC F 6 -19.97 7.86 -23.48
C3' OMC F 6 -22.58 10.39 -22.67
C4' OMC F 6 -23.73 9.38 -22.71
O4' OMC F 6 -23.67 8.84 -24.05
O3' OMC F 6 -22.18 10.71 -21.35
C5' OMC F 6 -25.10 9.93 -22.44
O5' OMC F 6 -25.43 10.99 -23.33
P OMC F 6 -26.94 11.46 -23.52
OP1 OMC F 6 -27.54 11.75 -22.11
OP2 OMC F 6 -26.96 12.52 -24.56
PA TTP G . 26.34 -50.92 5.40
O1A TTP G . 25.86 -50.83 6.87
O2A TTP G . 27.84 -50.80 5.36
O3A TTP G . 25.89 -52.37 4.74
PB TTP G . 24.36 -52.90 4.66
O1B TTP G . 23.94 -53.02 3.23
O2B TTP G . 23.44 -51.93 5.35
O3B TTP G . 24.23 -54.38 5.39
PG TTP G . 25.49 -55.25 5.95
O1G TTP G . 26.20 -54.48 7.05
O2G TTP G . 24.98 -56.57 6.51
O3G TTP G . 26.45 -55.53 4.82
O5' TTP G . 25.65 -49.65 4.50
C5' TTP G . 24.44 -48.97 5.02
C4' TTP G . 23.65 -48.31 3.81
O4' TTP G . 24.31 -46.93 3.45
C3' TTP G . 23.76 -49.06 2.77
O3' TTP G . 22.50 -49.77 2.55
C2' TTP G . 24.10 -48.11 1.49
C1' TTP G . 24.63 -47.00 1.96
N1 TTP G . 26.10 -46.99 1.74
C2 TTP G . 26.65 -46.44 0.46
O2 TTP G . 25.89 -46.01 -0.37
N3 TTP G . 28.15 -46.43 0.23
C4 TTP G . 29.05 -46.96 1.25
O4 TTP G . 30.25 -46.95 1.07
C5 TTP G . 28.48 -47.51 2.54
C5M TTP G . 29.41 -48.06 3.60
C6 TTP G . 27.00 -47.51 2.75
CA CA H . 24.56 -52.54 7.18
C1 GOL I . 34.70 -10.69 15.98
O1 GOL I . 35.98 -10.28 15.60
C2 GOL I . 34.15 -9.61 16.97
O2 GOL I . 35.16 -9.04 17.73
C3 GOL I . 33.41 -8.58 16.08
O3 GOL I . 32.19 -8.31 16.70
C1 GOL J . 36.54 -34.07 12.29
O1 GOL J . 36.44 -34.78 11.09
C2 GOL J . 35.11 -33.89 12.84
O2 GOL J . 34.39 -35.08 12.82
C3 GOL J . 35.31 -33.34 14.28
O3 GOL J . 34.09 -33.49 14.93
S SO4 K . 52.60 -15.14 16.73
O1 SO4 K . 51.30 -15.42 16.13
O2 SO4 K . 53.50 -14.59 15.71
O3 SO4 K . 52.45 -14.19 17.82
O4 SO4 K . 53.18 -16.39 17.25
C1 GOL L . 23.16 -30.63 14.90
O1 GOL L . 24.04 -30.72 13.82
C2 GOL L . 21.95 -29.78 14.44
O2 GOL L . 21.20 -29.33 15.52
C3 GOL L . 22.56 -28.62 13.62
O3 GOL L . 21.54 -27.71 13.39
C1 GOL M . 20.90 -17.09 12.59
O1 GOL M . 20.70 -17.08 11.21
C2 GOL M . 21.44 -18.50 12.96
O2 GOL M . 22.78 -18.65 12.70
C3 GOL M . 21.10 -18.67 14.47
O3 GOL M . 21.47 -17.50 15.11
C1 GOL N . 11.92 10.62 0.33
O1 GOL N . 12.12 11.93 0.75
C2 GOL N . 11.48 10.68 -1.15
O2 GOL N . 12.48 11.24 -1.95
C3 GOL N . 11.18 9.21 -1.54
O3 GOL N . 10.69 8.57 -0.41
CA CA O . -28.62 -4.23 -37.82
PA TTP P . -27.46 -1.42 -38.52
O1A TTP P . -27.23 -2.30 -37.27
O2A TTP P . -26.17 -0.80 -38.95
O3A TTP P . -28.07 -2.36 -39.75
PB TTP P . -29.64 -2.54 -40.10
O1B TTP P . -30.20 -1.25 -40.64
O2B TTP P . -30.39 -2.92 -38.84
O3B TTP P . -29.82 -3.72 -41.22
PG TTP P . -28.71 -4.90 -41.46
O1G TTP P . -29.33 -6.03 -42.27
O2G TTP P . -28.24 -5.44 -40.11
O3G TTP P . -27.53 -4.34 -42.21
O5' TTP P . -28.59 -0.19 -38.15
C5' TTP P . -29.46 -0.35 -36.96
C4' TTP P . -30.62 0.72 -37.02
O4' TTP P . -30.12 2.09 -36.42
C3' TTP P . -30.93 0.95 -38.24
O3' TTP P . -32.12 0.18 -38.61
C2' TTP P . -31.26 2.56 -38.34
C1' TTP P . -30.50 3.16 -37.45
N1 TTP P . -29.30 3.74 -38.08
C2 TTP P . -29.39 5.06 -38.80
O2 TTP P . -30.44 5.63 -38.86
N3 TTP P . -28.15 5.65 -39.46
C4 TTP P . -26.88 4.94 -39.39
O4 TTP P . -25.89 5.41 -39.92
C5 TTP P . -26.80 3.62 -38.67
C5M TTP P . -25.48 2.88 -38.60
C6 TTP P . -28.02 3.04 -38.03
S SO4 Q . 2.49 22.83 -14.25
O1 SO4 Q . 1.30 22.25 -14.86
O2 SO4 Q . 3.23 23.59 -15.25
O3 SO4 Q . 2.09 23.73 -13.16
O4 SO4 Q . 3.34 21.77 -13.71
#